data_4A8Z
# 
_entry.id   4A8Z 
# 
_audit_conform.dict_name       mmcif_pdbx.dic 
_audit_conform.dict_version    5.398 
_audit_conform.dict_location   http://mmcif.pdb.org/dictionaries/ascii/mmcif_pdbx.dic 
# 
loop_
_database_2.database_id 
_database_2.database_code 
_database_2.pdbx_database_accession 
_database_2.pdbx_DOI 
PDB   4A8Z         pdb_00004a8z 10.2210/pdb4a8z/pdb 
PDBE  EBI-50418    ?            ?                   
WWPDB D_1290050418 ?            ?                   
# 
loop_
_pdbx_audit_revision_history.ordinal 
_pdbx_audit_revision_history.data_content_type 
_pdbx_audit_revision_history.major_revision 
_pdbx_audit_revision_history.minor_revision 
_pdbx_audit_revision_history.revision_date 
1 'Structure model' 1 0 2012-12-05 
2 'Structure model' 1 1 2019-07-17 
3 'Structure model' 1 2 2020-04-08 
4 'Structure model' 1 3 2023-12-20 
5 'Structure model' 1 4 2024-11-06 
# 
_pdbx_audit_revision_details.ordinal             1 
_pdbx_audit_revision_details.revision_ordinal    1 
_pdbx_audit_revision_details.data_content_type   'Structure model' 
_pdbx_audit_revision_details.provider            repository 
_pdbx_audit_revision_details.type                'Initial release' 
_pdbx_audit_revision_details.description         ? 
_pdbx_audit_revision_details.details             ? 
# 
loop_
_pdbx_audit_revision_group.ordinal 
_pdbx_audit_revision_group.revision_ordinal 
_pdbx_audit_revision_group.data_content_type 
_pdbx_audit_revision_group.group 
1 2 'Structure model' 'Data collection'        
2 3 'Structure model' Other                    
3 4 'Structure model' 'Data collection'        
4 4 'Structure model' 'Database references'    
5 4 'Structure model' 'Derived calculations'   
6 4 'Structure model' 'Refinement description' 
7 5 'Structure model' 'Structure summary'      
# 
loop_
_pdbx_audit_revision_category.ordinal 
_pdbx_audit_revision_category.revision_ordinal 
_pdbx_audit_revision_category.data_content_type 
_pdbx_audit_revision_category.category 
1 2 'Structure model' diffrn_source                 
2 3 'Structure model' pdbx_database_status          
3 4 'Structure model' chem_comp_atom                
4 4 'Structure model' chem_comp_bond                
5 4 'Structure model' database_2                    
6 4 'Structure model' pdbx_initial_refinement_model 
7 4 'Structure model' struct_site                   
8 5 'Structure model' pdbx_entry_details            
9 5 'Structure model' pdbx_modification_feature     
# 
loop_
_pdbx_audit_revision_item.ordinal 
_pdbx_audit_revision_item.revision_ordinal 
_pdbx_audit_revision_item.data_content_type 
_pdbx_audit_revision_item.item 
1 2 'Structure model' '_diffrn_source.pdbx_synchrotron_site'         
2 3 'Structure model' '_pdbx_database_status.status_code_sf'         
3 4 'Structure model' '_database_2.pdbx_DOI'                         
4 4 'Structure model' '_database_2.pdbx_database_accession'          
5 4 'Structure model' '_struct_site.pdbx_auth_asym_id'               
6 4 'Structure model' '_struct_site.pdbx_auth_comp_id'               
7 4 'Structure model' '_struct_site.pdbx_auth_seq_id'                
8 5 'Structure model' '_pdbx_entry_details.has_protein_modification' 
# 
_pdbx_database_status.status_code                     REL 
_pdbx_database_status.entry_id                        4A8Z 
_pdbx_database_status.deposit_site                    PDBE 
_pdbx_database_status.process_site                    PDBE 
_pdbx_database_status.SG_entry                        . 
_pdbx_database_status.recvd_initial_deposition_date   2011-11-22 
_pdbx_database_status.pdb_format_compatible           Y 
_pdbx_database_status.status_code_sf                  REL 
_pdbx_database_status.status_code_mr                  ? 
_pdbx_database_status.status_code_cs                  ? 
_pdbx_database_status.methods_development_category    ? 
_pdbx_database_status.status_code_nmr_data            ? 
# 
loop_
_pdbx_database_related.db_name 
_pdbx_database_related.db_id 
_pdbx_database_related.content_type 
_pdbx_database_related.details 
PDB 2WUT unspecified 'CRYSTAL STRUCTURE OF HUMAN MYELIN PROTEIN P2 IN COMPLEX WITH PALMITATE' 
PDB 4A1H unspecified 'HUMAN MYELIN P2 PROTEIN, K45S MUTANT'                                   
PDB 4A1Y unspecified 'HUMAN MYELIN P2 PROTEIN, K65Q MUTANT'                                   
# 
loop_
_audit_author.name 
_audit_author.pdbx_ordinal 
'Lehtimaki, M.' 1 
'Ruskamo, S.'   2 
'Kursula, P.'   3 
# 
_citation.id                        primary 
_citation.title                     'Structure-Function Relationships in the Myelin Peripheral Membrane Protein P2' 
_citation.journal_abbrev            'To be Published' 
_citation.journal_volume            ? 
_citation.page_first                ? 
_citation.page_last                 ? 
_citation.year                      ? 
_citation.journal_id_ASTM           ? 
_citation.country                   ? 
_citation.journal_id_ISSN           ? 
_citation.journal_id_CSD            0353 
_citation.book_publisher            ? 
_citation.pdbx_database_id_PubMed   ? 
_citation.pdbx_database_id_DOI      ? 
# 
loop_
_citation_author.citation_id 
_citation_author.name 
_citation_author.ordinal 
_citation_author.identifier_ORCID 
primary 'Lehtimaki, M.' 1 ? 
primary 'Ruskamo, S.'   2 ? 
primary 'Kursula, P.'   3 ? 
# 
loop_
_entity.id 
_entity.type 
_entity.src_method 
_entity.pdbx_description 
_entity.formula_weight 
_entity.pdbx_number_of_molecules 
_entity.pdbx_ec 
_entity.pdbx_mutation 
_entity.pdbx_fragment 
_entity.details 
1 polymer     man 'MYELIN P2 PROTEIN' 14990.419 1   ? YES ? ? 
2 non-polymer syn 'PALMITIC ACID'     256.424   1   ? ?   ? ? 
3 non-polymer syn GLYCEROL            92.094    3   ? ?   ? ? 
4 non-polymer syn 'SULFATE ION'       96.063    4   ? ?   ? ? 
5 water       nat water               18.015    192 ? ?   ? ? 
# 
_entity_name_com.entity_id   1 
_entity_name_com.name        'PERIPHERAL MYELIN PROTEIN 2' 
# 
_entity_poly.entity_id                      1 
_entity_poly.type                           'polypeptide(L)' 
_entity_poly.nstd_linkage                   no 
_entity_poly.nstd_monomer                   no 
_entity_poly.pdbx_seq_one_letter_code       
;GMSNKFLGTWKLVSSENFDDYMKALGVGLATRKLGNLAKPTVIISKKGDIITIRTESTFKNTEISFKLGQEFEETTADNR
KTKSIVTLQRGSLNQVQRWDGKETTIKRKLVNGQMVAECKMKGVVCTRIYEKV
;
_entity_poly.pdbx_seq_one_letter_code_can   
;GMSNKFLGTWKLVSSENFDDYMKALGVGLATRKLGNLAKPTVIISKKGDIITIRTESTFKNTEISFKLGQEFEETTADNR
KTKSIVTLQRGSLNQVQRWDGKETTIKRKLVNGQMVAECKMKGVVCTRIYEKV
;
_entity_poly.pdbx_strand_id                 A 
_entity_poly.pdbx_target_identifier         ? 
# 
loop_
_pdbx_entity_nonpoly.entity_id 
_pdbx_entity_nonpoly.name 
_pdbx_entity_nonpoly.comp_id 
2 'PALMITIC ACID' PLM 
3 GLYCEROL        GOL 
4 'SULFATE ION'   SO4 
5 water           HOH 
# 
loop_
_entity_poly_seq.entity_id 
_entity_poly_seq.num 
_entity_poly_seq.mon_id 
_entity_poly_seq.hetero 
1 1   GLY n 
1 2   MET n 
1 3   SER n 
1 4   ASN n 
1 5   LYS n 
1 6   PHE n 
1 7   LEU n 
1 8   GLY n 
1 9   THR n 
1 10  TRP n 
1 11  LYS n 
1 12  LEU n 
1 13  VAL n 
1 14  SER n 
1 15  SER n 
1 16  GLU n 
1 17  ASN n 
1 18  PHE n 
1 19  ASP n 
1 20  ASP n 
1 21  TYR n 
1 22  MET n 
1 23  LYS n 
1 24  ALA n 
1 25  LEU n 
1 26  GLY n 
1 27  VAL n 
1 28  GLY n 
1 29  LEU n 
1 30  ALA n 
1 31  THR n 
1 32  ARG n 
1 33  LYS n 
1 34  LEU n 
1 35  GLY n 
1 36  ASN n 
1 37  LEU n 
1 38  ALA n 
1 39  LYS n 
1 40  PRO n 
1 41  THR n 
1 42  VAL n 
1 43  ILE n 
1 44  ILE n 
1 45  SER n 
1 46  LYS n 
1 47  LYS n 
1 48  GLY n 
1 49  ASP n 
1 50  ILE n 
1 51  ILE n 
1 52  THR n 
1 53  ILE n 
1 54  ARG n 
1 55  THR n 
1 56  GLU n 
1 57  SER n 
1 58  THR n 
1 59  PHE n 
1 60  LYS n 
1 61  ASN n 
1 62  THR n 
1 63  GLU n 
1 64  ILE n 
1 65  SER n 
1 66  PHE n 
1 67  LYS n 
1 68  LEU n 
1 69  GLY n 
1 70  GLN n 
1 71  GLU n 
1 72  PHE n 
1 73  GLU n 
1 74  GLU n 
1 75  THR n 
1 76  THR n 
1 77  ALA n 
1 78  ASP n 
1 79  ASN n 
1 80  ARG n 
1 81  LYS n 
1 82  THR n 
1 83  LYS n 
1 84  SER n 
1 85  ILE n 
1 86  VAL n 
1 87  THR n 
1 88  LEU n 
1 89  GLN n 
1 90  ARG n 
1 91  GLY n 
1 92  SER n 
1 93  LEU n 
1 94  ASN n 
1 95  GLN n 
1 96  VAL n 
1 97  GLN n 
1 98  ARG n 
1 99  TRP n 
1 100 ASP n 
1 101 GLY n 
1 102 LYS n 
1 103 GLU n 
1 104 THR n 
1 105 THR n 
1 106 ILE n 
1 107 LYS n 
1 108 ARG n 
1 109 LYS n 
1 110 LEU n 
1 111 VAL n 
1 112 ASN n 
1 113 GLY n 
1 114 GLN n 
1 115 MET n 
1 116 VAL n 
1 117 ALA n 
1 118 GLU n 
1 119 CYS n 
1 120 LYS n 
1 121 MET n 
1 122 LYS n 
1 123 GLY n 
1 124 VAL n 
1 125 VAL n 
1 126 CYS n 
1 127 THR n 
1 128 ARG n 
1 129 ILE n 
1 130 TYR n 
1 131 GLU n 
1 132 LYS n 
1 133 VAL n 
# 
_entity_src_gen.entity_id                          1 
_entity_src_gen.pdbx_src_id                        1 
_entity_src_gen.pdbx_alt_source_flag               sample 
_entity_src_gen.pdbx_seq_type                      ? 
_entity_src_gen.pdbx_beg_seq_num                   ? 
_entity_src_gen.pdbx_end_seq_num                   ? 
_entity_src_gen.gene_src_common_name               HUMAN 
_entity_src_gen.gene_src_genus                     ? 
_entity_src_gen.pdbx_gene_src_gene                 ? 
_entity_src_gen.gene_src_species                   ? 
_entity_src_gen.gene_src_strain                    ? 
_entity_src_gen.gene_src_tissue                    ? 
_entity_src_gen.gene_src_tissue_fraction           ? 
_entity_src_gen.gene_src_details                   ? 
_entity_src_gen.pdbx_gene_src_fragment             ? 
_entity_src_gen.pdbx_gene_src_scientific_name      'HOMO SAPIENS' 
_entity_src_gen.pdbx_gene_src_ncbi_taxonomy_id     9606 
_entity_src_gen.pdbx_gene_src_variant              ? 
_entity_src_gen.pdbx_gene_src_cell_line            ? 
_entity_src_gen.pdbx_gene_src_atcc                 ? 
_entity_src_gen.pdbx_gene_src_organ                ? 
_entity_src_gen.pdbx_gene_src_organelle            ? 
_entity_src_gen.pdbx_gene_src_cell                 ? 
_entity_src_gen.pdbx_gene_src_cellular_location    ? 
_entity_src_gen.host_org_common_name               ? 
_entity_src_gen.pdbx_host_org_scientific_name      'ESCHERICHIA COLI' 
_entity_src_gen.pdbx_host_org_ncbi_taxonomy_id     469008 
_entity_src_gen.host_org_genus                     ? 
_entity_src_gen.pdbx_host_org_gene                 ? 
_entity_src_gen.pdbx_host_org_organ                ? 
_entity_src_gen.host_org_species                   ? 
_entity_src_gen.pdbx_host_org_tissue               ? 
_entity_src_gen.pdbx_host_org_tissue_fraction      ? 
_entity_src_gen.pdbx_host_org_strain               'BL21(DE3)' 
_entity_src_gen.pdbx_host_org_variant              ROSETTA 
_entity_src_gen.pdbx_host_org_cell_line            ? 
_entity_src_gen.pdbx_host_org_atcc                 ? 
_entity_src_gen.pdbx_host_org_culture_collection   ? 
_entity_src_gen.pdbx_host_org_cell                 ? 
_entity_src_gen.pdbx_host_org_organelle            ? 
_entity_src_gen.pdbx_host_org_cellular_location    ? 
_entity_src_gen.pdbx_host_org_vector_type          PLASMID 
_entity_src_gen.pdbx_host_org_vector               PTH27 
_entity_src_gen.host_org_details                   ? 
_entity_src_gen.expression_system_id               ? 
_entity_src_gen.plasmid_name                       ? 
_entity_src_gen.plasmid_details                    ? 
_entity_src_gen.pdbx_description                   ? 
# 
loop_
_chem_comp.id 
_chem_comp.type 
_chem_comp.mon_nstd_flag 
_chem_comp.name 
_chem_comp.pdbx_synonyms 
_chem_comp.formula 
_chem_comp.formula_weight 
ALA 'L-peptide linking' y ALANINE         ?                               'C3 H7 N O2'     89.093  
ARG 'L-peptide linking' y ARGININE        ?                               'C6 H15 N4 O2 1' 175.209 
ASN 'L-peptide linking' y ASPARAGINE      ?                               'C4 H8 N2 O3'    132.118 
ASP 'L-peptide linking' y 'ASPARTIC ACID' ?                               'C4 H7 N O4'     133.103 
CYS 'L-peptide linking' y CYSTEINE        ?                               'C3 H7 N O2 S'   121.158 
GLN 'L-peptide linking' y GLUTAMINE       ?                               'C5 H10 N2 O3'   146.144 
GLU 'L-peptide linking' y 'GLUTAMIC ACID' ?                               'C5 H9 N O4'     147.129 
GLY 'peptide linking'   y GLYCINE         ?                               'C2 H5 N O2'     75.067  
GOL non-polymer         . GLYCEROL        'GLYCERIN; PROPANE-1,2,3-TRIOL' 'C3 H8 O3'       92.094  
HOH non-polymer         . WATER           ?                               'H2 O'           18.015  
ILE 'L-peptide linking' y ISOLEUCINE      ?                               'C6 H13 N O2'    131.173 
LEU 'L-peptide linking' y LEUCINE         ?                               'C6 H13 N O2'    131.173 
LYS 'L-peptide linking' y LYSINE          ?                               'C6 H15 N2 O2 1' 147.195 
MET 'L-peptide linking' y METHIONINE      ?                               'C5 H11 N O2 S'  149.211 
PHE 'L-peptide linking' y PHENYLALANINE   ?                               'C9 H11 N O2'    165.189 
PLM non-polymer         . 'PALMITIC ACID' ?                               'C16 H32 O2'     256.424 
PRO 'L-peptide linking' y PROLINE         ?                               'C5 H9 N O2'     115.130 
SER 'L-peptide linking' y SERINE          ?                               'C3 H7 N O3'     105.093 
SO4 non-polymer         . 'SULFATE ION'   ?                               'O4 S -2'        96.063  
THR 'L-peptide linking' y THREONINE       ?                               'C4 H9 N O3'     119.119 
TRP 'L-peptide linking' y TRYPTOPHAN      ?                               'C11 H12 N2 O2'  204.225 
TYR 'L-peptide linking' y TYROSINE        ?                               'C9 H11 N O3'    181.189 
VAL 'L-peptide linking' y VALINE          ?                               'C5 H11 N O2'    117.146 
# 
loop_
_pdbx_poly_seq_scheme.asym_id 
_pdbx_poly_seq_scheme.entity_id 
_pdbx_poly_seq_scheme.seq_id 
_pdbx_poly_seq_scheme.mon_id 
_pdbx_poly_seq_scheme.ndb_seq_num 
_pdbx_poly_seq_scheme.pdb_seq_num 
_pdbx_poly_seq_scheme.auth_seq_num 
_pdbx_poly_seq_scheme.pdb_mon_id 
_pdbx_poly_seq_scheme.auth_mon_id 
_pdbx_poly_seq_scheme.pdb_strand_id 
_pdbx_poly_seq_scheme.pdb_ins_code 
_pdbx_poly_seq_scheme.hetero 
A 1 1   GLY 1   -1  -1  GLY GLY A . n 
A 1 2   MET 2   0   0   MET MET A . n 
A 1 3   SER 3   1   1   SER SER A . n 
A 1 4   ASN 4   2   2   ASN ASN A . n 
A 1 5   LYS 5   3   3   LYS LYS A . n 
A 1 6   PHE 6   4   4   PHE PHE A . n 
A 1 7   LEU 7   5   5   LEU LEU A . n 
A 1 8   GLY 8   6   6   GLY GLY A . n 
A 1 9   THR 9   7   7   THR THR A . n 
A 1 10  TRP 10  8   8   TRP TRP A . n 
A 1 11  LYS 11  9   9   LYS LYS A . n 
A 1 12  LEU 12  10  10  LEU LEU A . n 
A 1 13  VAL 13  11  11  VAL VAL A . n 
A 1 14  SER 14  12  12  SER SER A . n 
A 1 15  SER 15  13  13  SER SER A . n 
A 1 16  GLU 16  14  14  GLU GLU A . n 
A 1 17  ASN 17  15  15  ASN ASN A . n 
A 1 18  PHE 18  16  16  PHE PHE A . n 
A 1 19  ASP 19  17  17  ASP ASP A . n 
A 1 20  ASP 20  18  18  ASP ASP A . n 
A 1 21  TYR 21  19  19  TYR TYR A . n 
A 1 22  MET 22  20  20  MET MET A . n 
A 1 23  LYS 23  21  21  LYS LYS A . n 
A 1 24  ALA 24  22  22  ALA ALA A . n 
A 1 25  LEU 25  23  23  LEU LEU A . n 
A 1 26  GLY 26  24  24  GLY GLY A . n 
A 1 27  VAL 27  25  25  VAL VAL A . n 
A 1 28  GLY 28  26  26  GLY GLY A . n 
A 1 29  LEU 29  27  27  LEU LEU A . n 
A 1 30  ALA 30  28  28  ALA ALA A . n 
A 1 31  THR 31  29  29  THR THR A . n 
A 1 32  ARG 32  30  30  ARG ARG A . n 
A 1 33  LYS 33  31  31  LYS LYS A . n 
A 1 34  LEU 34  32  32  LEU LEU A . n 
A 1 35  GLY 35  33  33  GLY GLY A . n 
A 1 36  ASN 36  34  34  ASN ASN A . n 
A 1 37  LEU 37  35  35  LEU LEU A . n 
A 1 38  ALA 38  36  36  ALA ALA A . n 
A 1 39  LYS 39  37  37  LYS LYS A . n 
A 1 40  PRO 40  38  38  PRO PRO A . n 
A 1 41  THR 41  39  39  THR THR A . n 
A 1 42  VAL 42  40  40  VAL VAL A . n 
A 1 43  ILE 43  41  41  ILE ILE A . n 
A 1 44  ILE 44  42  42  ILE ILE A . n 
A 1 45  SER 45  43  43  SER SER A . n 
A 1 46  LYS 46  44  44  LYS LYS A . n 
A 1 47  LYS 47  45  45  LYS LYS A . n 
A 1 48  GLY 48  46  46  GLY GLY A . n 
A 1 49  ASP 49  47  47  ASP ASP A . n 
A 1 50  ILE 50  48  48  ILE ILE A . n 
A 1 51  ILE 51  49  49  ILE ILE A . n 
A 1 52  THR 52  50  50  THR THR A . n 
A 1 53  ILE 53  51  51  ILE ILE A . n 
A 1 54  ARG 54  52  52  ARG ARG A . n 
A 1 55  THR 55  53  53  THR THR A . n 
A 1 56  GLU 56  54  54  GLU GLU A . n 
A 1 57  SER 57  55  55  SER SER A . n 
A 1 58  THR 58  56  56  THR THR A . n 
A 1 59  PHE 59  57  57  PHE PHE A . n 
A 1 60  LYS 60  58  58  LYS LYS A . n 
A 1 61  ASN 61  59  59  ASN ASN A . n 
A 1 62  THR 62  60  60  THR THR A . n 
A 1 63  GLU 63  61  61  GLU GLU A . n 
A 1 64  ILE 64  62  62  ILE ILE A . n 
A 1 65  SER 65  63  63  SER SER A . n 
A 1 66  PHE 66  64  64  PHE PHE A . n 
A 1 67  LYS 67  65  65  LYS LYS A . n 
A 1 68  LEU 68  66  66  LEU LEU A . n 
A 1 69  GLY 69  67  67  GLY GLY A . n 
A 1 70  GLN 70  68  68  GLN GLN A . n 
A 1 71  GLU 71  69  69  GLU GLU A . n 
A 1 72  PHE 72  70  70  PHE PHE A . n 
A 1 73  GLU 73  71  71  GLU GLU A . n 
A 1 74  GLU 74  72  72  GLU GLU A . n 
A 1 75  THR 75  73  73  THR THR A . n 
A 1 76  THR 76  74  74  THR THR A . n 
A 1 77  ALA 77  75  75  ALA ALA A . n 
A 1 78  ASP 78  76  76  ASP ASP A . n 
A 1 79  ASN 79  77  77  ASN ASN A . n 
A 1 80  ARG 80  78  78  ARG ARG A . n 
A 1 81  LYS 81  79  79  LYS LYS A . n 
A 1 82  THR 82  80  80  THR THR A . n 
A 1 83  LYS 83  81  81  LYS LYS A . n 
A 1 84  SER 84  82  82  SER SER A . n 
A 1 85  ILE 85  83  83  ILE ILE A . n 
A 1 86  VAL 86  84  84  VAL VAL A . n 
A 1 87  THR 87  85  85  THR THR A . n 
A 1 88  LEU 88  86  86  LEU LEU A . n 
A 1 89  GLN 89  87  87  GLN GLN A . n 
A 1 90  ARG 90  88  88  ARG ARG A . n 
A 1 91  GLY 91  89  89  GLY GLY A . n 
A 1 92  SER 92  90  90  SER SER A . n 
A 1 93  LEU 93  91  91  LEU LEU A . n 
A 1 94  ASN 94  92  92  ASN ASN A . n 
A 1 95  GLN 95  93  93  GLN GLN A . n 
A 1 96  VAL 96  94  94  VAL VAL A . n 
A 1 97  GLN 97  95  95  GLN GLN A . n 
A 1 98  ARG 98  96  96  ARG ARG A . n 
A 1 99  TRP 99  97  97  TRP TRP A . n 
A 1 100 ASP 100 98  98  ASP ASP A . n 
A 1 101 GLY 101 99  99  GLY GLY A . n 
A 1 102 LYS 102 100 100 LYS LYS A . n 
A 1 103 GLU 103 101 101 GLU GLU A . n 
A 1 104 THR 104 102 102 THR THR A . n 
A 1 105 THR 105 103 103 THR THR A . n 
A 1 106 ILE 106 104 104 ILE ILE A . n 
A 1 107 LYS 107 105 105 LYS LYS A . n 
A 1 108 ARG 108 106 106 ARG ARG A . n 
A 1 109 LYS 109 107 107 LYS LYS A . n 
A 1 110 LEU 110 108 108 LEU LEU A . n 
A 1 111 VAL 111 109 109 VAL VAL A . n 
A 1 112 ASN 112 110 110 ASN ASN A . n 
A 1 113 GLY 113 111 111 GLY GLY A . n 
A 1 114 GLN 114 112 112 GLN GLN A . n 
A 1 115 MET 115 113 113 MET MET A . n 
A 1 116 VAL 116 114 114 VAL VAL A . n 
A 1 117 ALA 117 115 115 ALA ALA A . n 
A 1 118 GLU 118 116 116 GLU GLU A . n 
A 1 119 CYS 119 117 117 CYS CYS A . n 
A 1 120 LYS 120 118 118 LYS LYS A . n 
A 1 121 MET 121 119 119 MET MET A . n 
A 1 122 LYS 122 120 120 LYS LYS A . n 
A 1 123 GLY 123 121 121 GLY GLY A . n 
A 1 124 VAL 124 122 122 VAL VAL A . n 
A 1 125 VAL 125 123 123 VAL VAL A . n 
A 1 126 CYS 126 124 124 CYS CYS A . n 
A 1 127 THR 127 125 125 THR THR A . n 
A 1 128 ARG 128 126 126 ARG ARG A . n 
A 1 129 ILE 129 127 127 ILE ILE A . n 
A 1 130 TYR 130 128 128 TYR TYR A . n 
A 1 131 GLU 131 129 129 GLU GLU A . n 
A 1 132 LYS 132 130 130 LYS LYS A . n 
A 1 133 VAL 133 131 131 VAL VAL A . n 
# 
loop_
_pdbx_nonpoly_scheme.asym_id 
_pdbx_nonpoly_scheme.entity_id 
_pdbx_nonpoly_scheme.mon_id 
_pdbx_nonpoly_scheme.ndb_seq_num 
_pdbx_nonpoly_scheme.pdb_seq_num 
_pdbx_nonpoly_scheme.auth_seq_num 
_pdbx_nonpoly_scheme.pdb_mon_id 
_pdbx_nonpoly_scheme.auth_mon_id 
_pdbx_nonpoly_scheme.pdb_strand_id 
_pdbx_nonpoly_scheme.pdb_ins_code 
B 2 PLM 1   1132 1132 PLM PLM A . 
C 3 GOL 1   1133 1133 GOL GOL A . 
D 3 GOL 1   1134 1134 GOL GOL A . 
E 3 GOL 1   1135 1135 GOL GOL A . 
F 4 SO4 1   1136 1136 SO4 SO4 A . 
G 4 SO4 1   1137 1137 SO4 SO4 A . 
H 4 SO4 1   1138 1138 SO4 SO4 A . 
I 4 SO4 1   1139 1139 SO4 SO4 A . 
J 5 HOH 1   2001 2001 HOH HOH A . 
J 5 HOH 2   2002 2002 HOH HOH A . 
J 5 HOH 3   2003 2003 HOH HOH A . 
J 5 HOH 4   2004 2004 HOH HOH A . 
J 5 HOH 5   2005 2005 HOH HOH A . 
J 5 HOH 6   2006 2006 HOH HOH A . 
J 5 HOH 7   2007 2007 HOH HOH A . 
J 5 HOH 8   2008 2008 HOH HOH A . 
J 5 HOH 9   2009 2009 HOH HOH A . 
J 5 HOH 10  2010 2010 HOH HOH A . 
J 5 HOH 11  2011 2011 HOH HOH A . 
J 5 HOH 12  2012 2012 HOH HOH A . 
J 5 HOH 13  2013 2013 HOH HOH A . 
J 5 HOH 14  2014 2014 HOH HOH A . 
J 5 HOH 15  2015 2015 HOH HOH A . 
J 5 HOH 16  2016 2016 HOH HOH A . 
J 5 HOH 17  2017 2017 HOH HOH A . 
J 5 HOH 18  2018 2018 HOH HOH A . 
J 5 HOH 19  2019 2019 HOH HOH A . 
J 5 HOH 20  2020 2020 HOH HOH A . 
J 5 HOH 21  2021 2021 HOH HOH A . 
J 5 HOH 22  2022 2022 HOH HOH A . 
J 5 HOH 23  2023 2023 HOH HOH A . 
J 5 HOH 24  2024 2024 HOH HOH A . 
J 5 HOH 25  2025 2025 HOH HOH A . 
J 5 HOH 26  2026 2026 HOH HOH A . 
J 5 HOH 27  2027 2027 HOH HOH A . 
J 5 HOH 28  2028 2028 HOH HOH A . 
J 5 HOH 29  2029 2029 HOH HOH A . 
J 5 HOH 30  2030 2030 HOH HOH A . 
J 5 HOH 31  2031 2031 HOH HOH A . 
J 5 HOH 32  2032 2032 HOH HOH A . 
J 5 HOH 33  2033 2033 HOH HOH A . 
J 5 HOH 34  2034 2034 HOH HOH A . 
J 5 HOH 35  2035 2035 HOH HOH A . 
J 5 HOH 36  2036 2036 HOH HOH A . 
J 5 HOH 37  2037 2037 HOH HOH A . 
J 5 HOH 38  2038 2038 HOH HOH A . 
J 5 HOH 39  2039 2039 HOH HOH A . 
J 5 HOH 40  2040 2040 HOH HOH A . 
J 5 HOH 41  2041 2041 HOH HOH A . 
J 5 HOH 42  2042 2042 HOH HOH A . 
J 5 HOH 43  2043 2043 HOH HOH A . 
J 5 HOH 44  2044 2044 HOH HOH A . 
J 5 HOH 45  2045 2045 HOH HOH A . 
J 5 HOH 46  2046 2046 HOH HOH A . 
J 5 HOH 47  2047 2047 HOH HOH A . 
J 5 HOH 48  2048 2048 HOH HOH A . 
J 5 HOH 49  2049 2049 HOH HOH A . 
J 5 HOH 50  2050 2050 HOH HOH A . 
J 5 HOH 51  2051 2051 HOH HOH A . 
J 5 HOH 52  2052 2052 HOH HOH A . 
J 5 HOH 53  2053 2053 HOH HOH A . 
J 5 HOH 54  2054 2054 HOH HOH A . 
J 5 HOH 55  2055 2055 HOH HOH A . 
J 5 HOH 56  2056 2056 HOH HOH A . 
J 5 HOH 57  2057 2057 HOH HOH A . 
J 5 HOH 58  2058 2058 HOH HOH A . 
J 5 HOH 59  2059 2059 HOH HOH A . 
J 5 HOH 60  2060 2060 HOH HOH A . 
J 5 HOH 61  2061 2061 HOH HOH A . 
J 5 HOH 62  2062 2062 HOH HOH A . 
J 5 HOH 63  2063 2063 HOH HOH A . 
J 5 HOH 64  2064 2064 HOH HOH A . 
J 5 HOH 65  2065 2065 HOH HOH A . 
J 5 HOH 66  2066 2066 HOH HOH A . 
J 5 HOH 67  2067 2067 HOH HOH A . 
J 5 HOH 68  2068 2068 HOH HOH A . 
J 5 HOH 69  2069 2069 HOH HOH A . 
J 5 HOH 70  2070 2070 HOH HOH A . 
J 5 HOH 71  2071 2071 HOH HOH A . 
J 5 HOH 72  2072 2072 HOH HOH A . 
J 5 HOH 73  2073 2073 HOH HOH A . 
J 5 HOH 74  2074 2074 HOH HOH A . 
J 5 HOH 75  2075 2075 HOH HOH A . 
J 5 HOH 76  2076 2076 HOH HOH A . 
J 5 HOH 77  2077 2077 HOH HOH A . 
J 5 HOH 78  2078 2078 HOH HOH A . 
J 5 HOH 79  2079 2079 HOH HOH A . 
J 5 HOH 80  2080 2080 HOH HOH A . 
J 5 HOH 81  2081 2081 HOH HOH A . 
J 5 HOH 82  2082 2082 HOH HOH A . 
J 5 HOH 83  2083 2083 HOH HOH A . 
J 5 HOH 84  2084 2084 HOH HOH A . 
J 5 HOH 85  2085 2085 HOH HOH A . 
J 5 HOH 86  2086 2086 HOH HOH A . 
J 5 HOH 87  2087 2087 HOH HOH A . 
J 5 HOH 88  2088 2088 HOH HOH A . 
J 5 HOH 89  2089 2089 HOH HOH A . 
J 5 HOH 90  2090 2090 HOH HOH A . 
J 5 HOH 91  2091 2091 HOH HOH A . 
J 5 HOH 92  2092 2092 HOH HOH A . 
J 5 HOH 93  2093 2093 HOH HOH A . 
J 5 HOH 94  2094 2094 HOH HOH A . 
J 5 HOH 95  2095 2095 HOH HOH A . 
J 5 HOH 96  2096 2096 HOH HOH A . 
J 5 HOH 97  2097 2097 HOH HOH A . 
J 5 HOH 98  2098 2098 HOH HOH A . 
J 5 HOH 99  2099 2099 HOH HOH A . 
J 5 HOH 100 2100 2100 HOH HOH A . 
J 5 HOH 101 2101 2101 HOH HOH A . 
J 5 HOH 102 2102 2102 HOH HOH A . 
J 5 HOH 103 2103 2103 HOH HOH A . 
J 5 HOH 104 2104 2104 HOH HOH A . 
J 5 HOH 105 2105 2105 HOH HOH A . 
J 5 HOH 106 2106 2106 HOH HOH A . 
J 5 HOH 107 2107 2107 HOH HOH A . 
J 5 HOH 108 2108 2108 HOH HOH A . 
J 5 HOH 109 2109 2109 HOH HOH A . 
J 5 HOH 110 2110 2110 HOH HOH A . 
J 5 HOH 111 2111 2111 HOH HOH A . 
J 5 HOH 112 2112 2112 HOH HOH A . 
J 5 HOH 113 2113 2113 HOH HOH A . 
J 5 HOH 114 2114 2114 HOH HOH A . 
J 5 HOH 115 2115 2115 HOH HOH A . 
J 5 HOH 116 2116 2116 HOH HOH A . 
J 5 HOH 117 2117 2117 HOH HOH A . 
J 5 HOH 118 2118 2118 HOH HOH A . 
J 5 HOH 119 2119 2119 HOH HOH A . 
J 5 HOH 120 2120 2120 HOH HOH A . 
J 5 HOH 121 2121 2121 HOH HOH A . 
J 5 HOH 122 2122 2122 HOH HOH A . 
J 5 HOH 123 2123 2123 HOH HOH A . 
J 5 HOH 124 2124 2124 HOH HOH A . 
J 5 HOH 125 2125 2125 HOH HOH A . 
J 5 HOH 126 2126 2126 HOH HOH A . 
J 5 HOH 127 2127 2127 HOH HOH A . 
J 5 HOH 128 2128 2128 HOH HOH A . 
J 5 HOH 129 2129 2129 HOH HOH A . 
J 5 HOH 130 2130 2130 HOH HOH A . 
J 5 HOH 131 2131 2131 HOH HOH A . 
J 5 HOH 132 2132 2132 HOH HOH A . 
J 5 HOH 133 2133 2133 HOH HOH A . 
J 5 HOH 134 2134 2134 HOH HOH A . 
J 5 HOH 135 2135 2135 HOH HOH A . 
J 5 HOH 136 2136 2136 HOH HOH A . 
J 5 HOH 137 2137 2137 HOH HOH A . 
J 5 HOH 138 2138 2138 HOH HOH A . 
J 5 HOH 139 2139 2139 HOH HOH A . 
J 5 HOH 140 2140 2140 HOH HOH A . 
J 5 HOH 141 2141 2141 HOH HOH A . 
J 5 HOH 142 2142 2142 HOH HOH A . 
J 5 HOH 143 2143 2143 HOH HOH A . 
J 5 HOH 144 2144 2144 HOH HOH A . 
J 5 HOH 145 2145 2145 HOH HOH A . 
J 5 HOH 146 2146 2146 HOH HOH A . 
J 5 HOH 147 2147 2147 HOH HOH A . 
J 5 HOH 148 2148 2148 HOH HOH A . 
J 5 HOH 149 2149 2149 HOH HOH A . 
J 5 HOH 150 2150 2150 HOH HOH A . 
J 5 HOH 151 2151 2151 HOH HOH A . 
J 5 HOH 152 2152 2152 HOH HOH A . 
J 5 HOH 153 2153 2153 HOH HOH A . 
J 5 HOH 154 2154 2154 HOH HOH A . 
J 5 HOH 155 2155 2155 HOH HOH A . 
J 5 HOH 156 2156 2156 HOH HOH A . 
J 5 HOH 157 2157 2157 HOH HOH A . 
J 5 HOH 158 2158 2158 HOH HOH A . 
J 5 HOH 159 2159 2159 HOH HOH A . 
J 5 HOH 160 2160 2160 HOH HOH A . 
J 5 HOH 161 2161 2161 HOH HOH A . 
J 5 HOH 162 2162 2162 HOH HOH A . 
J 5 HOH 163 2163 2163 HOH HOH A . 
J 5 HOH 164 2164 2164 HOH HOH A . 
J 5 HOH 165 2165 2165 HOH HOH A . 
J 5 HOH 166 2166 2166 HOH HOH A . 
J 5 HOH 167 2167 2167 HOH HOH A . 
J 5 HOH 168 2168 2168 HOH HOH A . 
J 5 HOH 169 2169 2169 HOH HOH A . 
J 5 HOH 170 2170 2170 HOH HOH A . 
J 5 HOH 171 2171 2171 HOH HOH A . 
J 5 HOH 172 2172 2172 HOH HOH A . 
J 5 HOH 173 2173 2173 HOH HOH A . 
J 5 HOH 174 2174 2174 HOH HOH A . 
J 5 HOH 175 2175 2175 HOH HOH A . 
J 5 HOH 176 2176 2176 HOH HOH A . 
J 5 HOH 177 2177 2177 HOH HOH A . 
J 5 HOH 178 2178 2178 HOH HOH A . 
J 5 HOH 179 2179 2179 HOH HOH A . 
J 5 HOH 180 2180 2180 HOH HOH A . 
J 5 HOH 181 2181 2181 HOH HOH A . 
J 5 HOH 182 2182 2182 HOH HOH A . 
J 5 HOH 183 2183 2183 HOH HOH A . 
J 5 HOH 184 2184 2184 HOH HOH A . 
J 5 HOH 185 2185 2185 HOH HOH A . 
J 5 HOH 186 2186 2186 HOH HOH A . 
J 5 HOH 187 2187 2187 HOH HOH A . 
J 5 HOH 188 2188 2188 HOH HOH A . 
J 5 HOH 189 2189 2189 HOH HOH A . 
J 5 HOH 190 2190 2190 HOH HOH A . 
J 5 HOH 191 2191 2191 HOH HOH A . 
J 5 HOH 192 2192 2192 HOH HOH A . 
# 
loop_
_software.name 
_software.classification 
_software.version 
_software.citation_id 
_software.pdbx_ordinal 
PHENIX refinement       '(PHENIX.REFINE)' ? 1 
XDS    'data reduction' .                 ? 2 
XSCALE 'data scaling'   .                 ? 3 
PHASER phasing          .                 ? 4 
# 
_cell.entry_id           4A8Z 
_cell.length_a           65.710 
_cell.length_b           65.710 
_cell.length_c           101.190 
_cell.angle_alpha        90.00 
_cell.angle_beta         90.00 
_cell.angle_gamma        90.00 
_cell.Z_PDB              8 
_cell.pdbx_unique_axis   ? 
# 
_symmetry.entry_id                         4A8Z 
_symmetry.space_group_name_H-M             'P 41 21 2' 
_symmetry.pdbx_full_space_group_name_H-M   ? 
_symmetry.cell_setting                     ? 
_symmetry.Int_Tables_number                92 
# 
_exptl.entry_id          4A8Z 
_exptl.method            'X-RAY DIFFRACTION' 
_exptl.crystals_number   1 
# 
_exptl_crystal.id                    1 
_exptl_crystal.density_meas          ? 
_exptl_crystal.density_Matthews      3.64 
_exptl_crystal.density_percent_sol   66.24 
_exptl_crystal.description           NONE 
# 
_diffrn.id                     1 
_diffrn.ambient_temp           100 
_diffrn.ambient_temp_details   ? 
_diffrn.crystal_id             1 
# 
_diffrn_detector.diffrn_id              1 
_diffrn_detector.detector               CCD 
_diffrn_detector.type                   'ADSC CCD' 
_diffrn_detector.pdbx_collection_date   2011-04-19 
_diffrn_detector.details                ? 
# 
_diffrn_radiation.diffrn_id                        1 
_diffrn_radiation.wavelength_id                    1 
_diffrn_radiation.pdbx_monochromatic_or_laue_m_l   M 
_diffrn_radiation.monochromator                    ? 
_diffrn_radiation.pdbx_diffrn_protocol             'SINGLE WAVELENGTH' 
_diffrn_radiation.pdbx_scattering_type             x-ray 
# 
_diffrn_radiation_wavelength.id           1 
_diffrn_radiation_wavelength.wavelength   1.0 
_diffrn_radiation_wavelength.wt           1.0 
# 
_diffrn_source.diffrn_id                   1 
_diffrn_source.source                      SYNCHROTRON 
_diffrn_source.type                        'EMBL/DESY, HAMBURG BEAMLINE X12' 
_diffrn_source.pdbx_synchrotron_site       'EMBL/DESY, HAMBURG' 
_diffrn_source.pdbx_synchrotron_beamline   X12 
_diffrn_source.pdbx_wavelength             1.0 
_diffrn_source.pdbx_wavelength_list        ? 
# 
_reflns.pdbx_diffrn_id               1 
_reflns.pdbx_ordinal                 1 
_reflns.entry_id                     4A8Z 
_reflns.observed_criterion_sigma_I   -3.0 
_reflns.observed_criterion_sigma_F   ? 
_reflns.d_resolution_low             25.00 
_reflns.d_resolution_high            1.80 
_reflns.number_obs                   21058 
_reflns.number_all                   ? 
_reflns.percent_possible_obs         99.4 
_reflns.pdbx_Rmerge_I_obs            0.06 
_reflns.pdbx_Rsym_value              ? 
_reflns.pdbx_netI_over_sigmaI        30.20 
_reflns.B_iso_Wilson_estimate        34.2 
_reflns.pdbx_redundancy              11.8 
# 
_reflns_shell.pdbx_diffrn_id         1 
_reflns_shell.pdbx_ordinal           1 
_reflns_shell.d_res_high             1.80 
_reflns_shell.d_res_low              1.85 
_reflns_shell.percent_possible_all   95.6 
_reflns_shell.Rmerge_I_obs           1.27 
_reflns_shell.pdbx_Rsym_value        ? 
_reflns_shell.meanI_over_sigI_obs    2.00 
_reflns_shell.pdbx_redundancy        11.2 
# 
_refine.pdbx_refine_id                           'X-RAY DIFFRACTION' 
_refine.entry_id                                 4A8Z 
_refine.pdbx_diffrn_id                           1 
_refine.pdbx_TLS_residual_ADP_flag               ? 
_refine.ls_number_reflns_obs                     21057 
_refine.ls_number_reflns_all                     ? 
_refine.pdbx_ls_sigma_I                          ? 
_refine.pdbx_ls_sigma_F                          2.00 
_refine.pdbx_data_cutoff_high_absF               ? 
_refine.pdbx_data_cutoff_low_absF                ? 
_refine.pdbx_data_cutoff_high_rms_absF           ? 
_refine.ls_d_res_low                             23.608 
_refine.ls_d_res_high                            1.801 
_refine.ls_percent_reflns_obs                    99.47 
_refine.ls_R_factor_obs                          0.1790 
_refine.ls_R_factor_all                          ? 
_refine.ls_R_factor_R_work                       0.1778 
_refine.ls_R_factor_R_free                       0.2031 
_refine.ls_R_factor_R_free_error                 ? 
_refine.ls_R_factor_R_free_error_details         ? 
_refine.ls_percent_reflns_R_free                 5.0 
_refine.ls_number_reflns_R_free                  1053 
_refine.ls_number_parameters                     ? 
_refine.ls_number_restraints                     ? 
_refine.occupancy_min                            ? 
_refine.occupancy_max                            ? 
_refine.correlation_coeff_Fo_to_Fc               ? 
_refine.correlation_coeff_Fo_to_Fc_free          ? 
_refine.B_iso_mean                               ? 
_refine.aniso_B[1][1]                            6.7216 
_refine.aniso_B[2][2]                            6.7216 
_refine.aniso_B[3][3]                            -13.4432 
_refine.aniso_B[1][2]                            0.0000 
_refine.aniso_B[1][3]                            0.0000 
_refine.aniso_B[2][3]                            0.0000 
_refine.solvent_model_details                    'FLAT BULK SOLVENT MODEL' 
_refine.solvent_model_param_ksol                 0.417 
_refine.solvent_model_param_bsol                 56.085 
_refine.pdbx_solvent_vdw_probe_radii             1.00 
_refine.pdbx_solvent_ion_probe_radii             ? 
_refine.pdbx_solvent_shrinkage_radii             0.89 
_refine.pdbx_ls_cross_valid_method               ? 
_refine.details                                  ? 
_refine.pdbx_starting_model                      'PDB ENTRY 2WUT' 
_refine.pdbx_method_to_determine_struct          'MOLECULAR REPLACEMENT' 
_refine.pdbx_isotropic_thermal_model             ? 
_refine.pdbx_stereochemistry_target_values       ML 
_refine.pdbx_stereochem_target_val_spec_case     ? 
_refine.pdbx_R_Free_selection_details            ? 
_refine.pdbx_overall_ESU_R                       ? 
_refine.pdbx_overall_ESU_R_Free                  ? 
_refine.overall_SU_ML                            0.45 
_refine.pdbx_overall_phase_error                 19.97 
_refine.overall_SU_B                             ? 
_refine.overall_SU_R_Cruickshank_DPI             ? 
_refine.pdbx_overall_SU_R_free_Cruickshank_DPI   ? 
_refine.pdbx_overall_SU_R_Blow_DPI               ? 
_refine.pdbx_overall_SU_R_free_Blow_DPI          ? 
# 
_refine_hist.pdbx_refine_id                   'X-RAY DIFFRACTION' 
_refine_hist.cycle_id                         LAST 
_refine_hist.pdbx_number_atoms_protein        1048 
_refine_hist.pdbx_number_atoms_nucleic_acid   0 
_refine_hist.pdbx_number_atoms_ligand         56 
_refine_hist.number_atoms_solvent             192 
_refine_hist.number_atoms_total               1296 
_refine_hist.d_res_high                       1.801 
_refine_hist.d_res_low                        23.608 
# 
loop_
_refine_ls_restr.type 
_refine_ls_restr.dev_ideal 
_refine_ls_restr.dev_ideal_target 
_refine_ls_restr.weight 
_refine_ls_restr.number 
_refine_ls_restr.pdbx_refine_id 
_refine_ls_restr.pdbx_restraint_function 
f_bond_d           0.012  ? ? 1182 'X-RAY DIFFRACTION' ? 
f_angle_d          1.368  ? ? 1589 'X-RAY DIFFRACTION' ? 
f_dihedral_angle_d 16.261 ? ? 483  'X-RAY DIFFRACTION' ? 
f_chiral_restr     0.092  ? ? 179  'X-RAY DIFFRACTION' ? 
f_plane_restr      0.005  ? ? 193  'X-RAY DIFFRACTION' ? 
# 
loop_
_refine_ls_shell.pdbx_refine_id 
_refine_ls_shell.pdbx_total_number_of_bins_used 
_refine_ls_shell.d_res_high 
_refine_ls_shell.d_res_low 
_refine_ls_shell.number_reflns_R_work 
_refine_ls_shell.R_factor_R_work 
_refine_ls_shell.percent_reflns_obs 
_refine_ls_shell.R_factor_R_free 
_refine_ls_shell.R_factor_R_free_error 
_refine_ls_shell.percent_reflns_R_free 
_refine_ls_shell.number_reflns_R_free 
_refine_ls_shell.number_reflns_all 
_refine_ls_shell.R_factor_all 
'X-RAY DIFFRACTION' . 1.8011 1.8831  2391 0.2696 97.00  0.3203 . . 125 . . 
'X-RAY DIFFRACTION' . 1.8831 1.9823  2448 0.2128 99.00  0.2536 . . 129 . . 
'X-RAY DIFFRACTION' . 1.9823 2.1064  2440 0.1865 100.00 0.2319 . . 129 . . 
'X-RAY DIFFRACTION' . 2.1064 2.2690  2487 0.1713 100.00 0.2079 . . 131 . . 
'X-RAY DIFFRACTION' . 2.2690 2.4971  2483 0.1635 100.00 0.1863 . . 130 . . 
'X-RAY DIFFRACTION' . 2.4971 2.8579  2517 0.1625 100.00 0.2143 . . 133 . . 
'X-RAY DIFFRACTION' . 2.8579 3.5986  2539 0.1706 100.00 0.2143 . . 133 . . 
'X-RAY DIFFRACTION' . 3.5986 23.6104 2699 0.1776 100.00 0.1735 . . 143 . . 
# 
_struct.entry_id                  4A8Z 
_struct.title                     'Human myelin P2 protein, K112Q mutant' 
_struct.pdbx_model_details        ? 
_struct.pdbx_CASP_flag            ? 
_struct.pdbx_model_type_details   ? 
# 
_struct_keywords.entry_id        4A8Z 
_struct_keywords.pdbx_keywords   'TRANSPORT PROTEIN' 
_struct_keywords.text            'TRANSPORT PROTEIN' 
# 
loop_
_struct_asym.id 
_struct_asym.pdbx_blank_PDB_chainid_flag 
_struct_asym.pdbx_modified 
_struct_asym.entity_id 
_struct_asym.details 
A N N 1 ? 
B N N 2 ? 
C N N 3 ? 
D N N 3 ? 
E N N 3 ? 
F N N 4 ? 
G N N 4 ? 
H N N 4 ? 
I N N 4 ? 
J N N 5 ? 
# 
_struct_ref.id                         1 
_struct_ref.db_name                    UNP 
_struct_ref.db_code                    MYP2_HUMAN 
_struct_ref.entity_id                  1 
_struct_ref.pdbx_seq_one_letter_code   ? 
_struct_ref.pdbx_align_begin           ? 
_struct_ref.pdbx_db_accession          P02689 
_struct_ref.pdbx_db_isoform            ? 
# 
_struct_ref_seq.align_id                      1 
_struct_ref_seq.ref_id                        1 
_struct_ref_seq.pdbx_PDB_id_code              4A8Z 
_struct_ref_seq.pdbx_strand_id                A 
_struct_ref_seq.seq_align_beg                 2 
_struct_ref_seq.pdbx_seq_align_beg_ins_code   ? 
_struct_ref_seq.seq_align_end                 133 
_struct_ref_seq.pdbx_seq_align_end_ins_code   ? 
_struct_ref_seq.pdbx_db_accession             P02689 
_struct_ref_seq.db_align_beg                  1 
_struct_ref_seq.pdbx_db_align_beg_ins_code    ? 
_struct_ref_seq.db_align_end                  132 
_struct_ref_seq.pdbx_db_align_end_ins_code    ? 
_struct_ref_seq.pdbx_auth_seq_align_beg       0 
_struct_ref_seq.pdbx_auth_seq_align_end       131 
# 
loop_
_struct_ref_seq_dif.align_id 
_struct_ref_seq_dif.pdbx_pdb_id_code 
_struct_ref_seq_dif.mon_id 
_struct_ref_seq_dif.pdbx_pdb_strand_id 
_struct_ref_seq_dif.seq_num 
_struct_ref_seq_dif.pdbx_pdb_ins_code 
_struct_ref_seq_dif.pdbx_seq_db_name 
_struct_ref_seq_dif.pdbx_seq_db_accession_code 
_struct_ref_seq_dif.db_mon_id 
_struct_ref_seq_dif.pdbx_seq_db_seq_num 
_struct_ref_seq_dif.details 
_struct_ref_seq_dif.pdbx_auth_seq_num 
_struct_ref_seq_dif.pdbx_ordinal 
1 4A8Z GLY A 1   ? UNP P02689 ?   ?   'expression tag'      -1  1 
1 4A8Z GLN A 114 ? UNP P02689 LYS 113 'engineered mutation' 112 2 
# 
_pdbx_struct_assembly.id                   1 
_pdbx_struct_assembly.details              author_and_software_defined_assembly 
_pdbx_struct_assembly.method_details       PISA 
_pdbx_struct_assembly.oligomeric_details   dimeric 
_pdbx_struct_assembly.oligomeric_count     2 
# 
loop_
_pdbx_struct_assembly_prop.biol_id 
_pdbx_struct_assembly_prop.type 
_pdbx_struct_assembly_prop.value 
_pdbx_struct_assembly_prop.details 
1 'ABSA (A^2)' 4940  ? 
1 MORE         -87.2 ? 
1 'SSA (A^2)'  13830 ? 
# 
_pdbx_struct_assembly_gen.assembly_id       1 
_pdbx_struct_assembly_gen.oper_expression   1,2 
_pdbx_struct_assembly_gen.asym_id_list      A,B,C,D,E,F,G,H,I,J 
# 
loop_
_pdbx_struct_oper_list.id 
_pdbx_struct_oper_list.type 
_pdbx_struct_oper_list.name 
_pdbx_struct_oper_list.symmetry_operation 
_pdbx_struct_oper_list.matrix[1][1] 
_pdbx_struct_oper_list.matrix[1][2] 
_pdbx_struct_oper_list.matrix[1][3] 
_pdbx_struct_oper_list.vector[1] 
_pdbx_struct_oper_list.matrix[2][1] 
_pdbx_struct_oper_list.matrix[2][2] 
_pdbx_struct_oper_list.matrix[2][3] 
_pdbx_struct_oper_list.vector[2] 
_pdbx_struct_oper_list.matrix[3][1] 
_pdbx_struct_oper_list.matrix[3][2] 
_pdbx_struct_oper_list.matrix[3][3] 
_pdbx_struct_oper_list.vector[3] 
1 'identity operation'         1_555 x,y,z  1.0000000000 0.0000000000 0.0000000000 0.0000000000   0.0000000000 1.0000000000  0.0000000000 0.0000000000  0.0000000000 0.0000000000 1.0000000000  0.0000000000  
2 'crystal symmetry operation' 7_555 y,x,-z 0.3709640979 0.6896147000 0.6219463029 -16.8595120164 0.6896147000 -0.6531138670 0.3128479540 14.4343111455 0.6219463029 0.3128479540 -0.7178502309 21.1588564338 
# 
_struct_biol.id   1 
# 
loop_
_struct_conf.conf_type_id 
_struct_conf.id 
_struct_conf.pdbx_PDB_helix_id 
_struct_conf.beg_label_comp_id 
_struct_conf.beg_label_asym_id 
_struct_conf.beg_label_seq_id 
_struct_conf.pdbx_beg_PDB_ins_code 
_struct_conf.end_label_comp_id 
_struct_conf.end_label_asym_id 
_struct_conf.end_label_seq_id 
_struct_conf.pdbx_end_PDB_ins_code 
_struct_conf.beg_auth_comp_id 
_struct_conf.beg_auth_asym_id 
_struct_conf.beg_auth_seq_id 
_struct_conf.end_auth_comp_id 
_struct_conf.end_auth_asym_id 
_struct_conf.end_auth_seq_id 
_struct_conf.pdbx_PDB_helix_class 
_struct_conf.details 
_struct_conf.pdbx_PDB_helix_length 
HELX_P HELX_P1 1 SER A 3  ? LEU A 7  ? SER A 1  LEU A 5  5 ? 5  
HELX_P HELX_P2 2 ASN A 17 ? GLY A 26 ? ASN A 15 GLY A 24 1 ? 10 
HELX_P HELX_P3 3 GLY A 28 ? ALA A 38 ? GLY A 26 ALA A 36 1 ? 11 
# 
_struct_conf_type.id          HELX_P 
_struct_conf_type.criteria    ? 
_struct_conf_type.reference   ? 
# 
_struct_conn.id                            disulf1 
_struct_conn.conn_type_id                  disulf 
_struct_conn.pdbx_leaving_atom_flag        ? 
_struct_conn.pdbx_PDB_id                   ? 
_struct_conn.ptnr1_label_asym_id           A 
_struct_conn.ptnr1_label_comp_id           CYS 
_struct_conn.ptnr1_label_seq_id            119 
_struct_conn.ptnr1_label_atom_id           SG 
_struct_conn.pdbx_ptnr1_label_alt_id       A 
_struct_conn.pdbx_ptnr1_PDB_ins_code       ? 
_struct_conn.pdbx_ptnr1_standard_comp_id   ? 
_struct_conn.ptnr1_symmetry                1_555 
_struct_conn.ptnr2_label_asym_id           A 
_struct_conn.ptnr2_label_comp_id           CYS 
_struct_conn.ptnr2_label_seq_id            126 
_struct_conn.ptnr2_label_atom_id           SG 
_struct_conn.pdbx_ptnr2_label_alt_id       A 
_struct_conn.pdbx_ptnr2_PDB_ins_code       ? 
_struct_conn.ptnr1_auth_asym_id            A 
_struct_conn.ptnr1_auth_comp_id            CYS 
_struct_conn.ptnr1_auth_seq_id             117 
_struct_conn.ptnr2_auth_asym_id            A 
_struct_conn.ptnr2_auth_comp_id            CYS 
_struct_conn.ptnr2_auth_seq_id             124 
_struct_conn.ptnr2_symmetry                1_555 
_struct_conn.pdbx_ptnr3_label_atom_id      ? 
_struct_conn.pdbx_ptnr3_label_seq_id       ? 
_struct_conn.pdbx_ptnr3_label_comp_id      ? 
_struct_conn.pdbx_ptnr3_label_asym_id      ? 
_struct_conn.pdbx_ptnr3_label_alt_id       ? 
_struct_conn.pdbx_ptnr3_PDB_ins_code       ? 
_struct_conn.details                       ? 
_struct_conn.pdbx_dist_value               2.030 
_struct_conn.pdbx_value_order              ? 
_struct_conn.pdbx_role                     ? 
# 
_struct_conn_type.id          disulf 
_struct_conn_type.criteria    ? 
_struct_conn_type.reference   ? 
# 
_pdbx_modification_feature.ordinal                            1 
_pdbx_modification_feature.label_comp_id                      CYS 
_pdbx_modification_feature.label_asym_id                      A 
_pdbx_modification_feature.label_seq_id                       119 
_pdbx_modification_feature.label_alt_id                       A 
_pdbx_modification_feature.modified_residue_label_comp_id     CYS 
_pdbx_modification_feature.modified_residue_label_asym_id     A 
_pdbx_modification_feature.modified_residue_label_seq_id      126 
_pdbx_modification_feature.modified_residue_label_alt_id      A 
_pdbx_modification_feature.auth_comp_id                       CYS 
_pdbx_modification_feature.auth_asym_id                       A 
_pdbx_modification_feature.auth_seq_id                        117 
_pdbx_modification_feature.PDB_ins_code                       ? 
_pdbx_modification_feature.symmetry                           1_555 
_pdbx_modification_feature.modified_residue_auth_comp_id      CYS 
_pdbx_modification_feature.modified_residue_auth_asym_id      A 
_pdbx_modification_feature.modified_residue_auth_seq_id       124 
_pdbx_modification_feature.modified_residue_PDB_ins_code      ? 
_pdbx_modification_feature.modified_residue_symmetry          1_555 
_pdbx_modification_feature.comp_id_linking_atom               SG 
_pdbx_modification_feature.modified_residue_id_linking_atom   SG 
_pdbx_modification_feature.modified_residue_id                . 
_pdbx_modification_feature.ref_pcm_id                         . 
_pdbx_modification_feature.ref_comp_id                        . 
_pdbx_modification_feature.type                               None 
_pdbx_modification_feature.category                           'Disulfide bridge' 
# 
_struct_sheet.id               AA 
_struct_sheet.type             ? 
_struct_sheet.number_strands   10 
_struct_sheet.details          ? 
# 
loop_
_struct_sheet_order.sheet_id 
_struct_sheet_order.range_id_1 
_struct_sheet_order.range_id_2 
_struct_sheet_order.offset 
_struct_sheet_order.sense 
AA 1 2  ? anti-parallel 
AA 2 3  ? anti-parallel 
AA 3 4  ? anti-parallel 
AA 4 5  ? anti-parallel 
AA 5 6  ? anti-parallel 
AA 6 7  ? anti-parallel 
AA 7 8  ? anti-parallel 
AA 8 9  ? anti-parallel 
AA 9 10 ? anti-parallel 
# 
loop_
_struct_sheet_range.sheet_id 
_struct_sheet_range.id 
_struct_sheet_range.beg_label_comp_id 
_struct_sheet_range.beg_label_asym_id 
_struct_sheet_range.beg_label_seq_id 
_struct_sheet_range.pdbx_beg_PDB_ins_code 
_struct_sheet_range.end_label_comp_id 
_struct_sheet_range.end_label_asym_id 
_struct_sheet_range.end_label_seq_id 
_struct_sheet_range.pdbx_end_PDB_ins_code 
_struct_sheet_range.beg_auth_comp_id 
_struct_sheet_range.beg_auth_asym_id 
_struct_sheet_range.beg_auth_seq_id 
_struct_sheet_range.end_auth_comp_id 
_struct_sheet_range.end_auth_asym_id 
_struct_sheet_range.end_auth_seq_id 
AA 1  THR A 62  ? PHE A 66  ? THR A 60  PHE A 64  
AA 2  ILE A 50  ? GLU A 56  ? ILE A 48  GLU A 54  
AA 3  THR A 41  ? LYS A 47  ? THR A 39  LYS A 45  
AA 4  GLY A 8   ? GLU A 16  ? GLY A 6   GLU A 14  
AA 5  VAL A 124 ? LYS A 132 ? VAL A 122 LYS A 130 
AA 6  GLN A 114 ? MET A 121 ? GLN A 112 MET A 119 
AA 7  LYS A 102 ? VAL A 111 ? LYS A 100 VAL A 109 
AA 8  SER A 92  ? TRP A 99  ? SER A 90  TRP A 97  
AA 9  LYS A 81  ? GLN A 89  ? LYS A 79  GLN A 87  
AA 10 PHE A 72  ? THR A 75  ? PHE A 70  THR A 73  
# 
loop_
_pdbx_struct_sheet_hbond.sheet_id 
_pdbx_struct_sheet_hbond.range_id_1 
_pdbx_struct_sheet_hbond.range_id_2 
_pdbx_struct_sheet_hbond.range_1_label_atom_id 
_pdbx_struct_sheet_hbond.range_1_label_comp_id 
_pdbx_struct_sheet_hbond.range_1_label_asym_id 
_pdbx_struct_sheet_hbond.range_1_label_seq_id 
_pdbx_struct_sheet_hbond.range_1_PDB_ins_code 
_pdbx_struct_sheet_hbond.range_1_auth_atom_id 
_pdbx_struct_sheet_hbond.range_1_auth_comp_id 
_pdbx_struct_sheet_hbond.range_1_auth_asym_id 
_pdbx_struct_sheet_hbond.range_1_auth_seq_id 
_pdbx_struct_sheet_hbond.range_2_label_atom_id 
_pdbx_struct_sheet_hbond.range_2_label_comp_id 
_pdbx_struct_sheet_hbond.range_2_label_asym_id 
_pdbx_struct_sheet_hbond.range_2_label_seq_id 
_pdbx_struct_sheet_hbond.range_2_PDB_ins_code 
_pdbx_struct_sheet_hbond.range_2_auth_atom_id 
_pdbx_struct_sheet_hbond.range_2_auth_comp_id 
_pdbx_struct_sheet_hbond.range_2_auth_asym_id 
_pdbx_struct_sheet_hbond.range_2_auth_seq_id 
AA 1 2  N PHE A 66  ? N PHE A 64  O ILE A 51  ? O ILE A 49  
AA 2 3  N GLU A 56  ? N GLU A 54  O THR A 41  ? O THR A 39  
AA 3 4  N ILE A 44  ? N ILE A 42  O GLY A 8   ? O GLY A 6   
AA 4 5  N GLU A 16  ? N GLU A 14  O THR A 127 ? O THR A 125 
AA 5 6  N TYR A 130 ? N TYR A 128 O MET A 115 ? O MET A 113 
AA 6 7  N LYS A 120 ? N LYS A 118 O THR A 105 ? O THR A 103 
AA 7 8  N ARG A 108 ? N ARG A 106 O LEU A 93  ? O LEU A 91  
AA 8 9  N ARG A 98  ? N ARG A 96  O LYS A 83  ? O LYS A 81  
AA 9 10 N SER A 84  ? N SER A 82  O PHE A 72  ? O PHE A 70  
# 
loop_
_struct_site.id 
_struct_site.pdbx_evidence_code 
_struct_site.pdbx_auth_asym_id 
_struct_site.pdbx_auth_comp_id 
_struct_site.pdbx_auth_seq_id 
_struct_site.pdbx_auth_ins_code 
_struct_site.pdbx_num_residues 
_struct_site.details 
AC1 Software A PLM 1132 ? 9 'BINDING SITE FOR RESIDUE PLM A 1132' 
AC2 Software A GOL 1133 ? 2 'BINDING SITE FOR RESIDUE GOL A 1133' 
AC3 Software A GOL 1134 ? 3 'BINDING SITE FOR RESIDUE GOL A 1134' 
AC4 Software A GOL 1135 ? 5 'BINDING SITE FOR RESIDUE GOL A 1135' 
AC5 Software A SO4 1136 ? 7 'BINDING SITE FOR RESIDUE SO4 A 1136' 
AC6 Software A SO4 1137 ? 3 'BINDING SITE FOR RESIDUE SO4 A 1137' 
AC7 Software A SO4 1138 ? 3 'BINDING SITE FOR RESIDUE SO4 A 1138' 
AC8 Software A SO4 1139 ? 6 'BINDING SITE FOR RESIDUE SO4 A 1139' 
# 
loop_
_struct_site_gen.id 
_struct_site_gen.site_id 
_struct_site_gen.pdbx_num_res 
_struct_site_gen.label_comp_id 
_struct_site_gen.label_asym_id 
_struct_site_gen.label_seq_id 
_struct_site_gen.pdbx_auth_ins_code 
_struct_site_gen.auth_comp_id 
_struct_site_gen.auth_asym_id 
_struct_site_gen.auth_seq_id 
_struct_site_gen.label_atom_id 
_struct_site_gen.label_alt_id 
_struct_site_gen.symmetry 
_struct_site_gen.details 
1  AC1 9 GLY A 35  ? GLY A 33   . ? 1_555 ? 
2  AC1 9 PRO A 40  ? PRO A 38   . ? 1_555 ? 
3  AC1 9 PHE A 59  ? PHE A 57   . ? 1_555 ? 
4  AC1 9 ASP A 78  ? ASP A 76   . ? 1_555 ? 
5  AC1 9 ARG A 108 ? ARG A 106  . ? 1_555 ? 
6  AC1 9 ARG A 128 ? ARG A 126  . ? 1_555 ? 
7  AC1 9 TYR A 130 ? TYR A 128  . ? 1_555 ? 
8  AC1 9 HOH J .   ? HOH A 2099 . ? 1_555 ? 
9  AC1 9 HOH J .   ? HOH A 2170 . ? 1_555 ? 
10 AC2 2 ARG A 54  ? ARG A 52   . ? 1_555 ? 
11 AC2 2 ASN A 61  ? ASN A 59   . ? 1_555 ? 
12 AC3 3 SER A 3   ? SER A 1    . ? 1_555 ? 
13 AC3 3 ASN A 4   ? ASN A 2    . ? 1_555 ? 
14 AC3 3 LYS A 5   ? LYS A 3    . ? 1_555 ? 
15 AC4 5 ASN A 17  ? ASN A 15   . ? 1_555 ? 
16 AC4 5 PHE A 18  ? PHE A 16   . ? 1_555 ? 
17 AC4 5 ASP A 19  ? ASP A 17   . ? 1_555 ? 
18 AC4 5 HOH J .   ? HOH A 2035 . ? 1_555 ? 
19 AC4 5 HOH J .   ? HOH A 2042 . ? 1_555 ? 
20 AC5 7 ALA A 38  ? ALA A 36   . ? 1_555 ? 
21 AC5 7 LYS A 39  ? LYS A 37   . ? 1_555 ? 
22 AC5 7 SER A 57  ? SER A 55   . ? 1_555 ? 
23 AC5 7 THR A 58  ? THR A 56   . ? 1_555 ? 
24 AC5 7 HOH J .   ? HOH A 2080 . ? 1_555 ? 
25 AC5 7 HOH J .   ? HOH A 2104 . ? 1_555 ? 
26 AC5 7 HOH J .   ? HOH A 2191 . ? 1_555 ? 
27 AC6 3 LEU A 29  ? LEU A 27   . ? 1_555 ? 
28 AC6 3 ARG A 32  ? ARG A 30   . ? 1_555 ? 
29 AC6 3 HOH J .   ? HOH A 2069 . ? 1_555 ? 
30 AC7 3 LYS A 46  ? LYS A 44   . ? 1_555 ? 
31 AC7 3 LYS A 47  ? LYS A 45   . ? 1_555 ? 
32 AC7 3 GLY A 48  ? GLY A 46   . ? 1_555 ? 
33 AC8 6 GLY A 1   ? GLY A -1   . ? 7_555 ? 
34 AC8 6 ASP A 49  ? ASP A 47   . ? 1_555 ? 
35 AC8 6 LYS A 67  ? LYS A 65   . ? 1_555 ? 
36 AC8 6 GLN A 70  ? GLN A 68   . ? 1_555 ? 
37 AC8 6 HOH J .   ? HOH A 2123 . ? 1_555 ? 
38 AC8 6 HOH J .   ? HOH A 2192 . ? 1_555 ? 
# 
_pdbx_entry_details.entry_id                   4A8Z 
_pdbx_entry_details.compound_details           'ENGINEERED RESIDUE IN CHAIN A, LYS 113 TO GLN' 
_pdbx_entry_details.source_details             ? 
_pdbx_entry_details.nonpolymer_details         ? 
_pdbx_entry_details.sequence_details           ? 
_pdbx_entry_details.has_ligand_of_interest     ? 
_pdbx_entry_details.has_protein_modification   Y 
# 
loop_
_pdbx_validate_close_contact.id 
_pdbx_validate_close_contact.PDB_model_num 
_pdbx_validate_close_contact.auth_atom_id_1 
_pdbx_validate_close_contact.auth_asym_id_1 
_pdbx_validate_close_contact.auth_comp_id_1 
_pdbx_validate_close_contact.auth_seq_id_1 
_pdbx_validate_close_contact.PDB_ins_code_1 
_pdbx_validate_close_contact.label_alt_id_1 
_pdbx_validate_close_contact.auth_atom_id_2 
_pdbx_validate_close_contact.auth_asym_id_2 
_pdbx_validate_close_contact.auth_comp_id_2 
_pdbx_validate_close_contact.auth_seq_id_2 
_pdbx_validate_close_contact.PDB_ins_code_2 
_pdbx_validate_close_contact.label_alt_id_2 
_pdbx_validate_close_contact.dist 
1 1 O  A HOH 2109 ? ? O A HOH 2137 ? ? 2.12 
2 1 NZ A LYS 105  ? B O A HOH 2169 ? ? 2.15 
3 1 O  A HOH 2023 ? ? O A HOH 2068 ? ? 2.15 
4 1 O  A HOH 2002 ? ? O A HOH 2008 ? ? 2.17 
# 
loop_
_chem_comp_atom.comp_id 
_chem_comp_atom.atom_id 
_chem_comp_atom.type_symbol 
_chem_comp_atom.pdbx_aromatic_flag 
_chem_comp_atom.pdbx_stereo_config 
_chem_comp_atom.pdbx_ordinal 
ALA N    N N N 1   
ALA CA   C N S 2   
ALA C    C N N 3   
ALA O    O N N 4   
ALA CB   C N N 5   
ALA OXT  O N N 6   
ALA H    H N N 7   
ALA H2   H N N 8   
ALA HA   H N N 9   
ALA HB1  H N N 10  
ALA HB2  H N N 11  
ALA HB3  H N N 12  
ALA HXT  H N N 13  
ARG N    N N N 14  
ARG CA   C N S 15  
ARG C    C N N 16  
ARG O    O N N 17  
ARG CB   C N N 18  
ARG CG   C N N 19  
ARG CD   C N N 20  
ARG NE   N N N 21  
ARG CZ   C N N 22  
ARG NH1  N N N 23  
ARG NH2  N N N 24  
ARG OXT  O N N 25  
ARG H    H N N 26  
ARG H2   H N N 27  
ARG HA   H N N 28  
ARG HB2  H N N 29  
ARG HB3  H N N 30  
ARG HG2  H N N 31  
ARG HG3  H N N 32  
ARG HD2  H N N 33  
ARG HD3  H N N 34  
ARG HE   H N N 35  
ARG HH11 H N N 36  
ARG HH12 H N N 37  
ARG HH21 H N N 38  
ARG HH22 H N N 39  
ARG HXT  H N N 40  
ASN N    N N N 41  
ASN CA   C N S 42  
ASN C    C N N 43  
ASN O    O N N 44  
ASN CB   C N N 45  
ASN CG   C N N 46  
ASN OD1  O N N 47  
ASN ND2  N N N 48  
ASN OXT  O N N 49  
ASN H    H N N 50  
ASN H2   H N N 51  
ASN HA   H N N 52  
ASN HB2  H N N 53  
ASN HB3  H N N 54  
ASN HD21 H N N 55  
ASN HD22 H N N 56  
ASN HXT  H N N 57  
ASP N    N N N 58  
ASP CA   C N S 59  
ASP C    C N N 60  
ASP O    O N N 61  
ASP CB   C N N 62  
ASP CG   C N N 63  
ASP OD1  O N N 64  
ASP OD2  O N N 65  
ASP OXT  O N N 66  
ASP H    H N N 67  
ASP H2   H N N 68  
ASP HA   H N N 69  
ASP HB2  H N N 70  
ASP HB3  H N N 71  
ASP HD2  H N N 72  
ASP HXT  H N N 73  
CYS N    N N N 74  
CYS CA   C N R 75  
CYS C    C N N 76  
CYS O    O N N 77  
CYS CB   C N N 78  
CYS SG   S N N 79  
CYS OXT  O N N 80  
CYS H    H N N 81  
CYS H2   H N N 82  
CYS HA   H N N 83  
CYS HB2  H N N 84  
CYS HB3  H N N 85  
CYS HG   H N N 86  
CYS HXT  H N N 87  
GLN N    N N N 88  
GLN CA   C N S 89  
GLN C    C N N 90  
GLN O    O N N 91  
GLN CB   C N N 92  
GLN CG   C N N 93  
GLN CD   C N N 94  
GLN OE1  O N N 95  
GLN NE2  N N N 96  
GLN OXT  O N N 97  
GLN H    H N N 98  
GLN H2   H N N 99  
GLN HA   H N N 100 
GLN HB2  H N N 101 
GLN HB3  H N N 102 
GLN HG2  H N N 103 
GLN HG3  H N N 104 
GLN HE21 H N N 105 
GLN HE22 H N N 106 
GLN HXT  H N N 107 
GLU N    N N N 108 
GLU CA   C N S 109 
GLU C    C N N 110 
GLU O    O N N 111 
GLU CB   C N N 112 
GLU CG   C N N 113 
GLU CD   C N N 114 
GLU OE1  O N N 115 
GLU OE2  O N N 116 
GLU OXT  O N N 117 
GLU H    H N N 118 
GLU H2   H N N 119 
GLU HA   H N N 120 
GLU HB2  H N N 121 
GLU HB3  H N N 122 
GLU HG2  H N N 123 
GLU HG3  H N N 124 
GLU HE2  H N N 125 
GLU HXT  H N N 126 
GLY N    N N N 127 
GLY CA   C N N 128 
GLY C    C N N 129 
GLY O    O N N 130 
GLY OXT  O N N 131 
GLY H    H N N 132 
GLY H2   H N N 133 
GLY HA2  H N N 134 
GLY HA3  H N N 135 
GLY HXT  H N N 136 
GOL C1   C N N 137 
GOL O1   O N N 138 
GOL C2   C N N 139 
GOL O2   O N N 140 
GOL C3   C N N 141 
GOL O3   O N N 142 
GOL H11  H N N 143 
GOL H12  H N N 144 
GOL HO1  H N N 145 
GOL H2   H N N 146 
GOL HO2  H N N 147 
GOL H31  H N N 148 
GOL H32  H N N 149 
GOL HO3  H N N 150 
HOH O    O N N 151 
HOH H1   H N N 152 
HOH H2   H N N 153 
ILE N    N N N 154 
ILE CA   C N S 155 
ILE C    C N N 156 
ILE O    O N N 157 
ILE CB   C N S 158 
ILE CG1  C N N 159 
ILE CG2  C N N 160 
ILE CD1  C N N 161 
ILE OXT  O N N 162 
ILE H    H N N 163 
ILE H2   H N N 164 
ILE HA   H N N 165 
ILE HB   H N N 166 
ILE HG12 H N N 167 
ILE HG13 H N N 168 
ILE HG21 H N N 169 
ILE HG22 H N N 170 
ILE HG23 H N N 171 
ILE HD11 H N N 172 
ILE HD12 H N N 173 
ILE HD13 H N N 174 
ILE HXT  H N N 175 
LEU N    N N N 176 
LEU CA   C N S 177 
LEU C    C N N 178 
LEU O    O N N 179 
LEU CB   C N N 180 
LEU CG   C N N 181 
LEU CD1  C N N 182 
LEU CD2  C N N 183 
LEU OXT  O N N 184 
LEU H    H N N 185 
LEU H2   H N N 186 
LEU HA   H N N 187 
LEU HB2  H N N 188 
LEU HB3  H N N 189 
LEU HG   H N N 190 
LEU HD11 H N N 191 
LEU HD12 H N N 192 
LEU HD13 H N N 193 
LEU HD21 H N N 194 
LEU HD22 H N N 195 
LEU HD23 H N N 196 
LEU HXT  H N N 197 
LYS N    N N N 198 
LYS CA   C N S 199 
LYS C    C N N 200 
LYS O    O N N 201 
LYS CB   C N N 202 
LYS CG   C N N 203 
LYS CD   C N N 204 
LYS CE   C N N 205 
LYS NZ   N N N 206 
LYS OXT  O N N 207 
LYS H    H N N 208 
LYS H2   H N N 209 
LYS HA   H N N 210 
LYS HB2  H N N 211 
LYS HB3  H N N 212 
LYS HG2  H N N 213 
LYS HG3  H N N 214 
LYS HD2  H N N 215 
LYS HD3  H N N 216 
LYS HE2  H N N 217 
LYS HE3  H N N 218 
LYS HZ1  H N N 219 
LYS HZ2  H N N 220 
LYS HZ3  H N N 221 
LYS HXT  H N N 222 
MET N    N N N 223 
MET CA   C N S 224 
MET C    C N N 225 
MET O    O N N 226 
MET CB   C N N 227 
MET CG   C N N 228 
MET SD   S N N 229 
MET CE   C N N 230 
MET OXT  O N N 231 
MET H    H N N 232 
MET H2   H N N 233 
MET HA   H N N 234 
MET HB2  H N N 235 
MET HB3  H N N 236 
MET HG2  H N N 237 
MET HG3  H N N 238 
MET HE1  H N N 239 
MET HE2  H N N 240 
MET HE3  H N N 241 
MET HXT  H N N 242 
PHE N    N N N 243 
PHE CA   C N S 244 
PHE C    C N N 245 
PHE O    O N N 246 
PHE CB   C N N 247 
PHE CG   C Y N 248 
PHE CD1  C Y N 249 
PHE CD2  C Y N 250 
PHE CE1  C Y N 251 
PHE CE2  C Y N 252 
PHE CZ   C Y N 253 
PHE OXT  O N N 254 
PHE H    H N N 255 
PHE H2   H N N 256 
PHE HA   H N N 257 
PHE HB2  H N N 258 
PHE HB3  H N N 259 
PHE HD1  H N N 260 
PHE HD2  H N N 261 
PHE HE1  H N N 262 
PHE HE2  H N N 263 
PHE HZ   H N N 264 
PHE HXT  H N N 265 
PLM C1   C N N 266 
PLM O1   O N N 267 
PLM O2   O N N 268 
PLM C2   C N N 269 
PLM C3   C N N 270 
PLM C4   C N N 271 
PLM C5   C N N 272 
PLM C6   C N N 273 
PLM C7   C N N 274 
PLM C8   C N N 275 
PLM C9   C N N 276 
PLM CA   C N N 277 
PLM CB   C N N 278 
PLM CC   C N N 279 
PLM CD   C N N 280 
PLM CE   C N N 281 
PLM CF   C N N 282 
PLM CG   C N N 283 
PLM H    H N N 284 
PLM H21  H N N 285 
PLM H22  H N N 286 
PLM H31  H N N 287 
PLM H32  H N N 288 
PLM H41  H N N 289 
PLM H42  H N N 290 
PLM H51  H N N 291 
PLM H52  H N N 292 
PLM H61  H N N 293 
PLM H62  H N N 294 
PLM H71  H N N 295 
PLM H72  H N N 296 
PLM H81  H N N 297 
PLM H82  H N N 298 
PLM H91  H N N 299 
PLM H92  H N N 300 
PLM HA1  H N N 301 
PLM HA2  H N N 302 
PLM HB1  H N N 303 
PLM HB2  H N N 304 
PLM HC1  H N N 305 
PLM HC2  H N N 306 
PLM HD1  H N N 307 
PLM HD2  H N N 308 
PLM HE1  H N N 309 
PLM HE2  H N N 310 
PLM HF1  H N N 311 
PLM HF2  H N N 312 
PLM HG1  H N N 313 
PLM HG2  H N N 314 
PLM HG3  H N N 315 
PRO N    N N N 316 
PRO CA   C N S 317 
PRO C    C N N 318 
PRO O    O N N 319 
PRO CB   C N N 320 
PRO CG   C N N 321 
PRO CD   C N N 322 
PRO OXT  O N N 323 
PRO H    H N N 324 
PRO HA   H N N 325 
PRO HB2  H N N 326 
PRO HB3  H N N 327 
PRO HG2  H N N 328 
PRO HG3  H N N 329 
PRO HD2  H N N 330 
PRO HD3  H N N 331 
PRO HXT  H N N 332 
SER N    N N N 333 
SER CA   C N S 334 
SER C    C N N 335 
SER O    O N N 336 
SER CB   C N N 337 
SER OG   O N N 338 
SER OXT  O N N 339 
SER H    H N N 340 
SER H2   H N N 341 
SER HA   H N N 342 
SER HB2  H N N 343 
SER HB3  H N N 344 
SER HG   H N N 345 
SER HXT  H N N 346 
SO4 S    S N N 347 
SO4 O1   O N N 348 
SO4 O2   O N N 349 
SO4 O3   O N N 350 
SO4 O4   O N N 351 
THR N    N N N 352 
THR CA   C N S 353 
THR C    C N N 354 
THR O    O N N 355 
THR CB   C N R 356 
THR OG1  O N N 357 
THR CG2  C N N 358 
THR OXT  O N N 359 
THR H    H N N 360 
THR H2   H N N 361 
THR HA   H N N 362 
THR HB   H N N 363 
THR HG1  H N N 364 
THR HG21 H N N 365 
THR HG22 H N N 366 
THR HG23 H N N 367 
THR HXT  H N N 368 
TRP N    N N N 369 
TRP CA   C N S 370 
TRP C    C N N 371 
TRP O    O N N 372 
TRP CB   C N N 373 
TRP CG   C Y N 374 
TRP CD1  C Y N 375 
TRP CD2  C Y N 376 
TRP NE1  N Y N 377 
TRP CE2  C Y N 378 
TRP CE3  C Y N 379 
TRP CZ2  C Y N 380 
TRP CZ3  C Y N 381 
TRP CH2  C Y N 382 
TRP OXT  O N N 383 
TRP H    H N N 384 
TRP H2   H N N 385 
TRP HA   H N N 386 
TRP HB2  H N N 387 
TRP HB3  H N N 388 
TRP HD1  H N N 389 
TRP HE1  H N N 390 
TRP HE3  H N N 391 
TRP HZ2  H N N 392 
TRP HZ3  H N N 393 
TRP HH2  H N N 394 
TRP HXT  H N N 395 
TYR N    N N N 396 
TYR CA   C N S 397 
TYR C    C N N 398 
TYR O    O N N 399 
TYR CB   C N N 400 
TYR CG   C Y N 401 
TYR CD1  C Y N 402 
TYR CD2  C Y N 403 
TYR CE1  C Y N 404 
TYR CE2  C Y N 405 
TYR CZ   C Y N 406 
TYR OH   O N N 407 
TYR OXT  O N N 408 
TYR H    H N N 409 
TYR H2   H N N 410 
TYR HA   H N N 411 
TYR HB2  H N N 412 
TYR HB3  H N N 413 
TYR HD1  H N N 414 
TYR HD2  H N N 415 
TYR HE1  H N N 416 
TYR HE2  H N N 417 
TYR HH   H N N 418 
TYR HXT  H N N 419 
VAL N    N N N 420 
VAL CA   C N S 421 
VAL C    C N N 422 
VAL O    O N N 423 
VAL CB   C N N 424 
VAL CG1  C N N 425 
VAL CG2  C N N 426 
VAL OXT  O N N 427 
VAL H    H N N 428 
VAL H2   H N N 429 
VAL HA   H N N 430 
VAL HB   H N N 431 
VAL HG11 H N N 432 
VAL HG12 H N N 433 
VAL HG13 H N N 434 
VAL HG21 H N N 435 
VAL HG22 H N N 436 
VAL HG23 H N N 437 
VAL HXT  H N N 438 
# 
loop_
_chem_comp_bond.comp_id 
_chem_comp_bond.atom_id_1 
_chem_comp_bond.atom_id_2 
_chem_comp_bond.value_order 
_chem_comp_bond.pdbx_aromatic_flag 
_chem_comp_bond.pdbx_stereo_config 
_chem_comp_bond.pdbx_ordinal 
ALA N   CA   sing N N 1   
ALA N   H    sing N N 2   
ALA N   H2   sing N N 3   
ALA CA  C    sing N N 4   
ALA CA  CB   sing N N 5   
ALA CA  HA   sing N N 6   
ALA C   O    doub N N 7   
ALA C   OXT  sing N N 8   
ALA CB  HB1  sing N N 9   
ALA CB  HB2  sing N N 10  
ALA CB  HB3  sing N N 11  
ALA OXT HXT  sing N N 12  
ARG N   CA   sing N N 13  
ARG N   H    sing N N 14  
ARG N   H2   sing N N 15  
ARG CA  C    sing N N 16  
ARG CA  CB   sing N N 17  
ARG CA  HA   sing N N 18  
ARG C   O    doub N N 19  
ARG C   OXT  sing N N 20  
ARG CB  CG   sing N N 21  
ARG CB  HB2  sing N N 22  
ARG CB  HB3  sing N N 23  
ARG CG  CD   sing N N 24  
ARG CG  HG2  sing N N 25  
ARG CG  HG3  sing N N 26  
ARG CD  NE   sing N N 27  
ARG CD  HD2  sing N N 28  
ARG CD  HD3  sing N N 29  
ARG NE  CZ   sing N N 30  
ARG NE  HE   sing N N 31  
ARG CZ  NH1  sing N N 32  
ARG CZ  NH2  doub N N 33  
ARG NH1 HH11 sing N N 34  
ARG NH1 HH12 sing N N 35  
ARG NH2 HH21 sing N N 36  
ARG NH2 HH22 sing N N 37  
ARG OXT HXT  sing N N 38  
ASN N   CA   sing N N 39  
ASN N   H    sing N N 40  
ASN N   H2   sing N N 41  
ASN CA  C    sing N N 42  
ASN CA  CB   sing N N 43  
ASN CA  HA   sing N N 44  
ASN C   O    doub N N 45  
ASN C   OXT  sing N N 46  
ASN CB  CG   sing N N 47  
ASN CB  HB2  sing N N 48  
ASN CB  HB3  sing N N 49  
ASN CG  OD1  doub N N 50  
ASN CG  ND2  sing N N 51  
ASN ND2 HD21 sing N N 52  
ASN ND2 HD22 sing N N 53  
ASN OXT HXT  sing N N 54  
ASP N   CA   sing N N 55  
ASP N   H    sing N N 56  
ASP N   H2   sing N N 57  
ASP CA  C    sing N N 58  
ASP CA  CB   sing N N 59  
ASP CA  HA   sing N N 60  
ASP C   O    doub N N 61  
ASP C   OXT  sing N N 62  
ASP CB  CG   sing N N 63  
ASP CB  HB2  sing N N 64  
ASP CB  HB3  sing N N 65  
ASP CG  OD1  doub N N 66  
ASP CG  OD2  sing N N 67  
ASP OD2 HD2  sing N N 68  
ASP OXT HXT  sing N N 69  
CYS N   CA   sing N N 70  
CYS N   H    sing N N 71  
CYS N   H2   sing N N 72  
CYS CA  C    sing N N 73  
CYS CA  CB   sing N N 74  
CYS CA  HA   sing N N 75  
CYS C   O    doub N N 76  
CYS C   OXT  sing N N 77  
CYS CB  SG   sing N N 78  
CYS CB  HB2  sing N N 79  
CYS CB  HB3  sing N N 80  
CYS SG  HG   sing N N 81  
CYS OXT HXT  sing N N 82  
GLN N   CA   sing N N 83  
GLN N   H    sing N N 84  
GLN N   H2   sing N N 85  
GLN CA  C    sing N N 86  
GLN CA  CB   sing N N 87  
GLN CA  HA   sing N N 88  
GLN C   O    doub N N 89  
GLN C   OXT  sing N N 90  
GLN CB  CG   sing N N 91  
GLN CB  HB2  sing N N 92  
GLN CB  HB3  sing N N 93  
GLN CG  CD   sing N N 94  
GLN CG  HG2  sing N N 95  
GLN CG  HG3  sing N N 96  
GLN CD  OE1  doub N N 97  
GLN CD  NE2  sing N N 98  
GLN NE2 HE21 sing N N 99  
GLN NE2 HE22 sing N N 100 
GLN OXT HXT  sing N N 101 
GLU N   CA   sing N N 102 
GLU N   H    sing N N 103 
GLU N   H2   sing N N 104 
GLU CA  C    sing N N 105 
GLU CA  CB   sing N N 106 
GLU CA  HA   sing N N 107 
GLU C   O    doub N N 108 
GLU C   OXT  sing N N 109 
GLU CB  CG   sing N N 110 
GLU CB  HB2  sing N N 111 
GLU CB  HB3  sing N N 112 
GLU CG  CD   sing N N 113 
GLU CG  HG2  sing N N 114 
GLU CG  HG3  sing N N 115 
GLU CD  OE1  doub N N 116 
GLU CD  OE2  sing N N 117 
GLU OE2 HE2  sing N N 118 
GLU OXT HXT  sing N N 119 
GLY N   CA   sing N N 120 
GLY N   H    sing N N 121 
GLY N   H2   sing N N 122 
GLY CA  C    sing N N 123 
GLY CA  HA2  sing N N 124 
GLY CA  HA3  sing N N 125 
GLY C   O    doub N N 126 
GLY C   OXT  sing N N 127 
GLY OXT HXT  sing N N 128 
GOL C1  O1   sing N N 129 
GOL C1  C2   sing N N 130 
GOL C1  H11  sing N N 131 
GOL C1  H12  sing N N 132 
GOL O1  HO1  sing N N 133 
GOL C2  O2   sing N N 134 
GOL C2  C3   sing N N 135 
GOL C2  H2   sing N N 136 
GOL O2  HO2  sing N N 137 
GOL C3  O3   sing N N 138 
GOL C3  H31  sing N N 139 
GOL C3  H32  sing N N 140 
GOL O3  HO3  sing N N 141 
HOH O   H1   sing N N 142 
HOH O   H2   sing N N 143 
ILE N   CA   sing N N 144 
ILE N   H    sing N N 145 
ILE N   H2   sing N N 146 
ILE CA  C    sing N N 147 
ILE CA  CB   sing N N 148 
ILE CA  HA   sing N N 149 
ILE C   O    doub N N 150 
ILE C   OXT  sing N N 151 
ILE CB  CG1  sing N N 152 
ILE CB  CG2  sing N N 153 
ILE CB  HB   sing N N 154 
ILE CG1 CD1  sing N N 155 
ILE CG1 HG12 sing N N 156 
ILE CG1 HG13 sing N N 157 
ILE CG2 HG21 sing N N 158 
ILE CG2 HG22 sing N N 159 
ILE CG2 HG23 sing N N 160 
ILE CD1 HD11 sing N N 161 
ILE CD1 HD12 sing N N 162 
ILE CD1 HD13 sing N N 163 
ILE OXT HXT  sing N N 164 
LEU N   CA   sing N N 165 
LEU N   H    sing N N 166 
LEU N   H2   sing N N 167 
LEU CA  C    sing N N 168 
LEU CA  CB   sing N N 169 
LEU CA  HA   sing N N 170 
LEU C   O    doub N N 171 
LEU C   OXT  sing N N 172 
LEU CB  CG   sing N N 173 
LEU CB  HB2  sing N N 174 
LEU CB  HB3  sing N N 175 
LEU CG  CD1  sing N N 176 
LEU CG  CD2  sing N N 177 
LEU CG  HG   sing N N 178 
LEU CD1 HD11 sing N N 179 
LEU CD1 HD12 sing N N 180 
LEU CD1 HD13 sing N N 181 
LEU CD2 HD21 sing N N 182 
LEU CD2 HD22 sing N N 183 
LEU CD2 HD23 sing N N 184 
LEU OXT HXT  sing N N 185 
LYS N   CA   sing N N 186 
LYS N   H    sing N N 187 
LYS N   H2   sing N N 188 
LYS CA  C    sing N N 189 
LYS CA  CB   sing N N 190 
LYS CA  HA   sing N N 191 
LYS C   O    doub N N 192 
LYS C   OXT  sing N N 193 
LYS CB  CG   sing N N 194 
LYS CB  HB2  sing N N 195 
LYS CB  HB3  sing N N 196 
LYS CG  CD   sing N N 197 
LYS CG  HG2  sing N N 198 
LYS CG  HG3  sing N N 199 
LYS CD  CE   sing N N 200 
LYS CD  HD2  sing N N 201 
LYS CD  HD3  sing N N 202 
LYS CE  NZ   sing N N 203 
LYS CE  HE2  sing N N 204 
LYS CE  HE3  sing N N 205 
LYS NZ  HZ1  sing N N 206 
LYS NZ  HZ2  sing N N 207 
LYS NZ  HZ3  sing N N 208 
LYS OXT HXT  sing N N 209 
MET N   CA   sing N N 210 
MET N   H    sing N N 211 
MET N   H2   sing N N 212 
MET CA  C    sing N N 213 
MET CA  CB   sing N N 214 
MET CA  HA   sing N N 215 
MET C   O    doub N N 216 
MET C   OXT  sing N N 217 
MET CB  CG   sing N N 218 
MET CB  HB2  sing N N 219 
MET CB  HB3  sing N N 220 
MET CG  SD   sing N N 221 
MET CG  HG2  sing N N 222 
MET CG  HG3  sing N N 223 
MET SD  CE   sing N N 224 
MET CE  HE1  sing N N 225 
MET CE  HE2  sing N N 226 
MET CE  HE3  sing N N 227 
MET OXT HXT  sing N N 228 
PHE N   CA   sing N N 229 
PHE N   H    sing N N 230 
PHE N   H2   sing N N 231 
PHE CA  C    sing N N 232 
PHE CA  CB   sing N N 233 
PHE CA  HA   sing N N 234 
PHE C   O    doub N N 235 
PHE C   OXT  sing N N 236 
PHE CB  CG   sing N N 237 
PHE CB  HB2  sing N N 238 
PHE CB  HB3  sing N N 239 
PHE CG  CD1  doub Y N 240 
PHE CG  CD2  sing Y N 241 
PHE CD1 CE1  sing Y N 242 
PHE CD1 HD1  sing N N 243 
PHE CD2 CE2  doub Y N 244 
PHE CD2 HD2  sing N N 245 
PHE CE1 CZ   doub Y N 246 
PHE CE1 HE1  sing N N 247 
PHE CE2 CZ   sing Y N 248 
PHE CE2 HE2  sing N N 249 
PHE CZ  HZ   sing N N 250 
PHE OXT HXT  sing N N 251 
PLM C1  O1   sing N N 252 
PLM C1  O2   doub N N 253 
PLM C1  C2   sing N N 254 
PLM O1  H    sing N N 255 
PLM C2  C3   sing N N 256 
PLM C2  H21  sing N N 257 
PLM C2  H22  sing N N 258 
PLM C3  C4   sing N N 259 
PLM C3  H31  sing N N 260 
PLM C3  H32  sing N N 261 
PLM C4  C5   sing N N 262 
PLM C4  H41  sing N N 263 
PLM C4  H42  sing N N 264 
PLM C5  C6   sing N N 265 
PLM C5  H51  sing N N 266 
PLM C5  H52  sing N N 267 
PLM C6  C7   sing N N 268 
PLM C6  H61  sing N N 269 
PLM C6  H62  sing N N 270 
PLM C7  C8   sing N N 271 
PLM C7  H71  sing N N 272 
PLM C7  H72  sing N N 273 
PLM C8  C9   sing N N 274 
PLM C8  H81  sing N N 275 
PLM C8  H82  sing N N 276 
PLM C9  CA   sing N N 277 
PLM C9  H91  sing N N 278 
PLM C9  H92  sing N N 279 
PLM CA  CB   sing N N 280 
PLM CA  HA1  sing N N 281 
PLM CA  HA2  sing N N 282 
PLM CB  CC   sing N N 283 
PLM CB  HB1  sing N N 284 
PLM CB  HB2  sing N N 285 
PLM CC  CD   sing N N 286 
PLM CC  HC1  sing N N 287 
PLM CC  HC2  sing N N 288 
PLM CD  CE   sing N N 289 
PLM CD  HD1  sing N N 290 
PLM CD  HD2  sing N N 291 
PLM CE  CF   sing N N 292 
PLM CE  HE1  sing N N 293 
PLM CE  HE2  sing N N 294 
PLM CF  CG   sing N N 295 
PLM CF  HF1  sing N N 296 
PLM CF  HF2  sing N N 297 
PLM CG  HG1  sing N N 298 
PLM CG  HG2  sing N N 299 
PLM CG  HG3  sing N N 300 
PRO N   CA   sing N N 301 
PRO N   CD   sing N N 302 
PRO N   H    sing N N 303 
PRO CA  C    sing N N 304 
PRO CA  CB   sing N N 305 
PRO CA  HA   sing N N 306 
PRO C   O    doub N N 307 
PRO C   OXT  sing N N 308 
PRO CB  CG   sing N N 309 
PRO CB  HB2  sing N N 310 
PRO CB  HB3  sing N N 311 
PRO CG  CD   sing N N 312 
PRO CG  HG2  sing N N 313 
PRO CG  HG3  sing N N 314 
PRO CD  HD2  sing N N 315 
PRO CD  HD3  sing N N 316 
PRO OXT HXT  sing N N 317 
SER N   CA   sing N N 318 
SER N   H    sing N N 319 
SER N   H2   sing N N 320 
SER CA  C    sing N N 321 
SER CA  CB   sing N N 322 
SER CA  HA   sing N N 323 
SER C   O    doub N N 324 
SER C   OXT  sing N N 325 
SER CB  OG   sing N N 326 
SER CB  HB2  sing N N 327 
SER CB  HB3  sing N N 328 
SER OG  HG   sing N N 329 
SER OXT HXT  sing N N 330 
SO4 S   O1   doub N N 331 
SO4 S   O2   doub N N 332 
SO4 S   O3   sing N N 333 
SO4 S   O4   sing N N 334 
THR N   CA   sing N N 335 
THR N   H    sing N N 336 
THR N   H2   sing N N 337 
THR CA  C    sing N N 338 
THR CA  CB   sing N N 339 
THR CA  HA   sing N N 340 
THR C   O    doub N N 341 
THR C   OXT  sing N N 342 
THR CB  OG1  sing N N 343 
THR CB  CG2  sing N N 344 
THR CB  HB   sing N N 345 
THR OG1 HG1  sing N N 346 
THR CG2 HG21 sing N N 347 
THR CG2 HG22 sing N N 348 
THR CG2 HG23 sing N N 349 
THR OXT HXT  sing N N 350 
TRP N   CA   sing N N 351 
TRP N   H    sing N N 352 
TRP N   H2   sing N N 353 
TRP CA  C    sing N N 354 
TRP CA  CB   sing N N 355 
TRP CA  HA   sing N N 356 
TRP C   O    doub N N 357 
TRP C   OXT  sing N N 358 
TRP CB  CG   sing N N 359 
TRP CB  HB2  sing N N 360 
TRP CB  HB3  sing N N 361 
TRP CG  CD1  doub Y N 362 
TRP CG  CD2  sing Y N 363 
TRP CD1 NE1  sing Y N 364 
TRP CD1 HD1  sing N N 365 
TRP CD2 CE2  doub Y N 366 
TRP CD2 CE3  sing Y N 367 
TRP NE1 CE2  sing Y N 368 
TRP NE1 HE1  sing N N 369 
TRP CE2 CZ2  sing Y N 370 
TRP CE3 CZ3  doub Y N 371 
TRP CE3 HE3  sing N N 372 
TRP CZ2 CH2  doub Y N 373 
TRP CZ2 HZ2  sing N N 374 
TRP CZ3 CH2  sing Y N 375 
TRP CZ3 HZ3  sing N N 376 
TRP CH2 HH2  sing N N 377 
TRP OXT HXT  sing N N 378 
TYR N   CA   sing N N 379 
TYR N   H    sing N N 380 
TYR N   H2   sing N N 381 
TYR CA  C    sing N N 382 
TYR CA  CB   sing N N 383 
TYR CA  HA   sing N N 384 
TYR C   O    doub N N 385 
TYR C   OXT  sing N N 386 
TYR CB  CG   sing N N 387 
TYR CB  HB2  sing N N 388 
TYR CB  HB3  sing N N 389 
TYR CG  CD1  doub Y N 390 
TYR CG  CD2  sing Y N 391 
TYR CD1 CE1  sing Y N 392 
TYR CD1 HD1  sing N N 393 
TYR CD2 CE2  doub Y N 394 
TYR CD2 HD2  sing N N 395 
TYR CE1 CZ   doub Y N 396 
TYR CE1 HE1  sing N N 397 
TYR CE2 CZ   sing Y N 398 
TYR CE2 HE2  sing N N 399 
TYR CZ  OH   sing N N 400 
TYR OH  HH   sing N N 401 
TYR OXT HXT  sing N N 402 
VAL N   CA   sing N N 403 
VAL N   H    sing N N 404 
VAL N   H2   sing N N 405 
VAL CA  C    sing N N 406 
VAL CA  CB   sing N N 407 
VAL CA  HA   sing N N 408 
VAL C   O    doub N N 409 
VAL C   OXT  sing N N 410 
VAL CB  CG1  sing N N 411 
VAL CB  CG2  sing N N 412 
VAL CB  HB   sing N N 413 
VAL CG1 HG11 sing N N 414 
VAL CG1 HG12 sing N N 415 
VAL CG1 HG13 sing N N 416 
VAL CG2 HG21 sing N N 417 
VAL CG2 HG22 sing N N 418 
VAL CG2 HG23 sing N N 419 
VAL OXT HXT  sing N N 420 
# 
_pdbx_initial_refinement_model.id               1 
_pdbx_initial_refinement_model.entity_id_list   ? 
_pdbx_initial_refinement_model.type             'experimental model' 
_pdbx_initial_refinement_model.source_name      PDB 
_pdbx_initial_refinement_model.accession_code   2WUT 
_pdbx_initial_refinement_model.details          'PDB ENTRY 2WUT' 
# 
_atom_sites.entry_id                    4A8Z 
_atom_sites.fract_transf_matrix[1][1]   0.00305715 
_atom_sites.fract_transf_matrix[1][2]   0.00913706 
_atom_sites.fract_transf_matrix[1][3]   0.01177945 
_atom_sites.fract_transf_matrix[2][1]   0.01476133 
_atom_sites.fract_transf_matrix[2][2]   -0.00017411 
_atom_sites.fract_transf_matrix[2][3]   -0.00369599 
_atom_sites.fract_transf_matrix[3][1]   -0.00135350 
_atom_sites.fract_transf_matrix[3][2]   0.00790174 
_atom_sites.fract_transf_matrix[3][3]   -0.00577793 
_atom_sites.fract_transf_vector[1]      -0.008754 
_atom_sites.fract_transf_vector[2]      0.320830 
_atom_sites.fract_transf_vector[3]      -0.007311 
# 
loop_
_atom_type.symbol 
C 
H 
N 
O 
S 
# 
loop_
_atom_site.group_PDB 
_atom_site.id 
_atom_site.type_symbol 
_atom_site.label_atom_id 
_atom_site.label_alt_id 
_atom_site.label_comp_id 
_atom_site.label_asym_id 
_atom_site.label_entity_id 
_atom_site.label_seq_id 
_atom_site.pdbx_PDB_ins_code 
_atom_site.Cartn_x 
_atom_site.Cartn_y 
_atom_site.Cartn_z 
_atom_site.occupancy 
_atom_site.B_iso_or_equiv 
_atom_site.pdbx_formal_charge 
_atom_site.auth_seq_id 
_atom_site.auth_comp_id 
_atom_site.auth_asym_id 
_atom_site.auth_atom_id 
_atom_site.pdbx_PDB_model_num 
ATOM   1    N N   . GLY A 1 1   ? -18.270 7.333   -1.070  1.00 43.73  ? -1   GLY A N   1 
ATOM   2    C CA  . GLY A 1 1   ? -17.243 6.317   -0.710  1.00 41.85  ? -1   GLY A CA  1 
ATOM   3    C C   . GLY A 1 1   ? -16.076 6.334   -1.676  1.00 37.94  ? -1   GLY A C   1 
ATOM   4    O O   . GLY A 1 1   ? -15.878 7.293   -2.430  1.00 34.85  ? -1   GLY A O   1 
ATOM   5    H HA  . GLY A 1 1   ? -17.642 5.433   -0.723  1.00 50.22  ? -1   GLY A HA  1 
ATOM   6    N N   . MET A 1 2   ? -15.281 5.273   -1.658  1.00 35.49  ? 0    MET A N   1 
ATOM   7    C CA  . MET A 1 2   ? -14.156 5.186   -2.568  1.00 32.84  ? 0    MET A CA  1 
ATOM   8    C C   . MET A 1 2   ? -14.659 5.273   -4.012  1.00 32.21  ? 0    MET A C   1 
ATOM   9    O O   . MET A 1 2   ? -15.599 4.571   -4.394  1.00 31.63  ? 0    MET A O   1 
ATOM   10   C CB  . MET A 1 2   ? -13.433 3.860   -2.363  1.00 30.22  ? 0    MET A CB  1 
ATOM   11   C CG  . MET A 1 2   ? -12.243 3.693   -3.269  1.00 29.33  ? 0    MET A CG  1 
ATOM   12   S SD  . MET A 1 2   ? -11.513 2.064   -3.096  1.00 28.86  ? 0    MET A SD  1 
ATOM   13   C CE  . MET A 1 2   ? -12.794 1.007   -3.778  1.00 33.36  ? 0    MET A CE  1 
ATOM   14   H H   . MET A 1 2   ? -15.372 4.597   -1.133  1.00 42.59  ? 0    MET A H   1 
ATOM   15   N N   . SER A 1 3   ? -14.030 6.114   -4.818  1.00 28.67  ? 1    SER A N   1 
ATOM   16   C CA  . SER A 1 3   ? -14.373 6.197   -6.226  1.00 32.20  ? 1    SER A CA  1 
ATOM   17   C C   . SER A 1 3   ? -14.206 4.852   -6.930  1.00 36.73  ? 1    SER A C   1 
ATOM   18   O O   . SER A 1 3   ? -13.215 4.143   -6.723  1.00 30.48  ? 1    SER A O   1 
ATOM   19   C CB  . SER A 1 3   ? -13.497 7.239   -6.921  1.00 38.08  ? 1    SER A CB  1 
ATOM   20   O OG  . SER A 1 3   ? -13.564 7.088   -8.326  1.00 31.98  ? 1    SER A OG  1 
ATOM   21   H H   . SER A 1 3   ? -13.400 6.648   -4.573  1.00 34.40  ? 1    SER A H   1 
ATOM   22   N N   . ASN A 1 4   ? -15.183 4.502   -7.763  1.00 29.67  ? 2    ASN A N   1 
ATOM   23   C CA  . ASN A 1 4   ? -15.090 3.319   -8.613  1.00 30.75  ? 2    ASN A CA  1 
ATOM   24   C C   . ASN A 1 4   ? -13.895 3.379   -9.565  1.00 28.96  ? 2    ASN A C   1 
ATOM   25   O O   . ASN A 1 4   ? -13.455 2.351   -10.087 1.00 30.35  ? 2    ASN A O   1 
ATOM   26   C CB  . ASN A 1 4   ? -16.386 3.140   -9.423  1.00 37.99  ? 2    ASN A CB  1 
ATOM   27   C CG  . ASN A 1 4   ? -17.544 2.704   -8.565  1.00 39.58  ? 2    ASN A CG  1 
ATOM   28   O OD1 . ASN A 1 4   ? -17.356 2.014   -7.553  1.00 39.81  ? 2    ASN A OD1 1 
ATOM   29   N ND2 . ASN A 1 4   ? -18.748 3.107   -8.944  1.00 39.45  ? 2    ASN A ND2 1 
ATOM   30   H H   . ASN A 1 4   ? -15.918 4.938   -7.855  1.00 35.60  ? 2    ASN A H   1 
ATOM   31   N N   . LYS A 1 5   ? -13.362 4.568   -9.799  1.00 26.42  ? 3    LYS A N   1 
ATOM   32   C CA  . LYS A 1 5   ? -12.174 4.674   -10.636 1.00 28.74  ? 3    LYS A CA  1 
ATOM   33   C C   . LYS A 1 5   ? -10.963 3.907   -10.024 1.00 28.51  ? 3    LYS A C   1 
ATOM   34   O O   . LYS A 1 5   ? -10.002 3.607   -10.735 1.00 27.84  ? 3    LYS A O   1 
ATOM   35   C CB  . LYS A 1 5   ? -11.815 6.141   -10.876 1.00 30.34  ? 3    LYS A CB  1 
ATOM   36   C CG  . LYS A 1 5   ? -12.948 6.928   -11.592 1.00 36.43  ? 3    LYS A CG  1 
ATOM   37   C CD  . LYS A 1 5   ? -12.496 8.349   -11.920 1.00 38.33  ? 3    LYS A CD  1 
ATOM   38   C CE  . LYS A 1 5   ? -13.679 9.301   -12.105 1.00 52.75  ? 3    LYS A CE  1 
ATOM   39   N NZ  . LYS A 1 5   ? -13.704 9.893   -13.465 1.00 56.60  ? 3    LYS A NZ  1 
ATOM   40   H H   . LYS A 1 5   ? -13.660 5.313   -9.493  1.00 31.70  ? 3    LYS A H   1 
ATOM   41   N N   . PHE A 1 6   ? -11.003 3.597   -8.727  1.00 23.84  ? 4    PHE A N   1 
ATOM   42   C CA  . PHE A 1 6   ? -9.907  2.802   -8.125  1.00 26.82  ? 4    PHE A CA  1 
ATOM   43   C C   . PHE A 1 6   ? -9.981  1.339   -8.536  1.00 32.38  ? 4    PHE A C   1 
ATOM   44   O O   . PHE A 1 6   ? -8.986  0.624   -8.500  1.00 29.22  ? 4    PHE A O   1 
ATOM   45   C CB  . PHE A 1 6   ? -9.950  2.859   -6.590  1.00 24.15  ? 4    PHE A CB  1 
ATOM   46   C CG  . PHE A 1 6   ? -9.298  4.079   -6.008  1.00 25.42  ? 4    PHE A CG  1 
ATOM   47   C CD1 . PHE A 1 6   ? -7.913  4.140   -5.860  1.00 25.40  ? 4    PHE A CD1 1 
ATOM   48   C CD2 . PHE A 1 6   ? -10.062 5.161   -5.593  1.00 26.81  ? 4    PHE A CD2 1 
ATOM   49   C CE1 . PHE A 1 6   ? -7.301  5.273   -5.319  1.00 23.90  ? 4    PHE A CE1 1 
ATOM   50   C CE2 . PHE A 1 6   ? -9.463  6.304   -5.040  1.00 28.62  ? 4    PHE A CE2 1 
ATOM   51   C CZ  . PHE A 1 6   ? -8.071  6.350   -4.890  1.00 27.08  ? 4    PHE A CZ  1 
ATOM   52   H H   . PHE A 1 6   ? -11.629 3.823   -8.181  1.00 28.61  ? 4    PHE A H   1 
ATOM   53   N N   . LEU A 1 7   ? -11.179 0.897   -8.897  1.00 29.52  ? 5    LEU A N   1 
ATOM   54   C CA  . LEU A 1 7   ? -11.438 -0.508  -9.122  1.00 27.01  ? 5    LEU A CA  1 
ATOM   55   C C   . LEU A 1 7   ? -10.730 -0.993  -10.373 1.00 29.55  ? 5    LEU A C   1 
ATOM   56   O O   . LEU A 1 7   ? -10.852 -0.384  -11.437 1.00 28.32  ? 5    LEU A O   1 
ATOM   57   C CB  . LEU A 1 7   ? -12.941 -0.733  -9.268  1.00 32.58  ? 5    LEU A CB  1 
ATOM   58   C CG  . LEU A 1 7   ? -13.786 -0.429  -8.034  1.00 32.76  ? 5    LEU A CG  1 
ATOM   59   C CD1 . LEU A 1 7   ? -15.261 -0.531  -8.393  1.00 35.00  ? 5    LEU A CD1 1 
ATOM   60   C CD2 . LEU A 1 7   ? -13.425 -1.371  -6.870  1.00 28.32  ? 5    LEU A CD2 1 
ATOM   61   H H   . LEU A 1 7   ? -11.864 1.402   -9.018  1.00 35.42  ? 5    LEU A H   1 
ATOM   62   N N   . GLY A 1 8   ? -9.992  -2.094  -10.251 1.00 30.39  ? 6    GLY A N   1 
ATOM   63   C CA  . GLY A 1 8   ? -9.341  -2.669  -11.411 1.00 34.66  ? 6    GLY A CA  1 
ATOM   64   C C   . GLY A 1 8   ? -7.960  -3.210  -11.102 1.00 29.23  ? 6    GLY A C   1 
ATOM   65   O O   . GLY A 1 8   ? -7.585  -3.386  -9.930  1.00 26.29  ? 6    GLY A O   1 
ATOM   66   H H   . GLY A 1 8   ? -9.856  -2.518  -9.515  1.00 36.47  ? 6    GLY A H   1 
ATOM   67   N N   . THR A 1 9   ? -7.204  -3.463  -12.160 1.00 27.54  ? 7    THR A N   1 
ATOM   68   C CA  . THR A 1 9   ? -5.858  -4.026  -12.040 1.00 34.45  ? 7    THR A CA  1 
ATOM   69   C C   . THR A 1 9   ? -4.836  -2.977  -12.450 1.00 31.55  ? 7    THR A C   1 
ATOM   70   O O   . THR A 1 9   ? -4.997  -2.313  -13.466 1.00 31.89  ? 7    THR A O   1 
ATOM   71   C CB  . THR A 1 9   ? -5.711  -5.274  -12.917 1.00 35.48  ? 7    THR A CB  1 
ATOM   72   O OG1 . THR A 1 9   ? -6.655  -6.249  -12.478 1.00 35.78  ? 7    THR A OG1 1 
ATOM   73   C CG2 . THR A 1 9   ? -4.308  -5.865  -12.843 1.00 30.53  ? 7    THR A CG2 1 
ATOM   74   H H   . THR A 1 9   ? -7.448  -3.317  -12.972 1.00 33.05  ? 7    THR A H   1 
ATOM   75   N N   . TRP A 1 10  ? -3.796  -2.837  -11.640 1.00 28.70  ? 8    TRP A N   1 
ATOM   76   C CA  . TRP A 1 10  ? -2.837  -1.735  -11.747 1.00 27.49  ? 8    TRP A CA  1 
ATOM   77   C C   . TRP A 1 10  ? -1.440  -2.307  -11.732 1.00 29.84  ? 8    TRP A C   1 
ATOM   78   O O   . TRP A 1 10  ? -1.116  -3.139  -10.876 1.00 29.31  ? 8    TRP A O   1 
ATOM   79   C CB  . TRP A 1 10  ? -2.957  -0.805  -10.535 1.00 24.26  ? 8    TRP A CB  1 
ATOM   80   C CG  . TRP A 1 10  ? -4.264  -0.145  -10.372 1.00 26.81  ? 8    TRP A CG  1 
ATOM   81   C CD1 . TRP A 1 10  ? -5.350  -0.586  -9.660  1.00 28.13  ? 8    TRP A CD1 1 
ATOM   82   C CD2 . TRP A 1 10  ? -4.634  1.133   -10.917 1.00 26.40  ? 8    TRP A CD2 1 
ATOM   83   N NE1 . TRP A 1 10  ? -6.371  0.340   -9.742  1.00 29.80  ? 8    TRP A NE1 1 
ATOM   84   C CE2 . TRP A 1 10  ? -5.955  1.398   -10.511 1.00 24.61  ? 8    TRP A CE2 1 
ATOM   85   C CE3 . TRP A 1 10  ? -3.970  2.063   -11.718 1.00 24.00  ? 8    TRP A CE3 1 
ATOM   86   C CZ2 . TRP A 1 10  ? -6.637  2.558   -10.881 1.00 26.90  ? 8    TRP A CZ2 1 
ATOM   87   C CZ3 . TRP A 1 10  ? -4.649  3.240   -12.090 1.00 28.27  ? 8    TRP A CZ3 1 
ATOM   88   C CH2 . TRP A 1 10  ? -5.964  3.471   -11.665 1.00 29.74  ? 8    TRP A CH2 1 
ATOM   89   H H   . TRP A 1 10  ? -3.614  -3.383  -11.000 1.00 34.44  ? 8    TRP A H   1 
ATOM   90   N N   . LYS A 1 11  ? -0.598  -1.848  -12.640 1.00 27.48  ? 9    LYS A N   1 
ATOM   91   C CA  . LYS A 1 11  ? 0.760   -2.365  -12.757 1.00 30.89  ? 9    LYS A CA  1 
ATOM   92   C C   . LYS A 1 11  ? 1.783   -1.281  -12.414 1.00 31.57  ? 9    LYS A C   1 
ATOM   93   O O   . LYS A 1 11  ? 1.676   -0.143  -12.887 1.00 27.04  ? 9    LYS A O   1 
ATOM   94   C CB  . LYS A 1 11  ? 0.992   -2.865  -14.183 1.00 32.33  ? 9    LYS A CB  1 
ATOM   95   C CG  . LYS A 1 11  ? 2.428   -3.260  -14.479 1.00 37.00  ? 9    LYS A CG  1 
ATOM   96   C CD  . LYS A 1 11  ? 2.831   -4.588  -13.810 1.00 38.82  ? 9    LYS A CD  1 
ATOM   97   C CE  . LYS A 1 11  ? 4.273   -4.985  -14.171 1.00 37.86  ? 9    LYS A CE  1 
ATOM   98   N NZ  . LYS A 1 11  ? 4.539   -6.401  -13.773 1.00 41.00  ? 9    LYS A NZ  1 
ATOM   99   H H   . LYS A 1 11  ? -0.788  -1.230  -13.207 1.00 32.98  ? 9    LYS A H   1 
ATOM   100  N N   . LEU A 1 12  ? 2.777   -1.623  -11.590 1.00 22.92  ? 10   LEU A N   1 
ATOM   101  C CA  . LEU A 1 12  ? 3.779   -0.645  -11.184 1.00 24.00  ? 10   LEU A CA  1 
ATOM   102  C C   . LEU A 1 12  ? 4.587   -0.190  -12.384 1.00 30.01  ? 10   LEU A C   1 
ATOM   103  O O   . LEU A 1 12  ? 5.180   -1.021  -13.066 1.00 28.67  ? 10   LEU A O   1 
ATOM   104  C CB  . LEU A 1 12  ? 4.751   -1.245  -10.152 1.00 28.28  ? 10   LEU A CB  1 
ATOM   105  C CG  . LEU A 1 12  ? 5.808   -0.241  -9.643  1.00 26.50  ? 10   LEU A CG  1 
ATOM   106  C CD1 . LEU A 1 12  ? 5.180   0.760   -8.693  1.00 23.72  ? 10   LEU A CD1 1 
ATOM   107  C CD2 . LEU A 1 12  ? 6.992   -0.974  -8.954  1.00 23.68  ? 10   LEU A CD2 1 
ATOM   108  H H   . LEU A 1 12  ? 2.890   -2.406  -11.257 1.00 27.50  ? 10   LEU A H   1 
ATOM   109  N N   . VAL A 1 13  ? 4.631   1.120   -12.637 1.00 27.25  ? 11   VAL A N   1 
ATOM   110  C CA  . VAL A 1 13  ? 5.498   1.630   -13.693 1.00 30.18  ? 11   VAL A CA  1 
ATOM   111  C C   . VAL A 1 13  ? 6.659   2.500   -13.210 1.00 30.52  ? 11   VAL A C   1 
ATOM   112  O O   . VAL A 1 13  ? 7.572   2.780   -13.983 1.00 32.54  ? 11   VAL A O   1 
ATOM   113  C CB  . VAL A 1 13  ? 4.685   2.404   -14.757 1.00 29.02  ? 11   VAL A CB  1 
ATOM   114  C CG1 . VAL A 1 13  ? 3.724   1.440   -15.467 1.00 34.10  ? 11   VAL A CG1 1 
ATOM   115  C CG2 . VAL A 1 13  ? 3.918   3.588   -14.126 1.00 28.13  ? 11   VAL A CG2 1 
ATOM   116  H H   . VAL A 1 13  ? 4.178   1.720   -12.220 1.00 32.70  ? 11   VAL A H   1 
ATOM   117  N N   . SER A 1 14  ? 6.645   2.911   -11.945 1.00 26.82  ? 12   SER A N   1 
ATOM   118  C CA  . SER A 1 14  ? 7.704   3.768   -11.429 1.00 22.41  ? 12   SER A CA  1 
ATOM   119  C C   . SER A 1 14  ? 7.801   3.652   -9.928  1.00 22.85  ? 12   SER A C   1 
ATOM   120  O O   . SER A 1 14  ? 6.793   3.561   -9.249  1.00 23.75  ? 12   SER A O   1 
ATOM   121  C CB  . SER A 1 14  ? 7.399   5.237   -11.790 1.00 25.16  ? 12   SER A CB  1 
ATOM   122  O OG  . SER A 1 14  ? 8.346   6.097   -11.190 1.00 28.86  ? 12   SER A OG  1 
ATOM   123  H H   . SER A 1 14  ? 6.038   2.709   -11.371 1.00 32.18  ? 12   SER A H   1 
ATOM   124  N N   . SER A 1 15  ? 9.013   3.673   -9.400  1.00 22.57  ? 13   SER A N   1 
ATOM   125  C CA  . SER A 1 15  ? 9.177   3.635   -7.959  1.00 26.44  ? 13   SER A CA  1 
ATOM   126  C C   . SER A 1 15  ? 10.350  4.523   -7.586  1.00 29.33  ? 13   SER A C   1 
ATOM   127  O O   . SER A 1 15  ? 11.412  4.437   -8.185  1.00 29.40  ? 13   SER A O   1 
ATOM   128  C CB  . SER A 1 15  ? 9.419   2.183   -7.493  1.00 23.84  ? 13   SER A CB  1 
ATOM   129  O OG  . SER A 1 15  ? 9.688   2.121   -6.107  1.00 24.70  ? 13   SER A OG  1 
ATOM   130  H H   . SER A 1 15  ? 9.748   3.709   -9.846  1.00 27.08  ? 13   SER A H   1 
ATOM   131  N N   . GLU A 1 16  ? 10.148  5.372   -6.590  1.00 21.68  ? 14   GLU A N   1 
ATOM   132  C CA  . GLU A 1 16  ? 11.178  6.303   -6.164  1.00 23.91  ? 14   GLU A CA  1 
ATOM   133  C C   . GLU A 1 16  ? 11.352  6.260   -4.654  1.00 25.23  ? 14   GLU A C   1 
ATOM   134  O O   . GLU A 1 16  ? 10.391  6.468   -3.911  1.00 24.32  ? 14   GLU A O   1 
ATOM   135  C CB  . GLU A 1 16  ? 10.799  7.731   -6.613  1.00 27.70  ? 14   GLU A CB  1 
ATOM   136  C CG  . GLU A 1 16  ? 11.816  8.761   -6.196  1.00 31.16  ? 14   GLU A CG  1 
ATOM   137  C CD  . GLU A 1 16  ? 11.449  9.519   -4.928  1.00 29.12  ? 14   GLU A CD  1 
ATOM   138  O OE1 . GLU A 1 16  ? 10.253  9.861   -4.719  1.00 32.15  ? 14   GLU A OE1 1 
ATOM   139  O OE2 . GLU A 1 16  ? 12.381  9.812   -4.147  1.00 31.59  ? 14   GLU A OE2 1 
ATOM   140  H H   . GLU A 1 16  ? 9.417   5.430   -6.141  1.00 26.02  ? 14   GLU A H   1 
ATOM   141  N N   . ASN A 1 17  ? 12.581  5.996   -4.205  1.00 24.57  ? 15   ASN A N   1 
ATOM   142  C CA  . ASN A 1 17  ? 12.918  5.973   -2.774  1.00 23.61  ? 15   ASN A CA  1 
ATOM   143  C C   . ASN A 1 17  ? 12.355  4.775   -2.019  1.00 23.70  ? 15   ASN A C   1 
ATOM   144  O O   . ASN A 1 17  ? 12.263  4.798   -0.788  1.00 21.27  ? 15   ASN A O   1 
ATOM   145  C CB  . ASN A 1 17  ? 12.462  7.252   -2.051  1.00 26.67  ? 15   ASN A CB  1 
ATOM   146  C CG  . ASN A 1 17  ? 13.430  7.666   -0.927  1.00 26.80  ? 15   ASN A CG  1 
ATOM   147  O OD1 . ASN A 1 17  ? 14.623  7.385   -1.008  1.00 29.05  ? 15   ASN A OD1 1 
ATOM   148  N ND2 . ASN A 1 17  ? 12.922  8.325   0.113   1.00 26.13  ? 15   ASN A ND2 1 
ATOM   149  H HA  . ASN A 1 17  ? 13.894  5.930   -2.694  1.00 28.33  ? 15   ASN A HA  1 
ATOM   150  N N   . PHE A 1 18  ? 11.978  3.743   -2.750  1.00 21.74  ? 16   PHE A N   1 
ATOM   151  C CA  . PHE A 1 18  ? 11.472  2.517   -2.087  1.00 23.75  ? 16   PHE A CA  1 
ATOM   152  C C   . PHE A 1 18  ? 12.542  1.856   -1.206  1.00 22.36  ? 16   PHE A C   1 
ATOM   153  O O   . PHE A 1 18  ? 12.231  1.304   -0.142  1.00 23.43  ? 16   PHE A O   1 
ATOM   154  C CB  . PHE A 1 18  ? 10.979  1.543   -3.150  1.00 20.54  ? 16   PHE A CB  1 
ATOM   155  C CG  . PHE A 1 18  ? 10.102  0.418   -2.601  1.00 22.42  ? 16   PHE A CG  1 
ATOM   156  C CD1 . PHE A 1 18  ? 9.050   0.693   -1.726  1.00 23.27  ? 16   PHE A CD1 1 
ATOM   157  C CD2 . PHE A 1 18  ? 10.339  -0.890  -2.974  1.00 24.65  ? 16   PHE A CD2 1 
ATOM   158  C CE1 . PHE A 1 18  ? 8.230   -0.347  -1.229  1.00 22.57  ? 16   PHE A CE1 1 
ATOM   159  C CE2 . PHE A 1 18  ? 9.526   -1.944  -2.481  1.00 26.27  ? 16   PHE A CE2 1 
ATOM   160  C CZ  . PHE A 1 18  ? 8.479   -1.670  -1.640  1.00 24.30  ? 16   PHE A CZ  1 
ATOM   161  H H   . PHE A 1 18  ? 11.998  3.710   -3.609  1.00 26.09  ? 16   PHE A H   1 
ATOM   162  N N   . ASP A 1 19  ? 13.800  1.898   -1.625  1.00 21.43  ? 17   ASP A N   1 
ATOM   163  C CA  . ASP A 1 19  ? 14.851  1.250   -0.806  1.00 25.11  ? 17   ASP A CA  1 
ATOM   164  C C   . ASP A 1 19  ? 14.932  1.853   0.602   1.00 29.31  ? 17   ASP A C   1 
ATOM   165  O O   . ASP A 1 19  ? 14.907  1.129   1.605   1.00 25.42  ? 17   ASP A O   1 
ATOM   166  C CB  . ASP A 1 19  ? 16.211  1.334   -1.497  1.00 27.15  ? 17   ASP A CB  1 
ATOM   167  C CG  . ASP A 1 19  ? 17.267  0.450   -0.815  1.00 33.70  ? 17   ASP A CG  1 
ATOM   168  O OD1 . ASP A 1 19  ? 17.020  -0.748  -0.661  1.00 29.04  ? 17   ASP A OD1 1 
ATOM   169  O OD2 . ASP A 1 19  ? 18.329  0.960   -0.424  1.00 30.43  ? 17   ASP A OD2 1 
ATOM   170  H H   . ASP A 1 19  ? 14.075  2.275   -2.347  1.00 25.72  ? 17   ASP A H   1 
ATOM   171  N N   . ASP A 1 20  ? 15.024  3.185   0.698   1.00 25.95  ? 18   ASP A N   1 
ATOM   172  C CA  . ASP A 1 20  ? 15.058  3.845   2.003   1.00 26.77  ? 18   ASP A CA  1 
ATOM   173  C C   . ASP A 1 20  ? 13.787  3.640   2.794   1.00 24.96  ? 18   ASP A C   1 
ATOM   174  O O   . ASP A 1 20  ? 13.819  3.581   4.017   1.00 26.06  ? 18   ASP A O   1 
ATOM   175  C CB  . ASP A 1 20  ? 15.284  5.368   1.849   1.00 30.38  ? 18   ASP A CB  1 
ATOM   176  C CG  . ASP A 1 20  ? 16.728  5.714   1.562   1.00 37.60  ? 18   ASP A CG  1 
ATOM   177  O OD1 . ASP A 1 20  ? 17.578  4.795   1.500   1.00 31.94  ? 18   ASP A OD1 1 
ATOM   178  O OD2 . ASP A 1 20  ? 17.018  6.919   1.416   1.00 33.20  ? 18   ASP A OD2 1 
ATOM   179  H H   . ASP A 1 20  ? 15.068  3.721   0.027   1.00 31.14  ? 18   ASP A H   1 
ATOM   180  N N   . TYR A 1 21  ? 12.649  3.575   2.108   1.00 23.33  ? 19   TYR A N   1 
ATOM   181  C CA  . TYR A 1 21  ? 11.395  3.266   2.791   1.00 22.25  ? 19   TYR A CA  1 
ATOM   182  C C   . TYR A 1 21  ? 11.495  1.837   3.410   1.00 21.41  ? 19   TYR A C   1 
ATOM   183  O O   . TYR A 1 21  ? 11.199  1.647   4.573   1.00 24.35  ? 19   TYR A O   1 
ATOM   184  C CB  . TYR A 1 21  ? 10.181  3.369   1.824   1.00 23.27  ? 19   TYR A CB  1 
ATOM   185  C CG  . TYR A 1 21  ? 8.879   2.983   2.487   1.00 25.87  ? 19   TYR A CG  1 
ATOM   186  C CD1 . TYR A 1 21  ? 8.298   3.789   3.459   1.00 21.47  ? 19   TYR A CD1 1 
ATOM   187  C CD2 . TYR A 1 21  ? 8.243   1.783   2.161   1.00 24.19  ? 19   TYR A CD2 1 
ATOM   188  C CE1 . TYR A 1 21  ? 7.106   3.424   4.080   1.00 23.19  ? 19   TYR A CE1 1 
ATOM   189  C CE2 . TYR A 1 21  ? 7.062   1.405   2.772   1.00 23.62  ? 19   TYR A CE2 1 
ATOM   190  C CZ  . TYR A 1 21  ? 6.499   2.210   3.739   1.00 24.91  ? 19   TYR A CZ  1 
ATOM   191  O OH  . TYR A 1 21  ? 5.330   1.811   4.343   1.00 25.09  ? 19   TYR A OH  1 
ATOM   192  H H   . TYR A 1 21  ? 12.576  3.704   1.261   1.00 28.00  ? 19   TYR A H   1 
ATOM   193  N N   . MET A 1 22  ? 11.927  0.857   2.632   1.00 23.26  ? 20   MET A N   1 
ATOM   194  C CA  . MET A 1 22  ? 12.101  -0.491  3.192   1.00 22.52  ? 20   MET A CA  1 
ATOM   195  C C   . MET A 1 22  ? 13.107  -0.481  4.343   1.00 27.79  ? 20   MET A C   1 
ATOM   196  O O   . MET A 1 22  ? 12.835  -1.051  5.380   1.00 23.19  ? 20   MET A O   1 
ATOM   197  C CB  . MET A 1 22  ? 12.523  -1.464  2.117   1.00 21.04  ? 20   MET A CB  1 
ATOM   198  C CG  . MET A 1 22  ? 11.355  -1.901  1.232   1.00 23.40  ? 20   MET A CG  1 
ATOM   199  S SD  . MET A 1 22  ? 11.874  -3.130  0.055   1.00 23.46  ? 20   MET A SD  1 
ATOM   200  C CE  . MET A 1 22  ? 13.074  -2.250  -0.951  1.00 22.20  ? 20   MET A CE  1 
ATOM   201  H H   . MET A 1 22  ? 12.124  0.935   1.799   1.00 27.91  ? 20   MET A H   1 
ATOM   202  N N   . LYS A 1 23  ? 14.234  0.214   4.199   1.00 26.76  ? 21   LYS A N   1 
ATOM   203  C CA  . LYS A 1 23  ? 15.167  0.328   5.330   1.00 29.42  ? 21   LYS A CA  1 
ATOM   204  C C   . LYS A 1 23  ? 14.504  0.886   6.584   1.00 30.00  ? 21   LYS A C   1 
ATOM   205  O O   . LYS A 1 23  ? 14.760  0.396   7.691   1.00 29.95  ? 21   LYS A O   1 
ATOM   206  C CB  . LYS A 1 23  ? 16.397  1.179   4.968   1.00 28.62  ? 21   LYS A CB  1 
ATOM   207  C CG  . LYS A 1 23  ? 17.253  0.574   3.882   1.00 32.06  ? 21   LYS A CG  1 
ATOM   208  C CD  . LYS A 1 23  ? 18.212  1.598   3.217   1.00 41.70  ? 21   LYS A CD  1 
ATOM   209  C CE  . LYS A 1 23  ? 19.533  1.696   3.953   1.00 50.04  ? 21   LYS A CE  1 
ATOM   210  N NZ  . LYS A 1 23  ? 20.632  2.248   3.101   1.00 45.81  ? 21   LYS A NZ  1 
ATOM   211  H H   . LYS A 1 23  ? 14.481  0.617   3.481   1.00 32.11  ? 21   LYS A H   1 
ATOM   212  N N   . ALA A 1 24  ? 13.654  1.903   6.430   1.00 27.41  ? 22   ALA A N   1 
ATOM   213  C CA  . ALA A 1 24  ? 13.017  2.533   7.571   1.00 26.24  ? 22   ALA A CA  1 
ATOM   214  C C   . ALA A 1 24  ? 12.080  1.548   8.257   1.00 30.50  ? 22   ALA A C   1 
ATOM   215  O O   . ALA A 1 24  ? 11.829  1.648   9.466   1.00 31.86  ? 22   ALA A O   1 
ATOM   216  C CB  . ALA A 1 24  ? 12.238  3.805   7.133   1.00 29.37  ? 22   ALA A CB  1 
ATOM   217  H H   . ALA A 1 24  ? 13.434  2.243   5.671   1.00 32.89  ? 22   ALA A H   1 
ATOM   218  N N   . LEU A 1 25  ? 11.552  0.614   7.470   1.00 23.63  ? 23   LEU A N   1 
ATOM   219  C CA  . LEU A 1 25  ? 10.661  -0.427  7.980   1.00 28.73  ? 23   LEU A CA  1 
ATOM   220  C C   . LEU A 1 25  ? 11.416  -1.572  8.679   1.00 31.58  ? 23   LEU A C   1 
ATOM   221  O O   . LEU A 1 25  ? 10.789  -2.429  9.308   1.00 30.63  ? 23   LEU A O   1 
ATOM   222  C CB  . LEU A 1 25  ? 9.858   -1.041  6.834   1.00 25.41  ? 23   LEU A CB  1 
ATOM   223  C CG  . LEU A 1 25  ? 8.771   -0.168  6.213   1.00 27.70  ? 23   LEU A CG  1 
ATOM   224  C CD1 . LEU A 1 25  ? 8.107   -0.956  5.097   1.00 30.39  ? 23   LEU A CD1 1 
ATOM   225  C CD2 . LEU A 1 25  ? 7.749   0.308   7.246   1.00 27.65  ? 23   LEU A CD2 1 
ATOM   226  H H   . LEU A 1 25  ? 11.697  0.560   6.624   1.00 28.36  ? 23   LEU A H   1 
ATOM   227  N N   . GLY A 1 26  ? 12.735  -1.621  8.520   1.00 30.43  ? 24   GLY A N   1 
ATOM   228  C CA  . GLY A 1 26  ? 13.533  -2.685  9.146   1.00 32.47  ? 24   GLY A CA  1 
ATOM   229  C C   . GLY A 1 26  ? 13.771  -3.897  8.251   1.00 35.55  ? 24   GLY A C   1 
ATOM   230  O O   . GLY A 1 26  ? 14.244  -4.960  8.706   1.00 27.83  ? 24   GLY A O   1 
ATOM   231  H H   . GLY A 1 26  ? 13.193  -1.057  8.061   1.00 36.52  ? 24   GLY A H   1 
ATOM   232  N N   . VAL A 1 27  ? 13.438  -3.748  6.970   1.00 25.70  ? 25   VAL A N   1 
ATOM   233  C CA  . VAL A 1 27  ? 13.637  -4.810  5.989   1.00 28.96  ? 25   VAL A CA  1 
ATOM   234  C C   . VAL A 1 27  ? 15.124  -5.013  5.710   1.00 30.12  ? 25   VAL A C   1 
ATOM   235  O O   . VAL A 1 27  ? 15.852  -4.051  5.426   1.00 25.28  ? 25   VAL A O   1 
ATOM   236  C CB  . VAL A 1 27  ? 12.915  -4.478  4.639   1.00 26.05  ? 25   VAL A CB  1 
ATOM   237  C CG1 . VAL A 1 27  ? 13.165  -5.573  3.624   1.00 22.79  ? 25   VAL A CG1 1 
ATOM   238  C CG2 . VAL A 1 27  ? 11.417  -4.257  4.878   1.00 24.36  ? 25   VAL A CG2 1 
ATOM   239  H H   . VAL A 1 27  ? 13.091  -3.033  6.642   1.00 30.84  ? 25   VAL A H   1 
ATOM   240  N N   . GLY A 1 28  ? 15.574  -6.268  5.760   1.00 29.87  ? 26   GLY A N   1 
ATOM   241  C CA  . GLY A 1 28  ? 16.977  -6.582  5.560   1.00 30.13  ? 26   GLY A CA  1 
ATOM   242  C C   . GLY A 1 28  ? 17.461  -6.450  4.124   1.00 31.81  ? 26   GLY A C   1 
ATOM   243  O O   . GLY A 1 28  ? 16.680  -6.386  3.180   1.00 28.21  ? 26   GLY A O   1 
ATOM   244  H H   . GLY A 1 28  ? 15.080  -6.955  5.910   1.00 35.84  ? 26   GLY A H   1 
ATOM   245  N N   . LEU A 1 29  ? 18.777  -6.457  3.958   1.00 31.64  ? 27   LEU A N   1 
ATOM   246  C CA  . LEU A 1 29  ? 19.384  -6.272  2.647   1.00 32.67  ? 27   LEU A CA  1 
ATOM   247  C C   . LEU A 1 29  ? 18.906  -7.209  1.541   1.00 32.91  ? 27   LEU A C   1 
ATOM   248  O O   . LEU A 1 29  ? 18.570  -6.745  0.449   1.00 30.20  ? 27   LEU A O   1 
ATOM   249  C CB  . LEU A 1 29  ? 20.910  -6.356  2.760   1.00 37.64  ? 27   LEU A CB  1 
ATOM   250  C CG  . LEU A 1 29  ? 21.656  -6.190  1.436   1.00 45.07  ? 27   LEU A CG  1 
ATOM   251  C CD1 . LEU A 1 29  ? 21.214  -4.929  0.672   1.00 40.19  ? 27   LEU A CD1 1 
ATOM   252  C CD2 . LEU A 1 29  ? 23.156  -6.175  1.682   1.00 47.16  ? 27   LEU A CD2 1 
ATOM   253  H H   . LEU A 1 29  ? 19.345  -6.567  4.594   1.00 37.97  ? 27   LEU A H   1 
ATOM   254  N N   . ALA A 1 30  ? 18.885  -8.522  1.775   1.00 28.22  ? 28   ALA A N   1 
ATOM   255  C CA  . ALA A 1 30  ? 18.558  -9.429  0.692   1.00 26.36  ? 28   ALA A CA  1 
ATOM   256  C C   . ALA A 1 30  ? 17.103  -9.248  0.292   1.00 24.79  ? 28   ALA A C   1 
ATOM   257  O O   . ALA A 1 30  ? 16.751  -9.343  -0.881  1.00 27.90  ? 28   ALA A O   1 
ATOM   258  C CB  . ALA A 1 30  ? 18.837  -10.916 1.094   1.00 29.33  ? 28   ALA A CB  1 
ATOM   259  H H   . ALA A 1 30  ? 19.051  -8.898  2.531   1.00 33.86  ? 28   ALA A H   1 
ATOM   260  N N   . THR A 1 31  ? 16.249  -8.995  1.272   1.00 23.32  ? 29   THR A N   1 
ATOM   261  C CA  . THR A 1 31  ? 14.843  -8.786  0.990   1.00 23.72  ? 29   THR A CA  1 
ATOM   262  C C   . THR A 1 31  ? 14.638  -7.465  0.222   1.00 26.97  ? 29   THR A C   1 
ATOM   263  O O   . THR A 1 31  ? 13.862  -7.409  -0.750  1.00 25.96  ? 29   THR A O   1 
ATOM   264  C CB  . THR A 1 31  ? 14.015  -8.789  2.308   1.00 26.23  ? 29   THR A CB  1 
ATOM   265  O OG1 . THR A 1 31  ? 14.234  -10.040 3.001   1.00 28.79  ? 29   THR A OG1 1 
ATOM   266  C CG2 . THR A 1 31  ? 12.506  -8.623  2.024   1.00 25.90  ? 29   THR A CG2 1 
ATOM   267  H H   . THR A 1 31  ? 16.458  -8.941  2.105   1.00 27.98  ? 29   THR A H   1 
ATOM   268  N N   . ARG A 1 32  ? 15.337  -6.409  0.635   1.00 25.65  ? 30   ARG A N   1 
ATOM   269  C CA  . ARG A 1 32  ? 15.231  -5.131  -0.111  1.00 25.01  ? 30   ARG A CA  1 
ATOM   270  C C   . ARG A 1 32  ? 15.679  -5.303  -1.560  1.00 25.22  ? 30   ARG A C   1 
ATOM   271  O O   . ARG A 1 32  ? 15.062  -4.732  -2.458  1.00 25.99  ? 30   ARG A O   1 
ATOM   272  C CB  . ARG A 1 32  ? 16.050  -4.021  0.547   1.00 24.94  ? 30   ARG A CB  1 
ATOM   273  C CG  . ARG A 1 32  ? 15.567  -3.621  1.918   1.00 24.27  ? 30   ARG A CG  1 
ATOM   274  C CD  . ARG A 1 32  ? 16.120  -2.231  2.327   1.00 25.39  ? 30   ARG A CD  1 
ATOM   275  N NE  . ARG A 1 32  ? 17.551  -2.116  2.070   1.00 31.27  ? 30   ARG A NE  1 
ATOM   276  C CZ  . ARG A 1 32  ? 18.508  -2.456  2.923   1.00 37.12  ? 30   ARG A CZ  1 
ATOM   277  N NH1 . ARG A 1 32  ? 18.201  -2.953  4.111   1.00 33.89  ? 30   ARG A NH1 1 
ATOM   278  N NH2 . ARG A 1 32  ? 19.779  -2.305  2.578   1.00 39.55  ? 30   ARG A NH2 1 
ATOM   279  H H   . ARG A 1 32  ? 15.862  -6.393  1.315   1.00 30.78  ? 30   ARG A H   1 
ATOM   280  N N   . LYS A 1 33  ? 16.736  -6.087  -1.812  1.00 25.86  ? 31   LYS A N   1 
ATOM   281  C CA  . LYS A 1 33  ? 17.161  -6.288  -3.195  1.00 27.80  ? 31   LYS A CA  1 
ATOM   282  C C   . LYS A 1 33  ? 16.043  -6.846  -4.045  1.00 28.94  ? 31   LYS A C   1 
ATOM   283  O O   . LYS A 1 33  ? 15.861  -6.419  -5.182  1.00 26.23  ? 31   LYS A O   1 
ATOM   284  C CB  . LYS A 1 33  ? 18.384  -7.207  -3.310  1.00 30.57  ? 31   LYS A CB  1 
ATOM   285  C CG  . LYS A 1 33  ? 19.693  -6.548  -2.910  1.00 34.68  ? 31   LYS A CG  1 
ATOM   286  C CD  . LYS A 1 33  ? 20.829  -7.594  -2.895  1.00 42.13  ? 31   LYS A CD  1 
ATOM   287  C CE  . LYS A 1 33  ? 22.175  -6.986  -2.522  1.00 44.98  ? 31   LYS A CE  1 
ATOM   288  N NZ  . LYS A 1 33  ? 23.247  -8.028  -2.400  1.00 62.88  ? 31   LYS A NZ  1 
ATOM   289  H H   . LYS A 1 33  ? 17.207  -6.497  -1.220  1.00 31.03  ? 31   LYS A H   1 
ATOM   290  N N   . LEU A 1 34  ? 15.307  -7.824  -3.521  1.00 28.05  ? 32   LEU A N   1 
ATOM   291  C CA  . LEU A 1 34  ? 14.186  -8.382  -4.268  1.00 25.70  ? 32   LEU A CA  1 
ATOM   292  C C   . LEU A 1 34  ? 13.028  -7.391  -4.318  1.00 22.26  ? 32   LEU A C   1 
ATOM   293  O O   . LEU A 1 34  ? 12.327  -7.291  -5.331  1.00 26.26  ? 32   LEU A O   1 
ATOM   294  C CB  . LEU A 1 34  ? 13.712  -9.712  -3.628  1.00 24.64  ? 32   LEU A CB  1 
ATOM   295  C CG  . LEU A 1 34  ? 14.790  -10.809 -3.685  1.00 29.01  ? 32   LEU A CG  1 
ATOM   296  C CD1 . LEU A 1 34  ? 14.304  -12.148 -3.035  1.00 28.01  ? 32   LEU A CD1 1 
ATOM   297  C CD2 . LEU A 1 34  ? 15.249  -11.037 -5.119  1.00 26.04  ? 32   LEU A CD2 1 
ATOM   298  H H   . LEU A 1 34  ? 15.434  -8.176  -2.746  1.00 33.66  ? 32   LEU A H   1 
ATOM   299  N N   . GLY A 1 35  ? 12.812  -6.673  -3.223  1.00 25.85  ? 33   GLY A N   1 
ATOM   300  C CA  . GLY A 1 35  ? 11.745  -5.673  -3.185  1.00 28.47  ? 33   GLY A CA  1 
ATOM   301  C C   . GLY A 1 35  ? 11.974  -4.580  -4.218  1.00 30.05  ? 33   GLY A C   1 
ATOM   302  O O   . GLY A 1 35  ? 11.018  -4.103  -4.855  1.00 27.28  ? 33   GLY A O   1 
ATOM   303  H H   . GLY A 1 35  ? 13.263  -6.742  -2.495  1.00 31.02  ? 33   GLY A H   1 
ATOM   304  N N   . ASN A 1 36  ? 13.235  -4.193  -4.408  1.00 26.64  ? 34   ASN A N   1 
ATOM   305  C CA  . ASN A 1 36  ? 13.558  -3.145  -5.404  1.00 27.00  ? 34   ASN A CA  1 
ATOM   306  C C   . ASN A 1 36  ? 13.453  -3.635  -6.834  1.00 33.17  ? 34   ASN A C   1 
ATOM   307  O O   . ASN A 1 36  ? 13.349  -2.833  -7.751  1.00 32.82  ? 34   ASN A O   1 
ATOM   308  C CB  . ASN A 1 36  ? 14.953  -2.556  -5.187  1.00 26.74  ? 34   ASN A CB  1 
ATOM   309  C CG  . ASN A 1 36  ? 15.050  -1.738  -3.925  1.00 29.07  ? 34   ASN A CG  1 
ATOM   310  O OD1 . ASN A 1 36  ? 14.169  -0.931  -3.636  1.00 29.53  ? 34   ASN A OD1 1 
ATOM   311  N ND2 . ASN A 1 36  ? 16.130  -1.939  -3.156  1.00 28.06  ? 34   ASN A ND2 1 
ATOM   312  H H   . ASN A 1 36  ? 13.915  -4.509  -3.987  1.00 31.97  ? 34   ASN A H   1 
ATOM   313  N N   . LEU A 1 37  ? 13.475  -4.950  -7.034  1.00 28.75  ? 35   LEU A N   1 
ATOM   314  C CA  . LEU A 1 37  ? 13.373  -5.521  -8.371  1.00 25.41  ? 35   LEU A CA  1 
ATOM   315  C C   . LEU A 1 37  ? 11.932  -5.879  -8.758  1.00 31.25  ? 35   LEU A C   1 
ATOM   316  O O   . LEU A 1 37  ? 11.650  -6.081  -9.933  1.00 27.82  ? 35   LEU A O   1 
ATOM   317  C CB  . LEU A 1 37  ? 14.232  -6.776  -8.468  1.00 29.52  ? 35   LEU A CB  1 
ATOM   318  C CG  . LEU A 1 37  ? 15.749  -6.630  -8.525  1.00 30.51  ? 35   LEU A CG  1 
ATOM   319  C CD1 . LEU A 1 37  ? 16.431  -8.010  -8.447  1.00 32.26  ? 35   LEU A CD1 1 
ATOM   320  C CD2 . LEU A 1 37  ? 16.123  -5.928  -9.806  1.00 36.16  ? 35   LEU A CD2 1 
ATOM   321  H H   . LEU A 1 37  ? 13.550  -5.535  -6.407  1.00 34.50  ? 35   LEU A H   1 
ATOM   322  N N   . ALA A 1 38  ? 11.042  -6.009  -7.771  1.00 24.45  ? 36   ALA A N   1 
ATOM   323  C CA  . ALA A 1 38  ? 9.664   -6.420  -8.011  1.00 26.13  ? 36   ALA A CA  1 
ATOM   324  C C   . ALA A 1 38  ? 8.919   -5.340  -8.780  1.00 29.23  ? 36   ALA A C   1 
ATOM   325  O O   . ALA A 1 38  ? 9.140   -4.144  -8.557  1.00 27.79  ? 36   ALA A O   1 
ATOM   326  C CB  . ALA A 1 38  ? 8.923   -6.653  -6.682  1.00 24.40  ? 36   ALA A CB  1 
ATOM   327  H H   . ALA A 1 38  ? 11.218  -5.862  -6.942  1.00 29.34  ? 36   ALA A H   1 
ATOM   328  N N   . LYS A 1 39  ? 7.993   -5.777  -9.625  1.00 27.49  ? 37   LYS A N   1 
ATOM   329  C CA  . LYS A 1 39  ? 7.079   -4.862  -10.323 1.00 29.93  ? 37   LYS A CA  1 
ATOM   330  C C   . LYS A 1 39  ? 5.672   -5.384  -10.109 1.00 27.13  ? 37   LYS A C   1 
ATOM   331  O O   . LYS A 1 39  ? 5.093   -6.031  -10.970 1.00 31.86  ? 37   LYS A O   1 
ATOM   332  C CB  . LYS A 1 39  ? 7.424   -4.793  -11.807 1.00 30.92  ? 37   LYS A CB  1 
ATOM   333  C CG  . LYS A 1 39  ? 8.711   -4.036  -12.064 1.00 41.08  ? 37   LYS A CG  1 
ATOM   334  C CD  . LYS A 1 39  ? 9.079   -4.047  -13.544 1.00 45.66  ? 37   LYS A CD  1 
ATOM   335  C CE  . LYS A 1 39  ? 10.396  -3.310  -13.797 1.00 48.14  ? 37   LYS A CE  1 
ATOM   336  N NZ  . LYS A 1 39  ? 10.696  -3.161  -15.263 1.00 60.07  ? 37   LYS A NZ  1 
ATOM   337  H H   . LYS A 1 39  ? 7.868   -6.606  -9.816  1.00 32.99  ? 37   LYS A H   1 
ATOM   338  N N   . PRO A 1 40  ? 5.127   -5.137  -8.921  1.00 26.55  ? 38   PRO A N   1 
ATOM   339  C CA  . PRO A 1 40  ? 3.864   -5.772  -8.557  1.00 24.42  ? 38   PRO A CA  1 
ATOM   340  C C   . PRO A 1 40  ? 2.650   -5.293  -9.344  1.00 28.86  ? 38   PRO A C   1 
ATOM   341  O O   . PRO A 1 40  ? 2.631   -4.202  -9.881  1.00 28.12  ? 38   PRO A O   1 
ATOM   342  C CB  . PRO A 1 40  ? 3.679   -5.361  -7.094  1.00 26.24  ? 38   PRO A CB  1 
ATOM   343  C CG  . PRO A 1 40  ? 5.100   -5.008  -6.605  1.00 31.52  ? 38   PRO A CG  1 
ATOM   344  C CD  . PRO A 1 40  ? 5.710   -4.361  -7.815  1.00 24.18  ? 38   PRO A CD  1 
ATOM   345  H HA  . PRO A 1 40  ? 3.936   -6.747  -8.619  1.00 29.30  ? 38   PRO A HA  1 
ATOM   346  N N   . THR A 1 41  ? 1.642   -6.141  -9.388  1.00 26.39  ? 39   THR A N   1 
ATOM   347  C CA  A THR A 1 41  ? 0.325   -5.786  -9.874  0.58 28.65  ? 39   THR A CA  1 
ATOM   348  C CA  B THR A 1 41  ? 0.341   -5.717  -9.863  0.42 28.66  ? 39   THR A CA  1 
ATOM   349  C C   . THR A 1 41  ? -0.539  -5.614  -8.631  1.00 29.13  ? 39   THR A C   1 
ATOM   350  O O   . THR A 1 41  ? -0.442  -6.428  -7.690  1.00 29.64  ? 39   THR A O   1 
ATOM   351  C CB  A THR A 1 41  ? -0.217  -6.915  -10.774 0.58 31.52  ? 39   THR A CB  1 
ATOM   352  C CB  B THR A 1 41  ? -0.255  -6.697  -10.877 0.42 31.61  ? 39   THR A CB  1 
ATOM   353  O OG1 A THR A 1 41  ? 0.552   -6.955  -11.982 0.58 33.43  ? 39   THR A OG1 1 
ATOM   354  O OG1 B THR A 1 41  ? -0.586  -7.916  -10.215 0.42 30.73  ? 39   THR A OG1 1 
ATOM   355  C CG2 A THR A 1 41  ? -1.666  -6.714  -11.114 0.58 28.80  ? 39   THR A CG2 1 
ATOM   356  C CG2 B THR A 1 41  ? 0.744   -6.980  -11.986 0.42 33.42  ? 39   THR A CG2 1 
ATOM   357  H H   A THR A 1 41  ? 1.699   -6.961  -9.132  0.58 31.67  ? 39   THR A H   1 
ATOM   358  H H   B THR A 1 41  ? 1.683   -6.966  -9.150  0.42 31.67  ? 39   THR A H   1 
ATOM   359  N N   . VAL A 1 42  ? -1.345  -4.564  -8.593  1.00 23.18  ? 40   VAL A N   1 
ATOM   360  C CA  . VAL A 1 42  ? -2.217  -4.321  -7.462  1.00 25.48  ? 40   VAL A CA  1 
ATOM   361  C C   . VAL A 1 42  ? -3.641  -4.370  -8.001  1.00 29.95  ? 40   VAL A C   1 
ATOM   362  O O   . VAL A 1 42  ? -3.951  -3.696  -8.988  1.00 26.08  ? 40   VAL A O   1 
ATOM   363  C CB  . VAL A 1 42  ? -1.911  -2.947  -6.795  1.00 26.32  ? 40   VAL A CB  1 
ATOM   364  C CG1 . VAL A 1 42  ? -3.008  -2.567  -5.809  1.00 23.56  ? 40   VAL A CG1 1 
ATOM   365  C CG2 . VAL A 1 42  ? -0.523  -2.993  -6.067  1.00 24.72  ? 40   VAL A CG2 1 
ATOM   366  H H   . VAL A 1 42  ? -1.404  -3.975  -9.217  1.00 27.82  ? 40   VAL A H   1 
ATOM   367  N N   . ILE A 1 43  ? -4.487  -5.192  -7.377  1.00 27.34  ? 41   ILE A N   1 
ATOM   368  C CA  . ILE A 1 43  ? -5.863  -5.370  -7.824  1.00 26.29  ? 41   ILE A CA  1 
ATOM   369  C C   . ILE A 1 43  ? -6.793  -4.864  -6.742  1.00 27.82  ? 41   ILE A C   1 
ATOM   370  O O   . ILE A 1 43  ? -6.771  -5.329  -5.603  1.00 26.38  ? 41   ILE A O   1 
ATOM   371  C CB  . ILE A 1 43  ? -6.189  -6.867  -8.107  1.00 28.85  ? 41   ILE A CB  1 
ATOM   372  C CG1 . ILE A 1 43  ? -5.190  -7.429  -9.119  1.00 29.58  ? 41   ILE A CG1 1 
ATOM   373  C CG2 . ILE A 1 43  ? -7.641  -7.035  -8.598  1.00 28.87  ? 41   ILE A CG2 1 
ATOM   374  C CD1 . ILE A 1 43  ? -4.094  -8.264  -8.483  1.00 40.70  ? 41   ILE A CD1 1 
ATOM   375  H H   . ILE A 1 43  ? -4.282  -5.662  -6.685  1.00 32.81  ? 41   ILE A H   1 
ATOM   376  N N   . ILE A 1 44  ? -7.608  -3.889  -7.085  1.00 26.39  ? 42   ILE A N   1 
ATOM   377  C CA  . ILE A 1 44  ? -8.534  -3.328  -6.128  1.00 27.30  ? 42   ILE A CA  1 
ATOM   378  C C   . ILE A 1 44  ? -9.939  -3.728  -6.542  1.00 30.88  ? 42   ILE A C   1 
ATOM   379  O O   . ILE A 1 44  ? -10.324 -3.553  -7.694  1.00 28.18  ? 42   ILE A O   1 
ATOM   380  C CB  . ILE A 1 44  ? -8.404  -1.775  -6.078  1.00 25.08  ? 42   ILE A CB  1 
ATOM   381  C CG1 . ILE A 1 44  ? -6.964  -1.423  -5.645  1.00 26.49  ? 42   ILE A CG1 1 
ATOM   382  C CG2 . ILE A 1 44  ? -9.404  -1.210  -5.109  1.00 24.87  ? 42   ILE A CG2 1 
ATOM   383  C CD1 . ILE A 1 44  ? -6.640  0.066   -5.604  1.00 27.61  ? 42   ILE A CD1 1 
ATOM   384  H H   . ILE A 1 44  ? -7.646  -3.533  -7.867  1.00 31.67  ? 42   ILE A H   1 
ATOM   385  N N   . SER A 1 45  ? -10.699 -4.279  -5.606  1.00 28.43  ? 43   SER A N   1 
ATOM   386  C CA  . SER A 1 45  ? -12.044 -4.721  -5.921  1.00 31.57  ? 43   SER A CA  1 
ATOM   387  C C   . SER A 1 45  ? -12.907 -4.427  -4.725  1.00 32.82  ? 43   SER A C   1 
ATOM   388  O O   . SER A 1 45  ? -12.396 -4.081  -3.660  1.00 28.86  ? 43   SER A O   1 
ATOM   389  C CB  . SER A 1 45  ? -12.044 -6.223  -6.246  1.00 35.58  ? 43   SER A CB  1 
ATOM   390  O OG  . SER A 1 45  ? -11.522 -6.961  -5.153  1.00 29.80  ? 43   SER A OG  1 
ATOM   391  H H   . SER A 1 45  ? -10.460 -4.407  -4.790  1.00 34.12  ? 43   SER A H   1 
ATOM   392  N N   . LYS A 1 46  ? -14.219 -4.563  -4.890  1.00 33.19  ? 44   LYS A N   1 
ATOM   393  C CA  A LYS A 1 46  ? -15.158 -4.332  -3.796  0.49 33.78  ? 44   LYS A CA  1 
ATOM   394  C CA  B LYS A 1 46  ? -15.127 -4.385  -3.767  0.51 33.76  ? 44   LYS A CA  1 
ATOM   395  C C   . LYS A 1 46  ? -16.339 -5.297  -3.874  1.00 36.37  ? 44   LYS A C   1 
ATOM   396  O O   . LYS A 1 46  ? -16.771 -5.671  -4.969  1.00 37.41  ? 44   LYS A O   1 
ATOM   397  C CB  A LYS A 1 46  ? -15.677 -2.887  -3.850  0.49 34.00  ? 44   LYS A CB  1 
ATOM   398  C CB  B LYS A 1 46  ? -15.572 -2.921  -3.670  0.51 33.89  ? 44   LYS A CB  1 
ATOM   399  C CG  A LYS A 1 46  ? -16.422 -2.436  -2.595  0.49 35.02  ? 44   LYS A CG  1 
ATOM   400  C CG  B LYS A 1 46  ? -16.318 -2.408  -4.878  0.51 36.89  ? 44   LYS A CG  1 
ATOM   401  C CD  A LYS A 1 46  ? -16.904 -0.979  -2.715  0.49 43.80  ? 44   LYS A CD  1 
ATOM   402  C CD  B LYS A 1 46  ? -17.809 -2.687  -4.785  0.51 48.89  ? 44   LYS A CD  1 
ATOM   403  C CE  A LYS A 1 46  ? -17.390 -0.433  -1.370  0.49 41.25  ? 44   LYS A CE  1 
ATOM   404  C CE  B LYS A 1 46  ? -18.632 -1.478  -5.217  0.51 47.88  ? 44   LYS A CE  1 
ATOM   405  N NZ  A LYS A 1 46  ? -18.755 0.160   -1.450  0.49 48.28  ? 44   LYS A NZ  1 
ATOM   406  N NZ  B LYS A 1 46  ? -18.330 -1.038  -6.605  0.51 47.76  ? 44   LYS A NZ  1 
ATOM   407  H H   A LYS A 1 46  ? -14.593 -4.790  -5.630  0.49 39.83  ? 44   LYS A H   1 
ATOM   408  H H   B LYS A 1 46  ? -14.603 -4.757  -5.634  0.51 39.83  ? 44   LYS A H   1 
ATOM   409  N N   . LYS A 1 47  ? -16.863 -5.669  -2.719  1.00 33.80  ? 45   LYS A N   1 
ATOM   410  C CA  . LYS A 1 47  ? -18.081 -6.464  -2.629  1.00 39.36  ? 45   LYS A CA  1 
ATOM   411  C C   . LYS A 1 47  ? -18.863 -5.872  -1.465  1.00 34.65  ? 45   LYS A C   1 
ATOM   412  O O   . LYS A 1 47  ? -18.419 -5.926  -0.326  1.00 37.92  ? 45   LYS A O   1 
ATOM   413  C CB  . LYS A 1 47  ? -17.776 -7.946  -2.392  1.00 45.56  ? 45   LYS A CB  1 
ATOM   414  C CG  . LYS A 1 47  ? -19.012 -8.839  -2.525  1.00 55.29  ? 45   LYS A CG  1 
ATOM   415  C CD  . LYS A 1 47  ? -18.777 -10.261 -2.001  1.00 63.08  ? 45   LYS A CD  1 
ATOM   416  C CE  . LYS A 1 47  ? -20.081 -11.075 -1.989  1.00 65.42  ? 45   LYS A CE  1 
ATOM   417  N NZ  . LYS A 1 47  ? -21.252 -10.288 -1.461  1.00 67.07  ? 45   LYS A NZ  1 
ATOM   418  H H   . LYS A 1 47  ? -16.524 -5.470  -1.953  1.00 40.56  ? 45   LYS A H   1 
ATOM   419  N N   . GLY A 1 48  ? -20.004 -5.250  -1.751  1.00 40.68  ? 46   GLY A N   1 
ATOM   420  C CA  . GLY A 1 48  ? -20.708 -4.511  -0.721  1.00 44.09  ? 46   GLY A CA  1 
ATOM   421  C C   . GLY A 1 48  ? -19.806 -3.404  -0.204  1.00 41.48  ? 46   GLY A C   1 
ATOM   422  O O   . GLY A 1 48  ? -19.230 -2.668  -0.996  1.00 41.33  ? 46   GLY A O   1 
ATOM   423  H H   . GLY A 1 48  ? -20.382 -5.242  -2.523  1.00 48.82  ? 46   GLY A H   1 
ATOM   424  N N   . ASP A 1 49  ? -19.653 -3.289  1.114   1.00 42.82  ? 47   ASP A N   1 
ATOM   425  C CA  . ASP A 1 49  ? -18.794 -2.236  1.671   1.00 42.06  ? 47   ASP A CA  1 
ATOM   426  C C   . ASP A 1 49  ? -17.408 -2.764  2.054   1.00 40.76  ? 47   ASP A C   1 
ATOM   427  O O   . ASP A 1 49  ? -16.625 -2.080  2.714   1.00 37.54  ? 47   ASP A O   1 
ATOM   428  C CB  . ASP A 1 49  ? -19.464 -1.546  2.869   1.00 47.57  ? 47   ASP A CB  1 
ATOM   429  C CG  . ASP A 1 49  ? -19.776 -2.501  4.016   1.00 66.24  ? 47   ASP A CG  1 
ATOM   430  O OD1 . ASP A 1 49  ? -19.671 -3.740  3.832   1.00 57.76  ? 47   ASP A OD1 1 
ATOM   431  O OD2 . ASP A 1 49  ? -20.148 -1.996  5.106   1.00 64.69  ? 47   ASP A OD2 1 
ATOM   432  H H   . ASP A 1 49  ? -20.026 -3.795  1.700   1.00 51.38  ? 47   ASP A H   1 
ATOM   433  N N   . ILE A 1 50  ? -17.104 -3.985  1.637   1.00 35.41  ? 48   ILE A N   1 
ATOM   434  C CA  . ILE A 1 50  ? -15.765 -4.522  1.838   1.00 30.24  ? 48   ILE A CA  1 
ATOM   435  C C   . ILE A 1 50  ? -14.877 -4.309  0.614   1.00 31.22  ? 48   ILE A C   1 
ATOM   436  O O   . ILE A 1 50  ? -15.163 -4.798  -0.497  1.00 30.07  ? 48   ILE A O   1 
ATOM   437  C CB  . ILE A 1 50  ? -15.807 -6.017  2.208   1.00 34.10  ? 48   ILE A CB  1 
ATOM   438  C CG1 . ILE A 1 50  ? -16.697 -6.215  3.438   1.00 37.04  ? 48   ILE A CG1 1 
ATOM   439  C CG2 . ILE A 1 50  ? -14.399 -6.509  2.460   1.00 28.31  ? 48   ILE A CG2 1 
ATOM   440  C CD1 . ILE A 1 50  ? -16.952 -7.684  3.780   1.00 43.47  ? 48   ILE A CD1 1 
ATOM   441  H H   . ILE A 1 50  ? -17.647 -4.520  1.238   1.00 42.49  ? 48   ILE A H   1 
ATOM   442  N N   . ILE A 1 51  ? -13.801 -3.559  0.817   1.00 26.75  ? 49   ILE A N   1 
ATOM   443  C CA  . ILE A 1 51  ? -12.862 -3.284  -0.253  1.00 25.43  ? 49   ILE A CA  1 
ATOM   444  C C   . ILE A 1 51  ? -11.687 -4.244  -0.090  1.00 25.74  ? 49   ILE A C   1 
ATOM   445  O O   . ILE A 1 51  ? -11.242 -4.471  1.025   1.00 24.71  ? 49   ILE A O   1 
ATOM   446  C CB  . ILE A 1 51  ? -12.325 -1.849  -0.157  1.00 23.15  ? 49   ILE A CB  1 
ATOM   447  C CG1 . ILE A 1 51  ? -13.453 -0.836  -0.403  1.00 26.43  ? 49   ILE A CG1 1 
ATOM   448  C CG2 . ILE A 1 51  ? -11.214 -1.627  -1.175  1.00 25.62  ? 49   ILE A CG2 1 
ATOM   449  C CD1 . ILE A 1 51  ? -13.109 0.558   0.109   1.00 28.16  ? 49   ILE A CD1 1 
ATOM   450  H H   . ILE A 1 51  ? -13.594 -3.197  1.569   1.00 32.10  ? 49   ILE A H   1 
ATOM   451  N N   . THR A 1 52  ? -11.184 -4.775  -1.196  1.00 25.68  ? 50   THR A N   1 
ATOM   452  C CA  . THR A 1 52  ? -10.038 -5.675  -1.146  1.00 26.27  ? 50   THR A CA  1 
ATOM   453  C C   . THR A 1 52  ? -8.924  -5.091  -1.982  1.00 23.94  ? 50   THR A C   1 
ATOM   454  O O   . THR A 1 52  ? -9.139  -4.636  -3.115  1.00 24.31  ? 50   THR A O   1 
ATOM   455  C CB  . THR A 1 52  ? -10.405 -7.110  -1.647  1.00 25.79  ? 50   THR A CB  1 
ATOM   456  O OG1 . THR A 1 52  ? -11.344 -7.694  -0.734  1.00 28.34  ? 50   THR A OG1 1 
ATOM   457  C CG2 . THR A 1 52  ? -9.152  -8.009  -1.751  1.00 25.61  ? 50   THR A CG2 1 
ATOM   458  H H   . THR A 1 52  ? -11.487 -4.632  -1.988  1.00 30.82  ? 50   THR A H   1 
ATOM   459  N N   . ILE A 1 53  ? -7.729  -5.066  -1.409  1.00 23.71  ? 51   ILE A N   1 
ATOM   460  C CA  . ILE A 1 53  ? -6.555  -4.702  -2.158  1.00 22.79  ? 51   ILE A CA  1 
ATOM   461  C C   . ILE A 1 53  ? -5.589  -5.894  -2.184  1.00 23.90  ? 51   ILE A C   1 
ATOM   462  O O   . ILE A 1 53  ? -5.068  -6.280  -1.154  1.00 24.27  ? 51   ILE A O   1 
ATOM   463  C CB  . ILE A 1 53  ? -5.861  -3.483  -1.534  1.00 23.43  ? 51   ILE A CB  1 
ATOM   464  C CG1 . ILE A 1 53  ? -6.856  -2.312  -1.459  1.00 28.15  ? 51   ILE A CG1 1 
ATOM   465  C CG2 . ILE A 1 53  ? -4.666  -3.088  -2.386  1.00 22.21  ? 51   ILE A CG2 1 
ATOM   466  C CD1 . ILE A 1 53  ? -6.249  -0.965  -1.019  1.00 22.12  ? 51   ILE A CD1 1 
ATOM   467  H H   . ILE A 1 53  ? -7.580  -5.256  -0.584  1.00 28.45  ? 51   ILE A H   1 
ATOM   468  N N   . ARG A 1 54  ? -5.369  -6.459  -3.363  1.00 24.14  ? 52   ARG A N   1 
ATOM   469  C CA  . ARG A 1 54  ? -4.442  -7.568  -3.504  1.00 26.89  ? 52   ARG A CA  1 
ATOM   470  C C   . ARG A 1 54  ? -3.196  -7.128  -4.270  1.00 24.76  ? 52   ARG A C   1 
ATOM   471  O O   . ARG A 1 54  ? -3.285  -6.446  -5.297  1.00 27.61  ? 52   ARG A O   1 
ATOM   472  C CB  . ARG A 1 54  ? -5.133  -8.738  -4.224  1.00 27.77  ? 52   ARG A CB  1 
ATOM   473  C CG  . ARG A 1 54  ? -4.221  -9.911  -4.502  1.00 29.08  ? 52   ARG A CG  1 
ATOM   474  C CD  . ARG A 1 54  ? -4.981  -11.136 -5.038  1.00 34.60  ? 52   ARG A CD  1 
ATOM   475  N NE  . ARG A 1 54  ? -4.039  -12.226 -5.279  1.00 32.33  ? 52   ARG A NE  1 
ATOM   476  C CZ  . ARG A 1 54  ? -3.565  -13.026 -4.335  1.00 37.01  ? 52   ARG A CZ  1 
ATOM   477  N NH1 . ARG A 1 54  ? -3.980  -12.907 -3.073  1.00 33.25  ? 52   ARG A NH1 1 
ATOM   478  N NH2 . ARG A 1 54  ? -2.680  -13.955 -4.659  1.00 37.78  ? 52   ARG A NH2 1 
ATOM   479  H H   . ARG A 1 54  ? -5.745  -6.217  -4.098  1.00 28.97  ? 52   ARG A H   1 
ATOM   480  N N   . THR A 1 55  ? -2.030  -7.499  -3.750  1.00 24.55  ? 53   THR A N   1 
ATOM   481  C CA  . THR A 1 55  ? -0.770  -7.227  -4.417  1.00 24.64  ? 53   THR A CA  1 
ATOM   482  C C   . THR A 1 55  ? -0.142  -8.556  -4.827  1.00 27.96  ? 53   THR A C   1 
ATOM   483  O O   . THR A 1 55  ? -0.045  -9.468  -4.006  1.00 27.07  ? 53   THR A O   1 
ATOM   484  C CB  . THR A 1 55  ? 0.193   -6.478  -3.462  1.00 27.78  ? 53   THR A CB  1 
ATOM   485  O OG1 . THR A 1 55  ? -0.459  -5.302  -2.961  1.00 23.44  ? 53   THR A OG1 1 
ATOM   486  C CG2 . THR A 1 55  ? 1.505   -6.102  -4.163  1.00 26.84  ? 53   THR A CG2 1 
ATOM   487  H H   . THR A 1 55  ? -1.945  -7.915  -3.002  1.00 29.46  ? 53   THR A H   1 
ATOM   488  N N   . GLU A 1 56  ? 0.287   -8.643  -6.087  1.00 25.12  ? 54   GLU A N   1 
ATOM   489  C CA  . GLU A 1 56  ? 0.886   -9.858  -6.640  1.00 30.16  ? 54   GLU A CA  1 
ATOM   490  C C   . GLU A 1 56  ? 2.260   -9.544  -7.180  1.00 31.59  ? 54   GLU A C   1 
ATOM   491  O O   . GLU A 1 56  ? 2.420   -8.623  -7.992  1.00 25.68  ? 54   GLU A O   1 
ATOM   492  C CB  . GLU A 1 56  ? 0.010   -10.446 -7.767  1.00 26.16  ? 54   GLU A CB  1 
ATOM   493  C CG  . GLU A 1 56  ? -1.315  -10.940 -7.242  1.00 30.96  ? 54   GLU A CG  1 
ATOM   494  C CD  . GLU A 1 56  ? -2.233  -11.489 -8.316  1.00 40.10  ? 54   GLU A CD  1 
ATOM   495  O OE1 . GLU A 1 56  ? -1.930  -11.361 -9.518  1.00 36.83  ? 54   GLU A OE1 1 
ATOM   496  O OE2 . GLU A 1 56  ? -3.274  -12.055 -7.942  1.00 36.32  ? 54   GLU A OE2 1 
ATOM   497  H H   . GLU A 1 56  ? 0.241   -7.996  -6.652  1.00 30.14  ? 54   GLU A H   1 
ATOM   498  N N   . SER A 1 57  ? 3.254   -10.307 -6.718  1.00 25.13  ? 55   SER A N   1 
ATOM   499  C CA  . SER A 1 57  ? 4.591   -10.236 -7.273  1.00 27.16  ? 55   SER A CA  1 
ATOM   500  C C   . SER A 1 57  ? 5.203   -11.635 -7.182  1.00 26.68  ? 55   SER A C   1 
ATOM   501  O O   . SER A 1 57  ? 4.755   -12.463 -6.390  1.00 26.31  ? 55   SER A O   1 
ATOM   502  C CB  . SER A 1 57  ? 5.460   -9.238  -6.517  1.00 25.26  ? 55   SER A CB  1 
ATOM   503  O OG  . SER A 1 57  ? 5.687   -9.621  -5.168  1.00 25.10  ? 55   SER A OG  1 
ATOM   504  H H   . SER A 1 57  ? 3.171   -10.875 -6.079  1.00 30.16  ? 55   SER A H   1 
ATOM   505  N N   . THR A 1 58  ? 6.225   -11.874 -7.988  1.00 27.14  ? 56   THR A N   1 
ATOM   506  C CA  . THR A 1 58  ? 6.926   -13.156 -7.951  1.00 24.78  ? 56   THR A CA  1 
ATOM   507  C C   . THR A 1 58  ? 7.439   -13.445 -6.542  1.00 26.08  ? 56   THR A C   1 
ATOM   508  O O   . THR A 1 58  ? 7.383   -14.579 -6.082  1.00 28.29  ? 56   THR A O   1 
ATOM   509  C CB  . THR A 1 58  ? 8.077   -13.158 -8.940  1.00 30.50  ? 56   THR A CB  1 
ATOM   510  O OG1 . THR A 1 58  ? 7.540   -12.897 -10.246 1.00 32.88  ? 56   THR A OG1 1 
ATOM   511  C CG2 . THR A 1 58  ? 8.813   -14.522 -8.926  1.00 30.78  ? 56   THR A CG2 1 
ATOM   512  H H   . THR A 1 58  ? 6.534   -11.317 -8.565  1.00 32.57  ? 56   THR A H   1 
ATOM   513  N N   . PHE A 1 59  ? 7.928   -12.422 -5.862  1.00 24.56  ? 57   PHE A N   1 
ATOM   514  C CA  . PHE A 1 59  ? 8.502   -12.596 -4.522  1.00 26.99  ? 57   PHE A CA  1 
ATOM   515  C C   . PHE A 1 59  ? 7.432   -12.831 -3.435  1.00 29.04  ? 57   PHE A C   1 
ATOM   516  O O   . PHE A 1 59  ? 7.503   -13.814 -2.677  1.00 27.57  ? 57   PHE A O   1 
ATOM   517  C CB  . PHE A 1 59  ? 9.369   -11.362 -4.201  1.00 27.16  ? 57   PHE A CB  1 
ATOM   518  C CG  . PHE A 1 59  ? 10.069  -11.420 -2.859  1.00 29.89  ? 57   PHE A CG  1 
ATOM   519  C CD1 . PHE A 1 59  ? 10.555  -12.611 -2.364  1.00 26.58  ? 57   PHE A CD1 1 
ATOM   520  C CD2 . PHE A 1 59  ? 10.289  -10.266 -2.130  1.00 32.54  ? 57   PHE A CD2 1 
ATOM   521  C CE1 . PHE A 1 59  ? 11.190  -12.657 -1.153  1.00 29.93  ? 57   PHE A CE1 1 
ATOM   522  C CE2 . PHE A 1 59  ? 10.949  -10.307 -0.917  1.00 35.42  ? 57   PHE A CE2 1 
ATOM   523  C CZ  . PHE A 1 59  ? 11.401  -11.514 -0.431  1.00 37.62  ? 57   PHE A CZ  1 
ATOM   524  H H   . PHE A 1 59  ? 7.943   -11.611 -6.149  1.00 29.47  ? 57   PHE A H   1 
ATOM   525  N N   . LYS A 1 60  ? 6.429   -11.952 -3.358  1.00 25.98  ? 58   LYS A N   1 
ATOM   526  C CA  . LYS A 1 60  ? 5.410   -12.020 -2.305  1.00 25.57  ? 58   LYS A CA  1 
ATOM   527  C C   . LYS A 1 60  ? 4.044   -11.562 -2.801  1.00 33.21  ? 58   LYS A C   1 
ATOM   528  O O   . LYS A 1 60  ? 3.939   -10.550 -3.513  1.00 27.88  ? 58   LYS A O   1 
ATOM   529  C CB  . LYS A 1 60  ? 5.789   -11.124 -1.115  1.00 27.61  ? 58   LYS A CB  1 
ATOM   530  C CG  . LYS A 1 60  ? 7.024   -11.582 -0.329  1.00 37.79  ? 58   LYS A CG  1 
ATOM   531  C CD  . LYS A 1 60  ? 6.750   -12.870 0.489   1.00 33.86  ? 58   LYS A CD  1 
ATOM   532  C CE  . LYS A 1 60  ? 7.989   -13.284 1.301   1.00 38.29  ? 58   LYS A CE  1 
ATOM   533  N NZ  . LYS A 1 60  ? 7.688   -14.435 2.225   1.00 27.80  ? 58   LYS A NZ  1 
ATOM   534  H H   . LYS A 1 60  ? 6.317   -11.301 -3.909  1.00 31.18  ? 58   LYS A H   1 
ATOM   535  N N   . ASN A 1 61  ? 2.995   -12.278 -2.405  1.00 25.51  ? 59   ASN A N   1 
ATOM   536  C CA  . ASN A 1 61  ? 1.635   -11.778 -2.605  1.00 27.45  ? 59   ASN A CA  1 
ATOM   537  C C   . ASN A 1 61  ? 1.073   -11.335 -1.261  1.00 31.82  ? 59   ASN A C   1 
ATOM   538  O O   . ASN A 1 61  ? 1.400   -11.908 -0.217  1.00 27.02  ? 59   ASN A O   1 
ATOM   539  C CB  . ASN A 1 61  ? 0.701   -12.837 -3.203  1.00 29.41  ? 59   ASN A CB  1 
ATOM   540  C CG  . ASN A 1 61  ? 1.213   -13.441 -4.511  1.00 35.36  ? 59   ASN A CG  1 
ATOM   541  O OD1 . ASN A 1 61  ? 1.620   -12.745 -5.417  1.00 29.70  ? 59   ASN A OD1 1 
ATOM   542  N ND2 . ASN A 1 61  ? 1.161   -14.776 -4.607  1.00 34.12  ? 59   ASN A ND2 1 
ATOM   543  H H   . ASN A 1 61  ? 3.041   -13.047 -2.022  1.00 30.61  ? 59   ASN A H   1 
ATOM   544  N N   . THR A 1 62  ? 0.217   -10.322 -1.268  1.00 24.53  ? 60   THR A N   1 
ATOM   545  C CA  . THR A 1 62  ? -0.459  -9.900  -0.044  1.00 27.51  ? 60   THR A CA  1 
ATOM   546  C C   . THR A 1 62  ? -1.889  -9.599  -0.396  1.00 25.66  ? 60   THR A C   1 
ATOM   547  O O   . THR A 1 62  ? -2.209  -9.370  -1.550  1.00 25.31  ? 60   THR A O   1 
ATOM   548  C CB  . THR A 1 62  ? 0.155   -8.631  0.579   1.00 28.49  ? 60   THR A CB  1 
ATOM   549  O OG1 . THR A 1 62  ? 0.100   -7.549  -0.365  1.00 24.69  ? 60   THR A OG1 1 
ATOM   550  C CG2 . THR A 1 62  ? 1.596   -8.878  0.972   1.00 26.27  ? 60   THR A CG2 1 
ATOM   551  H H   . THR A 1 62  ? 0.009   -9.863  -1.965  1.00 29.44  ? 60   THR A H   1 
ATOM   552  N N   . GLU A 1 63  ? -2.759  -9.619  0.601   1.00 25.93  ? 61   GLU A N   1 
ATOM   553  C CA  . GLU A 1 63  ? -4.124  -9.220  0.370   1.00 29.35  ? 61   GLU A CA  1 
ATOM   554  C C   . GLU A 1 63  ? -4.710  -8.698  1.666   1.00 28.23  ? 61   GLU A C   1 
ATOM   555  O O   . GLU A 1 63  ? -4.473  -9.271  2.739   1.00 28.62  ? 61   GLU A O   1 
ATOM   556  C CB  . GLU A 1 63  ? -4.951  -10.400 -0.161  1.00 28.42  ? 61   GLU A CB  1 
ATOM   557  C CG  . GLU A 1 63  ? -6.365  -10.012 -0.595  1.00 29.06  ? 61   GLU A CG  1 
ATOM   558  C CD  . GLU A 1 63  ? -7.137  -11.213 -1.135  1.00 36.39  ? 61   GLU A CD  1 
ATOM   559  O OE1 . GLU A 1 63  ? -6.755  -11.718 -2.199  1.00 32.42  ? 61   GLU A OE1 1 
ATOM   560  O OE2 . GLU A 1 63  ? -8.108  -11.647 -0.488  1.00 33.52  ? 61   GLU A OE2 1 
ATOM   561  H H   . GLU A 1 63  ? -2.582  -9.857  1.409   1.00 31.12  ? 61   GLU A H   1 
ATOM   562  N N   . ILE A 1 64  ? -5.452  -7.592  1.560   1.00 22.65  ? 62   ILE A N   1 
ATOM   563  C CA  . ILE A 1 64  ? -6.187  -7.055  2.701   1.00 25.21  ? 62   ILE A CA  1 
ATOM   564  C C   . ILE A 1 64  ? -7.631  -6.816  2.271   1.00 24.84  ? 62   ILE A C   1 
ATOM   565  O O   . ILE A 1 64  ? -7.889  -6.452  1.130   1.00 24.70  ? 62   ILE A O   1 
ATOM   566  C CB  . ILE A 1 64  ? -5.556  -5.729  3.253   1.00 29.35  ? 62   ILE A CB  1 
ATOM   567  C CG1 . ILE A 1 64  ? -5.414  -4.668  2.154   1.00 25.72  ? 62   ILE A CG1 1 
ATOM   568  C CG2 . ILE A 1 64  ? -4.177  -5.997  3.879   1.00 24.52  ? 62   ILE A CG2 1 
ATOM   569  C CD1 . ILE A 1 64  ? -4.954  -3.272  2.693   1.00 23.49  ? 62   ILE A CD1 1 
ATOM   570  H H   . ILE A 1 64  ? -5.545  -7.136  0.837   1.00 27.18  ? 62   ILE A H   1 
ATOM   571  N N   . SER A 1 65  ? -8.568  -7.081  3.174   1.00 25.50  ? 63   SER A N   1 
ATOM   572  C CA  . SER A 1 65  ? -9.972  -6.766  2.934   1.00 27.71  ? 63   SER A CA  1 
ATOM   573  C C   . SER A 1 65  ? -10.429 -5.957  4.139   1.00 29.18  ? 63   SER A C   1 
ATOM   574  O O   . SER A 1 65  ? -10.071 -6.273  5.274   1.00 28.35  ? 63   SER A O   1 
ATOM   575  C CB  . SER A 1 65  ? -10.794 -8.057  2.809   1.00 28.12  ? 63   SER A CB  1 
ATOM   576  O OG  . SER A 1 65  ? -10.450 -8.743  1.616   1.00 29.00  ? 63   SER A OG  1 
ATOM   577  H H   . SER A 1 65  ? -8.416  -7.444  3.938   1.00 30.60  ? 63   SER A H   1 
ATOM   578  N N   . PHE A 1 66  ? -11.196 -4.897  3.917   1.00 27.67  ? 64   PHE A N   1 
ATOM   579  C CA  . PHE A 1 66  ? -11.486 -3.993  5.013   1.00 24.13  ? 64   PHE A CA  1 
ATOM   580  C C   . PHE A 1 66  ? -12.715 -3.154  4.723   1.00 26.59  ? 64   PHE A C   1 
ATOM   581  O O   . PHE A 1 66  ? -13.116 -3.001  3.567   1.00 28.74  ? 64   PHE A O   1 
ATOM   582  C CB  . PHE A 1 66  ? -10.297 -3.049  5.240   1.00 26.03  ? 64   PHE A CB  1 
ATOM   583  C CG  . PHE A 1 66  ? -9.897  -2.283  4.001   1.00 25.79  ? 64   PHE A CG  1 
ATOM   584  C CD1 . PHE A 1 66  ? -10.515 -1.082  3.678   1.00 23.64  ? 64   PHE A CD1 1 
ATOM   585  C CD2 . PHE A 1 66  ? -8.917  -2.778  3.149   1.00 25.28  ? 64   PHE A CD2 1 
ATOM   586  C CE1 . PHE A 1 66  ? -10.157 -0.376  2.519   1.00 26.36  ? 64   PHE A CE1 1 
ATOM   587  C CE2 . PHE A 1 66  ? -8.558  -2.086  1.986   1.00 29.19  ? 64   PHE A CE2 1 
ATOM   588  C CZ  . PHE A 1 66  ? -9.189  -0.869  1.672   1.00 26.87  ? 64   PHE A CZ  1 
ATOM   589  H H   . PHE A 1 66  ? -11.550 -4.687  3.162   1.00 33.20  ? 64   PHE A H   1 
ATOM   590  N N   . LYS A 1 67  ? -13.289 -2.598  5.776   1.00 24.10  ? 65   LYS A N   1 
ATOM   591  C CA  . LYS A 1 67  ? -14.304 -1.554  5.612   1.00 25.97  ? 65   LYS A CA  1 
ATOM   592  C C   . LYS A 1 67  ? -13.675 -0.238  6.000   1.00 27.67  ? 65   LYS A C   1 
ATOM   593  O O   . LYS A 1 67  ? -12.849 -0.196  6.891   1.00 24.69  ? 65   LYS A O   1 
ATOM   594  C CB  . LYS A 1 67  ? -15.500 -1.816  6.518   1.00 28.96  ? 65   LYS A CB  1 
ATOM   595  C CG  . LYS A 1 67  ? -16.218 -3.126  6.199   1.00 32.58  ? 65   LYS A CG  1 
ATOM   596  C CD  . LYS A 1 67  ? -17.330 -3.405  7.208   1.00 37.24  ? 65   LYS A CD  1 
ATOM   597  C CE  . LYS A 1 67  ? -18.013 -4.731  6.893   1.00 48.16  ? 65   LYS A CE  1 
ATOM   598  N NZ  . LYS A 1 67  ? -19.146 -4.997  7.813   1.00 50.81  ? 65   LYS A NZ  1 
ATOM   599  H H   . LYS A 1 67  ? -13.115 -2.799  6.593   1.00 28.92  ? 65   LYS A H   1 
ATOM   600  N N   . LEU A 1 68  ? -14.077 0.852   5.357   1.00 27.85  ? 66   LEU A N   1 
ATOM   601  C CA  . LEU A 1 68  ? -13.464 2.137   5.674   1.00 23.02  ? 66   LEU A CA  1 
ATOM   602  C C   . LEU A 1 68  ? -13.644 2.492   7.149   1.00 23.05  ? 66   LEU A C   1 
ATOM   603  O O   . LEU A 1 68  ? -14.719 2.359   7.715   1.00 24.16  ? 66   LEU A O   1 
ATOM   604  C CB  . LEU A 1 68  ? -14.044 3.234   4.775   1.00 23.31  ? 66   LEU A CB  1 
ATOM   605  C CG  . LEU A 1 68  ? -13.701 3.162   3.284   1.00 28.40  ? 66   LEU A CG  1 
ATOM   606  C CD1 . LEU A 1 68  ? -14.469 4.317   2.541   1.00 27.29  ? 66   LEU A CD1 1 
ATOM   607  C CD2 . LEU A 1 68  ? -12.187 3.274   3.041   1.00 24.85  ? 66   LEU A CD2 1 
ATOM   608  H H   . LEU A 1 68  ? -14.685 0.877   4.750   1.00 33.42  ? 66   LEU A H   1 
ATOM   609  N N   . GLY A 1 69  ? -12.560 2.946   7.762   1.00 24.49  ? 67   GLY A N   1 
ATOM   610  C CA  . GLY A 1 69  ? -12.604 3.451   9.118   1.00 24.74  ? 67   GLY A CA  1 
ATOM   611  C C   . GLY A 1 69  ? -12.627 2.379   10.198  1.00 25.71  ? 67   GLY A C   1 
ATOM   612  O O   . GLY A 1 69  ? -12.722 2.728   11.365  1.00 25.83  ? 67   GLY A O   1 
ATOM   613  H H   . GLY A 1 69  ? -11.778 2.970   7.406   1.00 29.39  ? 67   GLY A H   1 
ATOM   614  N N   . GLN A 1 70  ? -12.549 1.093   9.831   1.00 22.49  ? 68   GLN A N   1 
ATOM   615  C CA  . GLN A 1 70  ? -12.610 0.000   10.840  1.00 23.66  ? 68   GLN A CA  1 
ATOM   616  C C   . GLN A 1 70  ? -11.298 -0.756  10.905  1.00 23.69  ? 68   GLN A C   1 
ATOM   617  O O   . GLN A 1 70  ? -10.833 -1.291  9.921   1.00 23.44  ? 68   GLN A O   1 
ATOM   618  C CB  . GLN A 1 70  ? -13.765 -0.980  10.525  1.00 26.08  ? 68   GLN A CB  1 
ATOM   619  C CG  . GLN A 1 70  ? -15.108 -0.239  10.454  1.00 27.50  ? 68   GLN A CG  1 
ATOM   620  C CD  . GLN A 1 70  ? -16.308 -1.162  10.441  1.00 32.36  ? 68   GLN A CD  1 
ATOM   621  O OE1 . GLN A 1 70  ? -16.305 -2.193  11.089  1.00 36.49  ? 68   GLN A OE1 1 
ATOM   622  N NE2 . GLN A 1 70  ? -17.360 -0.761  9.738   1.00 31.05  ? 68   GLN A NE2 1 
ATOM   623  H H   . GLN A 1 70  ? -12.460 0.822   9.020   1.00 26.99  ? 68   GLN A H   1 
ATOM   624  N N   . GLU A 1 71  ? -10.701 -0.784  12.087  1.00 22.38  ? 69   GLU A N   1 
ATOM   625  C CA  . GLU A 1 71  ? -9.370  -1.320  12.234  1.00 24.92  ? 69   GLU A CA  1 
ATOM   626  C C   . GLU A 1 71  ? -9.418  -2.813  11.952  1.00 26.40  ? 69   GLU A C   1 
ATOM   627  O O   . GLU A 1 71  ? -10.417 -3.473  12.267  1.00 25.97  ? 69   GLU A O   1 
ATOM   628  C CB  . GLU A 1 71  ? -8.858  -1.058  13.642  1.00 22.17  ? 69   GLU A CB  1 
ATOM   629  C CG  . GLU A 1 71  ? -7.378  -1.420  13.833  1.00 27.66  ? 69   GLU A CG  1 
ATOM   630  C CD  . GLU A 1 71  ? -6.851  -0.936  15.155  1.00 32.28  ? 69   GLU A CD  1 
ATOM   631  O OE1 . GLU A 1 71  ? -7.228  -1.559  16.166  1.00 31.90  ? 69   GLU A OE1 1 
ATOM   632  O OE2 . GLU A 1 71  ? -6.087  0.060   15.175  1.00 33.90  ? 69   GLU A OE2 1 
ATOM   633  H H   . GLU A 1 71  ? -11.050 -0.496  12.817  1.00 26.86  ? 69   GLU A H   1 
ATOM   634  N N   . PHE A 1 72  ? -8.367  -3.318  11.311  1.00 23.69  ? 70   PHE A N   1 
ATOM   635  C CA  . PHE A 1 72  ? -8.259  -4.751  11.037  1.00 23.92  ? 70   PHE A CA  1 
ATOM   636  C C   . PHE A 1 72  ? -6.824  -5.215  11.191  1.00 25.90  ? 70   PHE A C   1 
ATOM   637  O O   . PHE A 1 72  ? -5.896  -4.416  11.214  1.00 24.30  ? 70   PHE A O   1 
ATOM   638  C CB  . PHE A 1 72  ? -8.761  -5.067  9.630   1.00 26.01  ? 70   PHE A CB  1 
ATOM   639  C CG  . PHE A 1 72  ? -8.003  -4.338  8.534   1.00 27.78  ? 70   PHE A CG  1 
ATOM   640  C CD1 . PHE A 1 72  ? -8.269  -3.009  8.258   1.00 23.26  ? 70   PHE A CD1 1 
ATOM   641  C CD2 . PHE A 1 72  ? -7.032  -4.991  7.779   1.00 28.12  ? 70   PHE A CD2 1 
ATOM   642  C CE1 . PHE A 1 72  ? -7.563  -2.322  7.250   1.00 24.16  ? 70   PHE A CE1 1 
ATOM   643  C CE2 . PHE A 1 72  ? -6.342  -4.331  6.767   1.00 24.68  ? 70   PHE A CE2 1 
ATOM   644  C CZ  . PHE A 1 72  ? -6.604  -2.980  6.502   1.00 25.29  ? 70   PHE A CZ  1 
ATOM   645  H H   . PHE A 1 72  ? -7.704  -2.853  11.025  1.00 28.43  ? 70   PHE A H   1 
ATOM   646  N N   . GLU A 1 73  ? -6.655  -6.532  11.299  1.00 23.55  ? 71   GLU A N   1 
ATOM   647  C CA  A GLU A 1 73  ? -5.333  -7.138  11.395  0.46 24.71  ? 71   GLU A CA  1 
ATOM   648  C CA  B GLU A 1 73  ? -5.338  -7.152  11.384  0.54 24.72  ? 71   GLU A CA  1 
ATOM   649  C C   . GLU A 1 73  ? -4.784  -7.374  10.000  1.00 22.75  ? 71   GLU A C   1 
ATOM   650  O O   . GLU A 1 73  ? -5.487  -7.859  9.115   1.00 25.99  ? 71   GLU A O   1 
ATOM   651  C CB  A GLU A 1 73  ? -5.398  -8.465  12.182  0.46 25.78  ? 71   GLU A CB  1 
ATOM   652  C CB  B GLU A 1 73  ? -5.452  -8.512  12.090  0.54 25.74  ? 71   GLU A CB  1 
ATOM   653  C CG  A GLU A 1 73  ? -5.462  -8.224  13.676  0.46 29.59  ? 71   GLU A CG  1 
ATOM   654  C CG  B GLU A 1 73  ? -5.944  -8.351  13.485  0.54 28.51  ? 71   GLU A CG  1 
ATOM   655  C CD  A GLU A 1 73  ? -5.692  -9.492  14.493  0.46 31.09  ? 71   GLU A CD  1 
ATOM   656  C CD  B GLU A 1 73  ? -4.919  -7.696  14.386  0.54 33.23  ? 71   GLU A CD  1 
ATOM   657  O OE1 A GLU A 1 73  ? -6.128  -10.512 13.925  0.46 31.49  ? 71   GLU A OE1 1 
ATOM   658  O OE1 B GLU A 1 73  ? -3.715  -7.684  14.035  0.54 36.17  ? 71   GLU A OE1 1 
ATOM   659  O OE2 A GLU A 1 73  ? -5.444  -9.445  15.705  0.46 34.13  ? 71   GLU A OE2 1 
ATOM   660  O OE2 B GLU A 1 73  ? -5.325  -7.201  15.454  0.54 37.07  ? 71   GLU A OE2 1 
ATOM   661  H H   A GLU A 1 73  ? -7.300  -7.101  11.320  0.46 28.26  ? 71   GLU A H   1 
ATOM   662  H H   B GLU A 1 73  ? -7.304  -7.097  11.327  0.54 28.26  ? 71   GLU A H   1 
ATOM   663  N N   . GLU A 1 74  ? -3.528  -7.019  9.812   1.00 23.29  ? 72   GLU A N   1 
ATOM   664  C CA  . GLU A 1 74  ? -2.925  -7.121  8.497   1.00 22.32  ? 72   GLU A CA  1 
ATOM   665  C C   . GLU A 1 74  ? -1.567  -7.810  8.624   1.00 23.30  ? 72   GLU A C   1 
ATOM   666  O O   . GLU A 1 74  ? -0.836  -7.555  9.573   1.00 23.27  ? 72   GLU A O   1 
ATOM   667  C CB  . GLU A 1 74  ? -2.725  -5.696  7.907   1.00 22.13  ? 72   GLU A CB  1 
ATOM   668  C CG  . GLU A 1 74  ? -1.920  -5.708  6.629   1.00 20.15  ? 72   GLU A CG  1 
ATOM   669  C CD  . GLU A 1 74  ? -1.775  -4.318  5.991   1.00 24.12  ? 72   GLU A CD  1 
ATOM   670  O OE1 . GLU A 1 74  ? -2.186  -3.334  6.618   1.00 23.48  ? 72   GLU A OE1 1 
ATOM   671  O OE2 . GLU A 1 74  ? -1.272  -4.236  4.859   1.00 22.82  ? 72   GLU A OE2 1 
ATOM   672  H H   . GLU A 1 74  ? -3.005  -6.718  10.424  1.00 27.95  ? 72   GLU A H   1 
ATOM   673  N N   . THR A 1 75  ? -1.214  -8.636  7.646   1.00 23.69  ? 73   THR A N   1 
ATOM   674  C CA  . THR A 1 75  ? 0.145   -9.137  7.549   1.00 21.64  ? 73   THR A CA  1 
ATOM   675  C C   . THR A 1 75  ? 0.778   -8.571  6.306   1.00 21.09  ? 73   THR A C   1 
ATOM   676  O O   . THR A 1 75  ? 0.238   -8.715  5.205   1.00 25.60  ? 73   THR A O   1 
ATOM   677  C CB  . THR A 1 75  ? 0.177   -10.699 7.452   1.00 28.13  ? 73   THR A CB  1 
ATOM   678  O OG1 . THR A 1 75  ? -0.468  -11.230 8.602   1.00 27.41  ? 73   THR A OG1 1 
ATOM   679  C CG2 . THR A 1 75  ? 1.608   -11.176 7.394   1.00 28.84  ? 73   THR A CG2 1 
ATOM   680  H H   . THR A 1 75  ? -1.742  -8.920  7.029   1.00 28.43  ? 73   THR A H   1 
ATOM   681  N N   . THR A 1 76  ? 1.888   -7.853  6.470   1.00 21.78  ? 74   THR A N   1 
ATOM   682  C CA  . THR A 1 76  ? 2.448   -7.084  5.342   1.00 22.67  ? 74   THR A CA  1 
ATOM   683  C C   . THR A 1 76  ? 3.409   -7.942  4.524   1.00 26.60  ? 74   THR A C   1 
ATOM   684  O O   . THR A 1 76  ? 3.777   -9.049  4.962   1.00 24.68  ? 74   THR A O   1 
ATOM   685  C CB  . THR A 1 76  ? 3.211   -5.842  5.828   1.00 23.40  ? 74   THR A CB  1 
ATOM   686  O OG1 . THR A 1 76  ? 4.338   -6.247  6.613   1.00 20.70  ? 74   THR A OG1 1 
ATOM   687  C CG2 . THR A 1 76  ? 2.313   -4.923  6.671   1.00 20.81  ? 74   THR A CG2 1 
ATOM   688  H H   . THR A 1 76  ? 2.330   -7.789  7.205   1.00 26.14  ? 74   THR A H   1 
ATOM   689  N N   . ALA A 1 77  ? 3.864   -7.414  3.389   1.00 23.36  ? 75   ALA A N   1 
ATOM   690  C CA  . ALA A 1 77  ? 4.730   -8.169  2.494   1.00 26.58  ? 75   ALA A CA  1 
ATOM   691  C C   . ALA A 1 77  ? 6.031   -8.579  3.151   1.00 26.36  ? 75   ALA A C   1 
ATOM   692  O O   . ALA A 1 77  ? 6.626   -9.605  2.766   1.00 27.22  ? 75   ALA A O   1 
ATOM   693  C CB  . ALA A 1 77  ? 5.028   -7.361  1.210   1.00 24.12  ? 75   ALA A CB  1 
ATOM   694  H H   . ALA A 1 77  ? 3.684   -6.617  3.116   1.00 28.03  ? 75   ALA A H   1 
ATOM   695  N N   . ASP A 1 78  ? 6.484   -7.784  4.119   1.00 25.74  ? 76   ASP A N   1 
ATOM   696  C CA  . ASP A 1 78  ? 7.730   -8.083  4.856   1.00 23.54  ? 76   ASP A CA  1 
ATOM   697  C C   . ASP A 1 78  ? 7.444   -8.793  6.174   1.00 22.85  ? 76   ASP A C   1 
ATOM   698  O O   . ASP A 1 78  ? 8.283   -8.833  7.066   1.00 21.78  ? 76   ASP A O   1 
ATOM   699  C CB  . ASP A 1 78  ? 8.552   -6.797  5.106   1.00 26.73  ? 76   ASP A CB  1 
ATOM   700  C CG  . ASP A 1 78  ? 7.742   -5.679  5.753   1.00 23.90  ? 76   ASP A CG  1 
ATOM   701  O OD1 . ASP A 1 78  ? 6.579   -5.480  5.387   1.00 23.15  ? 76   ASP A OD1 1 
ATOM   702  O OD2 . ASP A 1 78  ? 8.276   -4.989  6.641   1.00 24.14  ? 76   ASP A OD2 1 
ATOM   703  H H   . ASP A 1 78  ? 6.093   -7.062  4.373   1.00 30.89  ? 76   ASP A H   1 
ATOM   704  N N   . ASN A 1 79  ? 6.231   -9.312  6.277   1.00 21.29  ? 77   ASN A N   1 
ATOM   705  C CA  . ASN A 1 79  ? 5.760   -10.089 7.422   1.00 21.74  ? 77   ASN A CA  1 
ATOM   706  C C   . ASN A 1 79  ? 5.665   -9.321  8.734   1.00 30.08  ? 77   ASN A C   1 
ATOM   707  O O   . ASN A 1 79  ? 5.886   -9.891  9.795   1.00 26.18  ? 77   ASN A O   1 
ATOM   708  C CB  . ASN A 1 79  ? 6.638   -11.364 7.610   1.00 25.81  ? 77   ASN A CB  1 
ATOM   709  C CG  . ASN A 1 79  ? 5.927   -12.446 8.421   1.00 31.41  ? 77   ASN A CG  1 
ATOM   710  O OD1 . ASN A 1 79  ? 4.702   -12.589 8.354   1.00 28.62  ? 77   ASN A OD1 1 
ATOM   711  N ND2 . ASN A 1 79  ? 6.702   -13.226 9.185   1.00 33.68  ? 77   ASN A ND2 1 
ATOM   712  H H   . ASN A 1 79  ? 5.631   -9.225  5.666   1.00 25.55  ? 77   ASN A H   1 
ATOM   713  N N   . ARG A 1 80  ? 5.303   -8.035  8.701   1.00 21.03  ? 78   ARG A N   1 
ATOM   714  C CA  . ARG A 1 80  ? 4.892   -7.377  9.933   1.00 20.90  ? 78   ARG A CA  1 
ATOM   715  C C   . ARG A 1 80  ? 3.439   -7.718  10.177  1.00 23.71  ? 78   ARG A C   1 
ATOM   716  O O   . ARG A 1 80  ? 2.656   -7.867  9.226   1.00 25.50  ? 78   ARG A O   1 
ATOM   717  C CB  . ARG A 1 80  ? 5.043   -5.843  9.835   1.00 23.45  ? 78   ARG A CB  1 
ATOM   718  C CG  . ARG A 1 80  ? 6.463   -5.328  9.938   1.00 23.83  ? 78   ARG A CG  1 
ATOM   719  C CD  . ARG A 1 80  ? 6.545   -3.794  9.583   1.00 22.74  ? 78   ARG A CD  1 
ATOM   720  N NE  . ARG A 1 80  ? 6.326   -3.659  8.134   1.00 21.64  ? 78   ARG A NE  1 
ATOM   721  C CZ  . ARG A 1 80  ? 5.405   -2.894  7.537   1.00 24.41  ? 78   ARG A CZ  1 
ATOM   722  N NH1 . ARG A 1 80  ? 4.610   -2.084  8.224   1.00 22.28  ? 78   ARG A NH1 1 
ATOM   723  N NH2 . ARG A 1 80  ? 5.304   -2.936  6.213   1.00 21.17  ? 78   ARG A NH2 1 
ATOM   724  H H   . ARG A 1 80  ? 5.289   -7.539  7.999   1.00 25.24  ? 78   ARG A H   1 
ATOM   725  N N   . LYS A 1 81  ? 3.080   -7.846  11.453  1.00 22.27  ? 79   LYS A N   1 
ATOM   726  C CA  . LYS A 1 81  ? 1.696   -8.049  11.849  1.00 20.90  ? 79   LYS A CA  1 
ATOM   727  C C   . LYS A 1 81  ? 1.214   -6.740  12.435  1.00 27.10  ? 79   LYS A C   1 
ATOM   728  O O   . LYS A 1 81  ? 1.666   -6.324  13.509  1.00 23.21  ? 79   LYS A O   1 
ATOM   729  C CB  . LYS A 1 81  ? 1.611   -9.176  12.910  1.00 30.73  ? 79   LYS A CB  1 
ATOM   730  C CG  . LYS A 1 81  ? 2.207   -10.470 12.398  1.00 31.34  ? 79   LYS A CG  1 
ATOM   731  C CD  . LYS A 1 81  ? 1.342   -11.083 11.308  1.00 37.17  ? 79   LYS A CD  1 
ATOM   732  C CE  . LYS A 1 81  ? 1.575   -12.604 11.206  1.00 41.01  ? 79   LYS A CE  1 
ATOM   733  N NZ  . LYS A 1 81  ? 0.667   -13.236 10.183  1.00 38.81  ? 79   LYS A NZ  1 
ATOM   734  H H   . LYS A 1 81  ? 3.629   -7.817  12.115  1.00 26.72  ? 79   LYS A H   1 
ATOM   735  N N   . THR A 1 82  ? 0.341   -6.054  11.696  1.00 26.68  ? 80   THR A N   1 
ATOM   736  C CA  . THR A 1 82  ? -0.038  -4.719  12.095  1.00 25.29  ? 80   THR A CA  1 
ATOM   737  C C   . THR A 1 82  ? -1.527  -4.616  12.344  1.00 24.85  ? 80   THR A C   1 
ATOM   738  O O   . THR A 1 82  ? -2.301  -5.480  11.949  1.00 24.92  ? 80   THR A O   1 
ATOM   739  C CB  . THR A 1 82  ? 0.363   -3.698  10.977  1.00 24.28  ? 80   THR A CB  1 
ATOM   740  O OG1 . THR A 1 82  ? -0.467  -3.895  9.831   1.00 21.20  ? 80   THR A OG1 1 
ATOM   741  C CG2 . THR A 1 82  ? 1.792   -3.916  10.569  1.00 22.09  ? 80   THR A CG2 1 
ATOM   742  H H   . THR A 1 82  ? -0.034  -6.339  10.976  1.00 32.02  ? 80   THR A H   1 
ATOM   743  N N   . LYS A 1 83  ? -1.901  -3.534  13.025  1.00 22.84  ? 81   LYS A N   1 
ATOM   744  C CA  A LYS A 1 83  ? -3.289  -3.148  13.156  0.49 24.96  ? 81   LYS A CA  1 
ATOM   745  C CA  B LYS A 1 83  ? -3.286  -3.150  13.156  0.51 24.95  ? 81   LYS A CA  1 
ATOM   746  C C   . LYS A 1 83  ? -3.433  -1.961  12.216  1.00 23.92  ? 81   LYS A C   1 
ATOM   747  O O   . LYS A 1 83  ? -2.700  -0.979  12.346  1.00 23.81  ? 81   LYS A O   1 
ATOM   748  C CB  A LYS A 1 83  ? -3.605  -2.705  14.582  0.49 30.57  ? 81   LYS A CB  1 
ATOM   749  C CB  B LYS A 1 83  ? -3.582  -2.725  14.591  0.51 30.58  ? 81   LYS A CB  1 
ATOM   750  C CG  A LYS A 1 83  ? -3.561  -3.822  15.638  0.49 29.74  ? 81   LYS A CG  1 
ATOM   751  C CG  B LYS A 1 83  ? -3.375  -3.841  15.625  0.51 29.75  ? 81   LYS A CG  1 
ATOM   752  C CD  A LYS A 1 83  ? -3.705  -3.234  17.042  0.49 28.98  ? 81   LYS A CD  1 
ATOM   753  C CD  B LYS A 1 83  ? -4.646  -4.619  15.870  0.51 30.36  ? 81   LYS A CD  1 
ATOM   754  C CE  A LYS A 1 83  ? -2.529  -2.320  17.387  0.49 40.90  ? 81   LYS A CE  1 
ATOM   755  C CE  B LYS A 1 83  ? -4.487  -5.622  17.049  0.51 39.68  ? 81   LYS A CE  1 
ATOM   756  N NZ  A LYS A 1 83  ? -2.769  -1.480  18.601  0.49 48.49  ? 81   LYS A NZ  1 
ATOM   757  N NZ  B LYS A 1 83  ? -3.815  -5.041  18.247  0.51 37.66  ? 81   LYS A NZ  1 
ATOM   758  H H   A LYS A 1 83  ? -1.355  -3.002  13.424  0.49 27.41  ? 81   LYS A H   1 
ATOM   759  H H   B LYS A 1 83  ? -1.355  -3.002  13.423  0.51 27.41  ? 81   LYS A H   1 
ATOM   760  N N   . SER A 1 84  ? -4.356  -2.067  11.276  1.00 22.18  ? 82   SER A N   1 
ATOM   761  C CA  . SER A 1 84  ? -4.404  -1.096  10.189  1.00 24.15  ? 82   SER A CA  1 
ATOM   762  C C   . SER A 1 84  ? -5.795  -0.490  10.047  1.00 21.47  ? 82   SER A C   1 
ATOM   763  O O   . SER A 1 84  ? -6.796  -1.106  10.421  1.00 23.77  ? 82   SER A O   1 
ATOM   764  C CB  . SER A 1 84  ? -4.023  -1.773  8.881   1.00 24.39  ? 82   SER A CB  1 
ATOM   765  O OG  . SER A 1 84  ? -2.739  -2.355  8.949   1.00 25.74  ? 82   SER A OG  1 
ATOM   766  H H   . SER A 1 84  ? -4.959  -2.680  11.241  1.00 26.62  ? 82   SER A H   1 
ATOM   767  N N   . ILE A 1 85  ? -5.857  0.724   9.475   1.00 21.21  ? 83   ILE A N   1 
ATOM   768  C CA  . ILE A 1 85  ? -7.134  1.368   9.218   1.00 20.39  ? 83   ILE A CA  1 
ATOM   769  C C   . ILE A 1 85  ? -7.003  2.082   7.891   1.00 21.10  ? 83   ILE A C   1 
ATOM   770  O O   . ILE A 1 85  ? -5.991  2.733   7.670   1.00 20.50  ? 83   ILE A O   1 
ATOM   771  C CB  . ILE A 1 85  ? -7.474  2.430   10.273  1.00 27.49  ? 83   ILE A CB  1 
ATOM   772  C CG1 . ILE A 1 85  ? -7.448  1.844   11.672  1.00 25.55  ? 83   ILE A CG1 1 
ATOM   773  C CG2 . ILE A 1 85  ? -8.875  2.999   10.014  1.00 27.22  ? 83   ILE A CG2 1 
ATOM   774  C CD1 . ILE A 1 85  ? -7.742  2.879   12.759  1.00 29.18  ? 83   ILE A CD1 1 
ATOM   775  H H   . ILE A 1 85  ? -5.173  1.185   9.232   1.00 25.45  ? 83   ILE A H   1 
ATOM   776  N N   . VAL A 1 86  ? -7.989  1.924   7.012   1.00 20.85  ? 84   VAL A N   1 
ATOM   777  C CA  . VAL A 1 86  ? -8.004  2.681   5.745   1.00 22.23  ? 84   VAL A CA  1 
ATOM   778  C C   . VAL A 1 86  ? -9.116  3.735   5.816   1.00 23.91  ? 84   VAL A C   1 
ATOM   779  O O   . VAL A 1 86  ? -10.258 3.424   6.171   1.00 22.88  ? 84   VAL A O   1 
ATOM   780  C CB  . VAL A 1 86  ? -8.209  1.747   4.539   1.00 26.30  ? 84   VAL A CB  1 
ATOM   781  C CG1 . VAL A 1 86  ? -8.238  2.509   3.216   1.00 23.98  ? 84   VAL A CG1 1 
ATOM   782  C CG2 . VAL A 1 86  ? -7.069  0.665   4.509   1.00 21.50  ? 84   VAL A CG2 1 
ATOM   783  H H   . VAL A 1 86  ? -8.657  1.392   7.115   1.00 25.02  ? 84   VAL A H   1 
ATOM   784  N N   . THR A 1 87  ? -8.758  4.987   5.522   1.00 23.01  ? 85   THR A N   1 
ATOM   785  C CA  . THR A 1 87  ? -9.734  6.088   5.560   1.00 24.18  ? 85   THR A CA  1 
ATOM   786  C C   . THR A 1 87  ? -9.810  6.727   4.178   1.00 25.33  ? 85   THR A C   1 
ATOM   787  O O   . THR A 1 87  ? -9.005  6.416   3.309   1.00 21.07  ? 85   THR A O   1 
ATOM   788  C CB  . THR A 1 87  ? -9.345  7.145   6.596   1.00 22.77  ? 85   THR A CB  1 
ATOM   789  O OG1 . THR A 1 87  ? -7.967  7.484   6.438   1.00 23.37  ? 85   THR A OG1 1 
ATOM   790  C CG2 . THR A 1 87  ? -9.579  6.602   8.041   1.00 23.83  ? 85   THR A CG2 1 
ATOM   791  H H   . THR A 1 87  ? -7.962  5.228   5.299   1.00 27.61  ? 85   THR A H   1 
ATOM   792  N N   . LEU A 1 88  ? -10.768 7.630   3.980   1.00 22.08  ? 86   LEU A N   1 
ATOM   793  C CA  . LEU A 1 88  ? -10.913 8.310   2.676   1.00 23.92  ? 86   LEU A CA  1 
ATOM   794  C C   . LEU A 1 88  ? -10.868 9.806   2.967   1.00 26.03  ? 86   LEU A C   1 
ATOM   795  O O   . LEU A 1 88  ? -11.653 10.307  3.783   1.00 27.39  ? 86   LEU A O   1 
ATOM   796  C CB  . LEU A 1 88  ? -12.244 7.904   2.043   1.00 25.00  ? 86   LEU A CB  1 
ATOM   797  C CG  . LEU A 1 88  ? -12.558 8.333   0.603   1.00 30.66  ? 86   LEU A CG  1 
ATOM   798  C CD1 . LEU A 1 88  ? -11.618 7.655   -0.385  1.00 33.87  ? 86   LEU A CD1 1 
ATOM   799  C CD2 . LEU A 1 88  ? -14.000 7.991   0.284   1.00 33.58  ? 86   LEU A CD2 1 
ATOM   800  H H   . LEU A 1 88  ? -11.344 7.870   4.571   1.00 26.50  ? 86   LEU A H   1 
ATOM   801  N N   . GLN A 1 89  ? -9.914  10.497  2.348   1.00 23.99  ? 87   GLN A N   1 
ATOM   802  C CA  A GLN A 1 89  ? -9.707  11.920  2.592   0.55 29.51  ? 87   GLN A CA  1 
ATOM   803  C CA  B GLN A 1 89  ? -9.694  11.915  2.599   0.45 29.51  ? 87   GLN A CA  1 
ATOM   804  C C   . GLN A 1 89  ? -9.497  12.623  1.264   1.00 31.62  ? 87   GLN A C   1 
ATOM   805  O O   . GLN A 1 89  ? -8.498  12.393  0.584   1.00 27.51  ? 87   GLN A O   1 
ATOM   806  C CB  A GLN A 1 89  ? -8.488  12.127  3.499   0.55 32.47  ? 87   GLN A CB  1 
ATOM   807  C CB  B GLN A 1 89  ? -8.459  12.087  3.493   0.45 32.48  ? 87   GLN A CB  1 
ATOM   808  C CG  A GLN A 1 89  ? -8.646  11.514  4.875   0.55 32.62  ? 87   GLN A CG  1 
ATOM   809  C CG  B GLN A 1 89  ? -8.155  13.515  3.926   0.45 37.75  ? 87   GLN A CG  1 
ATOM   810  C CD  A GLN A 1 89  ? -7.324  11.334  5.618   0.55 38.08  ? 87   GLN A CD  1 
ATOM   811  C CD  B GLN A 1 89  ? -6.931  13.597  4.832   0.45 40.38  ? 87   GLN A CD  1 
ATOM   812  O OE1 A GLN A 1 89  ? -7.065  10.285  6.232   0.55 34.82  ? 87   GLN A OE1 1 
ATOM   813  O OE1 B GLN A 1 89  ? -5.798  13.411  4.380   0.45 39.43  ? 87   GLN A OE1 1 
ATOM   814  N NE2 A GLN A 1 89  ? -6.498  12.358  5.583   0.55 35.99  ? 87   GLN A NE2 1 
ATOM   815  N NE2 B GLN A 1 89  ? -7.159  13.856  6.115   0.45 32.03  ? 87   GLN A NE2 1 
ATOM   816  H H   A GLN A 1 89  ? -9.368  10.160  1.774   0.55 28.79  ? 87   GLN A H   1 
ATOM   817  H H   B GLN A 1 89  ? -9.374  10.161  1.768   0.45 28.79  ? 87   GLN A H   1 
ATOM   818  N N   . ARG A 1 90  ? -10.465 13.461  0.886   1.00 29.57  ? 88   ARG A N   1 
ATOM   819  C CA  . ARG A 1 90  ? -10.404 14.191  -0.381  1.00 37.58  ? 88   ARG A CA  1 
ATOM   820  C C   . ARG A 1 90  ? -10.140 13.201  -1.520  1.00 33.24  ? 88   ARG A C   1 
ATOM   821  O O   . ARG A 1 90  ? -9.311  13.429  -2.393  1.00 29.66  ? 88   ARG A O   1 
ATOM   822  C CB  . ARG A 1 90  ? -9.357  15.317  -0.299  1.00 37.05  ? 88   ARG A CB  1 
ATOM   823  C CG  . ARG A 1 90  ? -9.774  16.447  0.681   1.00 49.92  ? 88   ARG A CG  1 
ATOM   824  C CD  . ARG A 1 90  ? -8.671  17.500  0.963   1.00 54.07  ? 88   ARG A CD  1 
ATOM   825  N NE  . ARG A 1 90  ? -7.393  16.918  1.387   1.00 67.04  ? 88   ARG A NE  1 
ATOM   826  C CZ  . ARG A 1 90  ? -7.056  16.597  2.644   1.00 61.17  ? 88   ARG A CZ  1 
ATOM   827  N NH1 . ARG A 1 90  ? -7.897  16.788  3.674   1.00 47.03  ? 88   ARG A NH1 1 
ATOM   828  N NH2 . ARG A 1 90  ? -5.855  16.073  2.872   1.00 58.38  ? 88   ARG A NH2 1 
ATOM   829  H H   . ARG A 1 90  ? -11.172 13.625  1.348   1.00 35.48  ? 88   ARG A H   1 
ATOM   830  N N   . GLY A 1 91  ? -10.861 12.079  -1.481  1.00 33.61  ? 89   GLY A N   1 
ATOM   831  C CA  . GLY A 1 91  ? -10.772 11.080  -2.526  1.00 35.26  ? 89   GLY A CA  1 
ATOM   832  C C   . GLY A 1 91  ? -9.553  10.170  -2.440  1.00 35.05  ? 89   GLY A C   1 
ATOM   833  O O   . GLY A 1 91  ? -9.450  9.234   -3.208  1.00 38.74  ? 89   GLY A O   1 
ATOM   834  H H   . GLY A 1 91  ? -11.411 11.877  -0.851  1.00 40.33  ? 89   GLY A H   1 
ATOM   835  N N   . SER A 1 92  ? -8.630  10.452  -1.525  1.00 26.47  ? 90   SER A N   1 
ATOM   836  C CA  . SER A 1 92  ? -7.418  9.655   -1.375  1.00 24.15  ? 90   SER A CA  1 
ATOM   837  C C   . SER A 1 92  ? -7.713  8.506   -0.393  1.00 30.70  ? 90   SER A C   1 
ATOM   838  O O   . SER A 1 92  ? -8.416  8.708   0.577   1.00 25.53  ? 90   SER A O   1 
ATOM   839  C CB  . SER A 1 92  ? -6.330  10.559  -0.827  1.00 28.53  ? 90   SER A CB  1 
ATOM   840  O OG  . SER A 1 92  ? -5.133  9.873   -0.611  1.00 34.32  ? 90   SER A OG  1 
ATOM   841  H H   . SER A 1 92  ? -8.683  11.110  -0.974  1.00 31.76  ? 90   SER A H   1 
ATOM   842  N N   . LEU A 1 93  ? -7.183  7.322   -0.687  1.00 25.25  ? 91   LEU A N   1 
ATOM   843  C CA  A LEU A 1 93  ? -7.369  6.156   0.144   0.46 27.23  ? 91   LEU A CA  1 
ATOM   844  C CA  B LEU A 1 93  ? -7.345  6.137   0.145   0.54 27.23  ? 91   LEU A CA  1 
ATOM   845  C C   . LEU A 1 93  ? -6.131  6.034   1.030   1.00 25.14  ? 91   LEU A C   1 
ATOM   846  O O   . LEU A 1 93  ? -5.039  5.744   0.548   1.00 25.26  ? 91   LEU A O   1 
ATOM   847  C CB  A LEU A 1 93  ? -7.527  4.940   -0.764  0.46 28.74  ? 91   LEU A CB  1 
ATOM   848  C CB  B LEU A 1 93  ? -7.381  4.876   -0.713  0.54 28.78  ? 91   LEU A CB  1 
ATOM   849  C CG  A LEU A 1 93  ? -8.123  3.658   -0.204  0.46 25.66  ? 91   LEU A CG  1 
ATOM   850  C CG  B LEU A 1 93  ? -8.698  4.294   -1.200  0.54 25.76  ? 91   LEU A CG  1 
ATOM   851  C CD1 A LEU A 1 93  ? -9.587  3.829   0.225   0.46 24.47  ? 91   LEU A CD1 1 
ATOM   852  C CD1 B LEU A 1 93  ? -8.356  3.025   -1.976  0.54 21.92  ? 91   LEU A CD1 1 
ATOM   853  C CD2 A LEU A 1 93  ? -7.983  2.599   -1.280  0.46 23.24  ? 91   LEU A CD2 1 
ATOM   854  C CD2 B LEU A 1 93  ? -9.670  4.005   -0.042  0.54 24.71  ? 91   LEU A CD2 1 
ATOM   855  H H   A LEU A 1 93  ? -6.701  7.173   -1.384  0.46 30.30  ? 91   LEU A H   1 
ATOM   856  H H   B LEU A 1 93  ? -6.709  7.177   -1.390  0.54 30.30  ? 91   LEU A H   1 
ATOM   857  N N   . ASN A 1 94  ? -6.301  6.284   2.317   1.00 20.24  ? 92   ASN A N   1 
ATOM   858  C CA  . ASN A 1 94  ? -5.156  6.412   3.189   1.00 22.44  ? 92   ASN A CA  1 
ATOM   859  C C   . ASN A 1 94  ? -5.102  5.237   4.149   1.00 25.29  ? 92   ASN A C   1 
ATOM   860  O O   . ASN A 1 94  ? -6.022  5.049   4.928   1.00 25.08  ? 92   ASN A O   1 
ATOM   861  C CB  . ASN A 1 94  ? -5.205  7.717   3.972   1.00 24.99  ? 92   ASN A CB  1 
ATOM   862  C CG  . ASN A 1 94  ? -5.099  8.958   3.032   1.00 32.07  ? 92   ASN A CG  1 
ATOM   863  O OD1 . ASN A 1 94  ? -5.351  10.100  3.429   1.00 36.24  ? 92   ASN A OD1 1 
ATOM   864  N ND2 . ASN A 1 94  ? -4.761  8.706   1.776   1.00 29.71  ? 92   ASN A ND2 1 
ATOM   865  H H   . ASN A 1 94  ? -7.061  6.381   2.705   1.00 24.29  ? 92   ASN A H   1 
ATOM   866  N N   . GLN A 1 95  ? -4.015  4.473   4.071   1.00 21.69  ? 93   GLN A N   1 
ATOM   867  C CA  . GLN A 1 95  ? -3.849  3.289   4.922   1.00 21.62  ? 93   GLN A CA  1 
ATOM   868  C C   . GLN A 1 95  ? -2.796  3.563   6.002   1.00 23.74  ? 93   GLN A C   1 
ATOM   869  O O   . GLN A 1 95  ? -1.677  3.945   5.677   1.00 29.99  ? 93   GLN A O   1 
ATOM   870  C CB  . GLN A 1 95  ? -3.382  2.124   4.060   1.00 22.79  ? 93   GLN A CB  1 
ATOM   871  C CG  . GLN A 1 95  ? -3.148  0.782   4.868   1.00 21.69  ? 93   GLN A CG  1 
ATOM   872  C CD  . GLN A 1 95  ? -2.607  -0.309  3.965   1.00 27.42  ? 93   GLN A CD  1 
ATOM   873  O OE1 . GLN A 1 95  ? -2.260  -0.043  2.814   1.00 24.21  ? 93   GLN A OE1 1 
ATOM   874  N NE2 . GLN A 1 95  ? -2.539  -1.551  4.468   1.00 23.22  ? 93   GLN A NE2 1 
ATOM   875  H H   . GLN A 1 95  ? -3.358  4.617   3.535   1.00 26.03  ? 93   GLN A H   1 
ATOM   876  N N   . VAL A 1 96  ? -3.150  3.379   7.273   1.00 21.59  ? 94   VAL A N   1 
ATOM   877  C CA  . VAL A 1 96  ? -2.176  3.512   8.348   1.00 21.12  ? 94   VAL A CA  1 
ATOM   878  C C   . VAL A 1 96  ? -1.986  2.121   8.944   1.00 21.17  ? 94   VAL A C   1 
ATOM   879  O O   . VAL A 1 96  ? -2.972  1.424   9.182   1.00 25.36  ? 94   VAL A O   1 
ATOM   880  C CB  . VAL A 1 96  ? -2.623  4.532   9.424   1.00 22.39  ? 94   VAL A CB  1 
ATOM   881  C CG1 . VAL A 1 96  ? -3.921  4.121   10.058  1.00 32.34  ? 94   VAL A CG1 1 
ATOM   882  C CG2 . VAL A 1 96  ? -1.542  4.771   10.501  1.00 23.32  ? 94   VAL A CG2 1 
ATOM   883  H H   . VAL A 1 96  ? -3.944  3.178   7.535   1.00 25.91  ? 94   VAL A H   1 
ATOM   884  N N   . GLN A 1 97  ? -0.724  1.753   9.151   1.00 23.90  ? 95   GLN A N   1 
ATOM   885  C CA  . GLN A 1 97  ? -0.335  0.478   9.758   1.00 22.87  ? 95   GLN A CA  1 
ATOM   886  C C   . GLN A 1 97  ? 0.377   0.778   11.057  1.00 22.88  ? 95   GLN A C   1 
ATOM   887  O O   . GLN A 1 97  ? 1.335   1.566   11.073  1.00 21.71  ? 95   GLN A O   1 
ATOM   888  C CB  . GLN A 1 97  ? 0.645   -0.267  8.839   1.00 24.70  ? 95   GLN A CB  1 
ATOM   889  C CG  . GLN A 1 97  ? 0.043   -0.721  7.526   1.00 26.13  ? 95   GLN A CG  1 
ATOM   890  C CD  . GLN A 1 97  ? 1.066   -1.284  6.562   1.00 22.34  ? 95   GLN A CD  1 
ATOM   891  O OE1 . GLN A 1 97  ? 2.269   -1.063  6.692   1.00 22.48  ? 95   GLN A OE1 1 
ATOM   892  N NE2 . GLN A 1 97  ? 0.580   -2.031  5.587   1.00 21.51  ? 95   GLN A NE2 1 
ATOM   893  H H   . GLN A 1 97  ? -0.049  2.243   8.939   1.00 28.68  ? 95   GLN A H   1 
ATOM   894  N N   . ARG A 1 98  ? -0.062  0.135   12.134  1.00 22.88  ? 96   ARG A N   1 
ATOM   895  C CA  . ARG A 1 98  ? 0.595   0.299   13.427  1.00 22.63  ? 96   ARG A CA  1 
ATOM   896  C C   . ARG A 1 98  ? 1.036   -1.050  14.002  1.00 23.77  ? 96   ARG A C   1 
ATOM   897  O O   . ARG A 1 98  ? 0.266   -2.033  13.993  1.00 23.55  ? 96   ARG A O   1 
ATOM   898  C CB  . ARG A 1 98  ? -0.349  0.971   14.415  1.00 24.67  ? 96   ARG A CB  1 
ATOM   899  C CG  . ARG A 1 98  ? -0.732  2.415   13.976  1.00 26.95  ? 96   ARG A CG  1 
ATOM   900  C CD  . ARG A 1 98  ? -1.637  3.059   15.000  1.00 32.36  ? 96   ARG A CD  1 
ATOM   901  N NE  . ARG A 1 98  ? -1.976  4.441   14.640  1.00 37.02  ? 96   ARG A NE  1 
ATOM   902  C CZ  . ARG A 1 98  ? -3.084  4.826   14.002  1.00 41.00  ? 96   ARG A CZ  1 
ATOM   903  N NH1 . ARG A 1 98  ? -4.009  3.952   13.605  1.00 32.97  ? 96   ARG A NH1 1 
ATOM   904  N NH2 . ARG A 1 98  ? -3.270  6.119   13.758  1.00 42.03  ? 96   ARG A NH2 1 
ATOM   905  H H   . ARG A 1 98  ? -0.735  -0.401  12.143  1.00 27.46  ? 96   ARG A H   1 
ATOM   906  N N   . TRP A 1 99  ? 2.255   -1.054  14.534  1.00 26.09  ? 97   TRP A N   1 
ATOM   907  C CA  . TRP A 1 99  ? 2.820   -2.268  15.151  1.00 26.07  ? 97   TRP A CA  1 
ATOM   908  C C   . TRP A 1 99  ? 4.001   -1.844  16.015  1.00 31.50  ? 97   TRP A C   1 
ATOM   909  O O   . TRP A 1 99  ? 4.749   -0.949  15.637  1.00 27.46  ? 97   TRP A O   1 
ATOM   910  C CB  . TRP A 1 99  ? 3.299   -3.217  14.051  1.00 23.35  ? 97   TRP A CB  1 
ATOM   911  C CG  . TRP A 1 99  ? 4.608   -2.798  13.386  1.00 27.44  ? 97   TRP A CG  1 
ATOM   912  C CD1 . TRP A 1 99  ? 5.841   -3.376  13.575  1.00 30.99  ? 97   TRP A CD1 1 
ATOM   913  C CD2 . TRP A 1 99  ? 4.814   -1.723  12.443  1.00 27.23  ? 97   TRP A CD2 1 
ATOM   914  N NE1 . TRP A 1 99  ? 6.797   -2.721  12.835  1.00 29.00  ? 97   TRP A NE1 1 
ATOM   915  C CE2 . TRP A 1 99  ? 6.192   -1.710  12.118  1.00 28.62  ? 97   TRP A CE2 1 
ATOM   916  C CE3 . TRP A 1 99  ? 3.972   -0.765  11.849  1.00 27.81  ? 97   TRP A CE3 1 
ATOM   917  C CZ2 . TRP A 1 99  ? 6.752   -0.786  11.230  1.00 24.30  ? 97   TRP A CZ2 1 
ATOM   918  C CZ3 . TRP A 1 99  ? 4.533   0.167   10.962  1.00 26.07  ? 97   TRP A CZ3 1 
ATOM   919  C CH2 . TRP A 1 99  ? 5.906   0.153   10.668  1.00 26.35  ? 97   TRP A CH2 1 
ATOM   920  H H   . TRP A 1 99  ? 2.780   -0.373  14.554  1.00 31.31  ? 97   TRP A H   1 
ATOM   921  N N   . ASP A 1 100 ? 4.163   -2.463  17.185  1.00 33.20  ? 98   ASP A N   1 
ATOM   922  C CA  A ASP A 1 100 ? 5.367   -2.253  17.985  0.53 36.06  ? 98   ASP A CA  1 
ATOM   923  C CA  B ASP A 1 100 ? 5.364   -2.253  17.984  0.47 36.06  ? 98   ASP A CA  1 
ATOM   924  C C   . ASP A 1 100 ? 5.621   -0.773  18.246  1.00 32.75  ? 98   ASP A C   1 
ATOM   925  O O   . ASP A 1 100 ? 6.767   -0.327  18.255  1.00 35.10  ? 98   ASP A O   1 
ATOM   926  C CB  A ASP A 1 100 ? 6.583   -2.861  17.275  0.53 37.93  ? 98   ASP A CB  1 
ATOM   927  C CB  B ASP A 1 100 ? 6.568   -2.872  17.272  0.47 37.93  ? 98   ASP A CB  1 
ATOM   928  C CG  A ASP A 1 100 ? 7.763   -3.098  18.217  0.53 45.05  ? 98   ASP A CG  1 
ATOM   929  C CG  B ASP A 1 100 ? 6.550   -4.392  17.305  0.47 42.76  ? 98   ASP A CG  1 
ATOM   930  O OD1 A ASP A 1 100 ? 7.540   -3.200  19.446  0.53 38.43  ? 98   ASP A OD1 1 
ATOM   931  O OD1 B ASP A 1 100 ? 5.550   -4.975  17.780  0.47 40.55  ? 98   ASP A OD1 1 
ATOM   932  O OD2 A ASP A 1 100 ? 8.912   -3.191  17.724  0.53 40.59  ? 98   ASP A OD2 1 
ATOM   933  O OD2 B ASP A 1 100 ? 7.537   -5.006  16.845  0.47 44.57  ? 98   ASP A OD2 1 
ATOM   934  H H   A ASP A 1 100 ? 3.595   -3.006  17.535  0.53 39.84  ? 98   ASP A H   1 
ATOM   935  H H   B ASP A 1 100 ? 3.596   -3.006  17.534  0.47 39.84  ? 98   ASP A H   1 
ATOM   936  N N   . GLY A 1 101 ? 4.551   -0.014  18.458  1.00 29.04  ? 99   GLY A N   1 
ATOM   937  C CA  . GLY A 1 101 ? 4.671   1.399   18.751  1.00 31.99  ? 99   GLY A CA  1 
ATOM   938  C C   . GLY A 1 101 ? 5.143   2.242   17.565  1.00 38.08  ? 99   GLY A C   1 
ATOM   939  O O   . GLY A 1 101 ? 5.447   3.444   17.716  1.00 31.79  ? 99   GLY A O   1 
ATOM   940  H H   . GLY A 1 101 ? 3.741   -0.301  18.437  1.00 34.85  ? 99   GLY A H   1 
ATOM   941  N N   . LYS A 1 102 ? 5.216   1.626   16.386  1.00 29.80  ? 100  LYS A N   1 
ATOM   942  C CA  . LYS A 1 102 ? 5.590   2.356   15.158  1.00 28.73  ? 100  LYS A CA  1 
ATOM   943  C C   . LYS A 1 102 ? 4.376   2.547   14.261  1.00 25.90  ? 100  LYS A C   1 
ATOM   944  O O   . LYS A 1 102 ? 3.323   1.917   14.456  1.00 25.24  ? 100  LYS A O   1 
ATOM   945  C CB  . LYS A 1 102 ? 6.669   1.582   14.388  1.00 31.26  ? 100  LYS A CB  1 
ATOM   946  C CG  . LYS A 1 102 ? 7.927   1.277   15.230  1.00 36.03  ? 100  LYS A CG  1 
ATOM   947  C CD  . LYS A 1 102 ? 8.797   0.236   14.543  1.00 33.45  ? 100  LYS A CD  1 
ATOM   948  C CE  . LYS A 1 102 ? 9.706   -0.452  15.528  1.00 50.30  ? 100  LYS A CE  1 
ATOM   949  N NZ  . LYS A 1 102 ? 10.400  -1.591  14.873  1.00 61.54  ? 100  LYS A NZ  1 
ATOM   950  H H   . LYS A 1 102 ? 5.057   0.789   16.264  1.00 35.76  ? 100  LYS A H   1 
ATOM   951  N N   . GLU A 1 103 ? 4.528   3.392   13.251  1.00 26.36  ? 101  GLU A N   1 
ATOM   952  C CA  . GLU A 1 103 ? 3.453   3.547   12.270  1.00 26.70  ? 101  GLU A CA  1 
ATOM   953  C C   . GLU A 1 103 ? 3.979   3.976   10.909  1.00 23.47  ? 101  GLU A C   1 
ATOM   954  O O   . GLU A 1 103 ? 4.986   4.696   10.799  1.00 25.06  ? 101  GLU A O   1 
ATOM   955  C CB  . GLU A 1 103 ? 2.323   4.455   12.796  1.00 31.88  ? 101  GLU A CB  1 
ATOM   956  C CG  . GLU A 1 103 ? 2.530   5.933   12.760  1.00 46.00  ? 101  GLU A CG  1 
ATOM   957  C CD  . GLU A 1 103 ? 1.191   6.696   12.832  1.00 48.83  ? 101  GLU A CD  1 
ATOM   958  O OE1 . GLU A 1 103 ? 0.446   6.537   13.830  1.00 48.99  ? 101  GLU A OE1 1 
ATOM   959  O OE2 . GLU A 1 103 ? 0.878   7.447   11.881  1.00 43.29  ? 101  GLU A OE2 1 
ATOM   960  H H   . GLU A 1 103 ? 5.223   3.878   13.110  1.00 31.63  ? 101  GLU A H   1 
ATOM   961  N N   . THR A 1 104 ? 3.302   3.515   9.859   1.00 25.13  ? 102  THR A N   1 
ATOM   962  C CA  . THR A 1 104 ? 3.642   3.947   8.513   1.00 26.68  ? 102  THR A CA  1 
ATOM   963  C C   . THR A 1 104 ? 2.331   4.208   7.791   1.00 23.21  ? 102  THR A C   1 
ATOM   964  O O   . THR A 1 104 ? 1.305   3.622   8.136   1.00 24.53  ? 102  THR A O   1 
ATOM   965  C CB  . THR A 1 104 ? 4.521   2.894   7.762   1.00 22.71  ? 102  THR A CB  1 
ATOM   966  O OG1 . THR A 1 104 ? 4.879   3.394   6.469   1.00 24.91  ? 102  THR A OG1 1 
ATOM   967  C CG2 . THR A 1 104 ? 3.795   1.564   7.578   1.00 21.70  ? 102  THR A CG2 1 
ATOM   968  H H   . THR A 1 104 ? 2.649   2.956   9.901   1.00 30.16  ? 102  THR A H   1 
ATOM   969  N N   . THR A 1 105 ? 2.353   5.046   6.760   1.00 21.59  ? 103  THR A N   1 
ATOM   970  C CA  . THR A 1 105 ? 1.131   5.301   6.013   1.00 23.15  ? 103  THR A CA  1 
ATOM   971  C C   . THR A 1 105 ? 1.384   5.061   4.537   1.00 23.73  ? 103  THR A C   1 
ATOM   972  O O   . THR A 1 105 ? 2.476   5.359   4.036   1.00 23.58  ? 103  THR A O   1 
ATOM   973  C CB  . THR A 1 105 ? 0.650   6.754   6.211   1.00 29.47  ? 103  THR A CB  1 
ATOM   974  O OG1 . THR A 1 105 ? 1.711   7.643   5.838   1.00 29.33  ? 103  THR A OG1 1 
ATOM   975  C CG2 . THR A 1 105 ? 0.266   6.979   7.672   1.00 25.63  ? 103  THR A CG2 1 
ATOM   976  H H   . THR A 1 105 ? 3.046   5.471   6.480   1.00 25.91  ? 103  THR A H   1 
ATOM   977  N N   . ILE A 1 106 ? 0.372   4.530   3.846   1.00 21.99  ? 104  ILE A N   1 
ATOM   978  C CA  . ILE A 1 106 ? 0.417   4.392   2.391   1.00 21.30  ? 104  ILE A CA  1 
ATOM   979  C C   . ILE A 1 106 ? -0.828  5.085   1.861   1.00 21.38  ? 104  ILE A C   1 
ATOM   980  O O   . ILE A 1 106 ? -1.949  4.662   2.144   1.00 22.67  ? 104  ILE A O   1 
ATOM   981  C CB  . ILE A 1 106 ? 0.395   2.921   1.944   1.00 23.28  ? 104  ILE A CB  1 
ATOM   982  C CG1 . ILE A 1 106 ? 1.581   2.172   2.561   1.00 26.21  ? 104  ILE A CG1 1 
ATOM   983  C CG2 . ILE A 1 106 ? 0.456   2.834   0.398   1.00 22.46  ? 104  ILE A CG2 1 
ATOM   984  C CD1 . ILE A 1 106 ? 1.533   0.697   2.286   1.00 35.00  ? 104  ILE A CD1 1 
ATOM   985  H H   . ILE A 1 106 ? -0.356  4.240   4.200   1.00 26.39  ? 104  ILE A H   1 
ATOM   986  N N   . LYS A 1 107 ? -0.628  6.190   1.138   1.00 22.28  ? 105  LYS A N   1 
ATOM   987  C CA  A LYS A 1 107 ? -1.749  6.951   0.602   0.55 24.43  ? 105  LYS A CA  1 
ATOM   988  C CA  B LYS A 1 107 ? -1.742  6.949   0.594   0.45 24.43  ? 105  LYS A CA  1 
ATOM   989  C C   . LYS A 1 107 ? -1.870  6.692   -0.897  1.00 24.18  ? 105  LYS A C   1 
ATOM   990  O O   . LYS A 1 107 ? -0.916  6.875   -1.640  1.00 29.56  ? 105  LYS A O   1 
ATOM   991  C CB  A LYS A 1 107 ? -1.541  8.451   0.889   0.55 23.94  ? 105  LYS A CB  1 
ATOM   992  C CB  B LYS A 1 107 ? -1.509  8.444   0.815   0.45 23.93  ? 105  LYS A CB  1 
ATOM   993  C CG  A LYS A 1 107 ? -1.459  8.758   2.390   0.55 24.03  ? 105  LYS A CG  1 
ATOM   994  C CG  B LYS A 1 107 ? -2.389  9.278   -0.061  0.45 27.58  ? 105  LYS A CG  1 
ATOM   995  C CD  A LYS A 1 107 ? -1.386  10.274  2.694   0.55 28.98  ? 105  LYS A CD  1 
ATOM   996  C CD  B LYS A 1 107 ? -2.238  10.756  0.223   0.45 35.41  ? 105  LYS A CD  1 
ATOM   997  C CE  A LYS A 1 107 ? -1.381  10.498  4.197   0.55 38.68  ? 105  LYS A CE  1 
ATOM   998  C CE  B LYS A 1 107 ? -2.871  11.584  -0.880  0.45 25.94  ? 105  LYS A CE  1 
ATOM   999  N NZ  A LYS A 1 107 ? -1.088  11.899  4.587   0.55 53.12  ? 105  LYS A NZ  1 
ATOM   1000 N NZ  B LYS A 1 107 ? -3.422  12.833  -0.316  0.45 41.06  ? 105  LYS A NZ  1 
ATOM   1001 H H   A LYS A 1 107 ? 0.145   6.516   0.947   0.55 26.74  ? 105  LYS A H   1 
ATOM   1002 H H   B LYS A 1 107 ? 0.146   6.516   0.952   0.45 26.74  ? 105  LYS A H   1 
ATOM   1003 N N   . ARG A 1 108 ? -3.049  6.283   -1.341  1.00 21.05  ? 106  ARG A N   1 
ATOM   1004 C CA  . ARG A 1 108 ? -3.250  6.012   -2.759  1.00 22.41  ? 106  ARG A CA  1 
ATOM   1005 C C   . ARG A 1 108 ? -4.277  6.987   -3.326  1.00 24.14  ? 106  ARG A C   1 
ATOM   1006 O O   . ARG A 1 108 ? -5.355  7.124   -2.777  1.00 21.83  ? 106  ARG A O   1 
ATOM   1007 C CB  . ARG A 1 108 ? -3.714  4.563   -2.954  1.00 22.49  ? 106  ARG A CB  1 
ATOM   1008 C CG  . ARG A 1 108 ? -2.667  3.540   -2.467  1.00 21.02  ? 106  ARG A CG  1 
ATOM   1009 C CD  . ARG A 1 108 ? -3.170  2.075   -2.628  1.00 22.88  ? 106  ARG A CD  1 
ATOM   1010 N NE  . ARG A 1 108 ? -2.129  1.086   -2.314  1.00 25.28  ? 106  ARG A NE  1 
ATOM   1011 C CZ  . ARG A 1 108 ? -1.946  0.485   -1.131  1.00 26.61  ? 106  ARG A CZ  1 
ATOM   1012 N NH1 . ARG A 1 108 ? -2.722  0.753   -0.075  1.00 22.01  ? 106  ARG A NH1 1 
ATOM   1013 N NH2 . ARG A 1 108 ? -0.959  -0.408  -1.004  1.00 27.95  ? 106  ARG A NH2 1 
ATOM   1014 H H   . ARG A 1 108 ? -3.742  6.156   -0.849  1.00 25.26  ? 106  ARG A H   1 
ATOM   1015 N N   . LYS A 1 109 ? -3.909  7.660   -4.415  1.00 22.28  ? 107  LYS A N   1 
ATOM   1016 C CA  . LYS A 1 109 ? -4.798  8.621   -5.070  1.00 22.17  ? 107  LYS A CA  1 
ATOM   1017 C C   . LYS A 1 109 ? -4.624  8.510   -6.564  1.00 23.92  ? 107  LYS A C   1 
ATOM   1018 O O   . LYS A 1 109 ? -3.607  8.026   -7.043  1.00 22.58  ? 107  LYS A O   1 
ATOM   1019 C CB  . LYS A 1 109 ? -4.475  10.049  -4.615  1.00 26.13  ? 107  LYS A CB  1 
ATOM   1020 C CG  . LYS A 1 109 ? -3.117  10.528  -5.079  1.00 31.80  ? 107  LYS A CG  1 
ATOM   1021 C CD  . LYS A 1 109 ? -2.867  11.990  -4.684  1.00 34.91  ? 107  LYS A CD  1 
ATOM   1022 C CE  . LYS A 1 109 ? -1.397  12.376  -4.908  1.00 38.00  ? 107  LYS A CE  1 
ATOM   1023 N NZ  . LYS A 1 109 ? -1.056  13.707  -4.293  1.00 37.98  ? 107  LYS A NZ  1 
ATOM   1024 H H   . LYS A 1 109 ? -3.143  7.578   -4.799  1.00 26.74  ? 107  LYS A H   1 
ATOM   1025 N N   . LEU A 1 110 ? -5.644  8.949   -7.293  1.00 23.31  ? 108  LEU A N   1 
ATOM   1026 C CA  . LEU A 1 110 ? -5.631  8.919   -8.742  1.00 23.27  ? 108  LEU A CA  1 
ATOM   1027 C C   . LEU A 1 110 ? -5.157  10.265  -9.279  1.00 25.13  ? 108  LEU A C   1 
ATOM   1028 O O   . LEU A 1 110 ? -5.603  11.320  -8.828  1.00 25.02  ? 108  LEU A O   1 
ATOM   1029 C CB  . LEU A 1 110 ? -7.038  8.603   -9.253  1.00 25.68  ? 108  LEU A CB  1 
ATOM   1030 C CG  . LEU A 1 110 ? -7.529  7.241   -8.720  1.00 28.83  ? 108  LEU A CG  1 
ATOM   1031 C CD1 . LEU A 1 110 ? -8.925  6.930   -9.179  1.00 31.85  ? 108  LEU A CD1 1 
ATOM   1032 C CD2 . LEU A 1 110 ? -6.589  6.126   -9.155  1.00 28.08  ? 108  LEU A CD2 1 
ATOM   1033 H H   . LEU A 1 110 ? -6.367  9.276   -6.961  1.00 27.97  ? 108  LEU A H   1 
ATOM   1034 N N   . VAL A 1 111 ? -4.248  10.204  -10.242 1.00 22.93  ? 109  VAL A N   1 
ATOM   1035 C CA  . VAL A 1 111 ? -3.660  11.404  -10.826 1.00 24.34  ? 109  VAL A CA  1 
ATOM   1036 C C   . VAL A 1 111 ? -3.640  11.194  -12.307 1.00 27.38  ? 109  VAL A C   1 
ATOM   1037 O O   . VAL A 1 111 ? -2.927  10.324  -12.790 1.00 24.77  ? 109  VAL A O   1 
ATOM   1038 C CB  . VAL A 1 111 ? -2.236  11.621  -10.319 1.00 23.91  ? 109  VAL A CB  1 
ATOM   1039 C CG1 . VAL A 1 111 ? -1.657  12.967  -10.858 1.00 26.23  ? 109  VAL A CG1 1 
ATOM   1040 C CG2 . VAL A 1 111 ? -2.216  11.563  -8.778  1.00 26.53  ? 109  VAL A CG2 1 
ATOM   1041 H H   . VAL A 1 111 ? -3.949  9.472   -10.580 1.00 27.52  ? 109  VAL A H   1 
ATOM   1042 N N   . ASN A 1 112 ? -4.455  11.964  -13.032 1.00 26.16  ? 110  ASN A N   1 
ATOM   1043 C CA  . ASN A 1 112 ? -4.555  11.779  -14.477 1.00 28.87  ? 110  ASN A CA  1 
ATOM   1044 C C   . ASN A 1 112 ? -4.695  10.297  -14.873 1.00 29.77  ? 110  ASN A C   1 
ATOM   1045 O O   . ASN A 1 112 ? -4.045  9.804   -15.794 1.00 28.18  ? 110  ASN A O   1 
ATOM   1046 C CB  . ASN A 1 112 ? -3.356  12.445  -15.153 1.00 28.15  ? 110  ASN A CB  1 
ATOM   1047 C CG  . ASN A 1 112 ? -3.285  13.950  -14.841 1.00 31.49  ? 110  ASN A CG  1 
ATOM   1048 O OD1 . ASN A 1 112 ? -2.534  14.388  -13.970 1.00 28.79  ? 110  ASN A OD1 1 
ATOM   1049 N ND2 . ASN A 1 112 ? -4.109  14.731  -15.518 1.00 28.79  ? 110  ASN A ND2 1 
ATOM   1050 H H   . ASN A 1 112 ? -4.952  12.591  -12.716 1.00 31.39  ? 110  ASN A H   1 
ATOM   1051 N N   . GLY A 1 113 ? -5.546  9.586   -14.144 1.00 27.92  ? 111  GLY A N   1 
ATOM   1052 C CA  . GLY A 1 113 ? -5.857  8.206   -14.472 1.00 29.04  ? 111  GLY A CA  1 
ATOM   1053 C C   . GLY A 1 113 ? -4.795  7.194   -14.017 1.00 28.60  ? 111  GLY A C   1 
ATOM   1054 O O   . GLY A 1 113 ? -4.983  6.000   -14.216 1.00 28.07  ? 111  GLY A O   1 
ATOM   1055 H H   . GLY A 1 113 ? -5.959  9.884   -13.450 1.00 33.50  ? 111  GLY A H   1 
ATOM   1056 N N   . GLN A 1 114 ? -3.679  7.669   -13.462 1.00 25.95  ? 112  GLN A N   1 
ATOM   1057 C CA  . GLN A 1 114 ? -2.646  6.789   -12.873 1.00 23.72  ? 112  GLN A CA  1 
ATOM   1058 C C   . GLN A 1 114 ? -3.006  6.661   -11.409 1.00 24.72  ? 112  GLN A C   1 
ATOM   1059 O O   . GLN A 1 114 ? -3.661  7.536   -10.861 1.00 24.93  ? 112  GLN A O   1 
ATOM   1060 C CB  . GLN A 1 114 ? -1.260  7.453   -12.928 1.00 26.71  ? 112  GLN A CB  1 
ATOM   1061 C CG  . GLN A 1 114 ? -0.710  7.823   -14.312 1.00 32.05  ? 112  GLN A CG  1 
ATOM   1062 C CD  . GLN A 1 114 ? -0.265  6.626   -15.103 1.00 35.65  ? 112  GLN A CD  1 
ATOM   1063 O OE1 . GLN A 1 114 ? 0.931   6.412   -15.315 1.00 38.76  ? 112  GLN A OE1 1 
ATOM   1064 N NE2 . GLN A 1 114 ? -1.225  5.826   -15.550 1.00 35.61  ? 112  GLN A NE2 1 
ATOM   1065 H H   . GLN A 1 114 ? -3.487  8.507   -13.411 1.00 31.14  ? 112  GLN A H   1 
ATOM   1066 N N   . MET A 1 115 ? -2.562  5.602   -10.751 1.00 24.09  ? 113  MET A N   1 
ATOM   1067 C CA  . MET A 1 115 ? -2.696  5.558   -9.308  1.00 23.33  ? 113  MET A CA  1 
ATOM   1068 C C   . MET A 1 115 ? -1.330  5.808   -8.689  1.00 27.45  ? 113  MET A C   1 
ATOM   1069 O O   . MET A 1 115 ? -0.345  5.161   -9.059  1.00 24.89  ? 113  MET A O   1 
ATOM   1070 C CB  . MET A 1 115 ? -3.221  4.197   -8.828  1.00 22.90  ? 113  MET A CB  1 
ATOM   1071 C CG  . MET A 1 115 ? -3.325  4.146   -7.305  1.00 24.04  ? 113  MET A CG  1 
ATOM   1072 S SD  . MET A 1 115 ? -4.136  2.642   -6.689  1.00 27.78  ? 113  MET A SD  1 
ATOM   1073 C CE  . MET A 1 115 ? -2.927  1.451   -7.254  1.00 25.79  ? 113  MET A CE  1 
ATOM   1074 H H   . MET A 1 115 ? -2.189  4.914   -11.106 1.00 28.91  ? 113  MET A H   1 
ATOM   1075 N N   . VAL A 1 116 ? -1.269  6.737   -7.741  1.00 20.61  ? 114  VAL A N   1 
ATOM   1076 C CA  . VAL A 1 116 ? -0.002  7.085   -7.137  1.00 21.22  ? 114  VAL A CA  1 
ATOM   1077 C C   . VAL A 1 116 ? -0.079  6.700   -5.695  1.00 24.07  ? 114  VAL A C   1 
ATOM   1078 O O   . VAL A 1 116 ? -0.992  7.113   -4.989  1.00 25.13  ? 114  VAL A O   1 
ATOM   1079 C CB  . VAL A 1 116 ? 0.297   8.596   -7.265  1.00 25.78  ? 114  VAL A CB  1 
ATOM   1080 C CG1 . VAL A 1 116 ? 1.610   8.952   -6.561  1.00 23.32  ? 114  VAL A CG1 1 
ATOM   1081 C CG2 . VAL A 1 116 ? 0.368   8.957   -8.726  1.00 22.05  ? 114  VAL A CG2 1 
ATOM   1082 H H   . VAL A 1 116 ? -1.945  7.174   -7.436  1.00 24.73  ? 114  VAL A H   1 
ATOM   1083 N N   . ALA A 1 117 ? 0.894   5.903   -5.266  1.00 21.65  ? 115  ALA A N   1 
ATOM   1084 C CA  . ALA A 1 117 ? 0.972   5.483   -3.881  1.00 21.87  ? 115  ALA A CA  1 
ATOM   1085 C C   . ALA A 1 117 ? 2.134   6.214   -3.229  1.00 23.06  ? 115  ALA A C   1 
ATOM   1086 O O   . ALA A 1 117 ? 3.240   6.173   -3.727  1.00 25.03  ? 115  ALA A O   1 
ATOM   1087 C CB  . ALA A 1 117 ? 1.188   3.947   -3.830  1.00 22.96  ? 115  ALA A CB  1 
ATOM   1088 H H   . ALA A 1 117 ? 1.523   5.592   -5.763  1.00 25.98  ? 115  ALA A H   1 
ATOM   1089 N N   . GLU A 1 118 ? 1.875   6.900   -2.120  1.00 23.72  ? 116  GLU A N   1 
ATOM   1090 C CA  A GLU A 1 118 ? 2.935   7.544   -1.369  0.56 22.92  ? 116  GLU A CA  1 
ATOM   1091 C CA  B GLU A 1 118 ? 2.930   7.565   -1.361  0.44 22.88  ? 116  GLU A CA  1 
ATOM   1092 C C   . GLU A 1 118 ? 3.099   6.844   -0.042  1.00 24.16  ? 116  GLU A C   1 
ATOM   1093 O O   . GLU A 1 118 ? 2.157   6.786   0.735   1.00 23.87  ? 116  GLU A O   1 
ATOM   1094 C CB  A GLU A 1 118 ? 2.581   9.001   -1.125  0.56 28.97  ? 116  GLU A CB  1 
ATOM   1095 C CB  B GLU A 1 118 ? 2.566   9.028   -1.076  0.44 28.97  ? 116  GLU A CB  1 
ATOM   1096 C CG  A GLU A 1 118 ? 2.440   9.790   -2.389  0.56 29.51  ? 116  GLU A CG  1 
ATOM   1097 C CG  B GLU A 1 118 ? 3.563   9.735   -0.149  0.44 31.12  ? 116  GLU A CG  1 
ATOM   1098 C CD  A GLU A 1 118 ? 2.017   11.218  -2.101  0.56 31.55  ? 116  GLU A CD  1 
ATOM   1099 C CD  B GLU A 1 118 ? 2.922   10.843  0.662   0.44 36.58  ? 116  GLU A CD  1 
ATOM   1100 O OE1 A GLU A 1 118 ? 1.083   11.393  -1.293  0.56 32.42  ? 116  GLU A OE1 1 
ATOM   1101 O OE1 B GLU A 1 118 ? 2.706   11.923  0.083   0.44 31.37  ? 116  GLU A OE1 1 
ATOM   1102 O OE2 A GLU A 1 118 ? 2.649   12.146  -2.641  0.56 36.70  ? 116  GLU A OE2 1 
ATOM   1103 O OE2 B GLU A 1 118 ? 2.633   10.631  1.871   0.44 32.27  ? 116  GLU A OE2 1 
ATOM   1104 H H   A GLU A 1 118 ? 1.090   7.005   -1.785  0.56 28.46  ? 116  GLU A H   1 
ATOM   1105 H H   B GLU A 1 118 ? 1.089   6.996   -1.784  0.44 28.46  ? 116  GLU A H   1 
ATOM   1106 N N   . CYS A 1 119 ? 4.289   6.308   0.205   1.00 23.63  ? 117  CYS A N   1 
ATOM   1107 C CA  A CYS A 1 119 ? 4.531   5.580   1.458   0.31 25.27  ? 117  CYS A CA  1 
ATOM   1108 C CA  B CYS A 1 119 ? 4.548   5.561   1.431   0.69 25.28  ? 117  CYS A CA  1 
ATOM   1109 C C   . CYS A 1 119 ? 5.457   6.375   2.342   1.00 27.46  ? 117  CYS A C   1 
ATOM   1110 O O   . CYS A 1 119 ? 6.527   6.810   1.908   1.00 27.16  ? 117  CYS A O   1 
ATOM   1111 C CB  A CYS A 1 119 ? 5.132   4.180   1.258   0.31 25.40  ? 117  CYS A CB  1 
ATOM   1112 C CB  B CYS A 1 119 ? 5.202   4.233   1.055   0.69 25.24  ? 117  CYS A CB  1 
ATOM   1113 S SG  A CYS A 1 119 ? 5.637   3.705   -0.386  0.31 32.89  ? 117  CYS A SG  1 
ATOM   1114 S SG  B CYS A 1 119 ? 4.282   3.443   -0.295  0.69 30.30  ? 117  CYS A SG  1 
ATOM   1115 H H   A CYS A 1 119 ? 4.967   6.349   -0.322  0.31 28.36  ? 117  CYS A H   1 
ATOM   1116 H H   B CYS A 1 119 ? 4.966   6.365   -0.323  0.69 28.36  ? 117  CYS A H   1 
ATOM   1117 N N   . LYS A 1 120 ? 5.033   6.562   3.588   1.00 23.23  ? 118  LYS A N   1 
ATOM   1118 C CA  A LYS A 1 120 ? 5.790   7.376   4.525   0.54 27.65  ? 118  LYS A CA  1 
ATOM   1119 C CA  B LYS A 1 120 ? 5.772   7.383   4.537   0.46 27.66  ? 118  LYS A CA  1 
ATOM   1120 C C   . LYS A 1 120 ? 6.074   6.621   5.814   1.00 26.00  ? 118  LYS A C   1 
ATOM   1121 O O   . LYS A 1 120 ? 5.175   6.021   6.398   1.00 25.27  ? 118  LYS A O   1 
ATOM   1122 C CB  A LYS A 1 120 ? 5.031   8.677   4.841   0.54 28.12  ? 118  LYS A CB  1 
ATOM   1123 C CB  B LYS A 1 120 ? 4.965   8.636   4.905   0.46 28.12  ? 118  LYS A CB  1 
ATOM   1124 C CG  A LYS A 1 120 ? 5.797   9.627   5.745   0.54 32.14  ? 118  LYS A CG  1 
ATOM   1125 C CG  B LYS A 1 120 ? 4.926   9.703   3.836   0.46 33.31  ? 118  LYS A CG  1 
ATOM   1126 C CD  A LYS A 1 120 ? 4.959   10.849  6.128   0.54 38.30  ? 118  LYS A CD  1 
ATOM   1127 C CD  B LYS A 1 120 ? 4.412   11.025  4.422   0.46 36.38  ? 118  LYS A CD  1 
ATOM   1128 C CE  A LYS A 1 120 ? 5.658   11.704  7.183   0.54 45.90  ? 118  LYS A CE  1 
ATOM   1129 C CE  B LYS A 1 120 ? 4.571   12.190  3.466   0.46 44.67  ? 118  LYS A CE  1 
ATOM   1130 N NZ  A LYS A 1 120 ? 4.945   12.994  7.434   0.54 57.40  ? 118  LYS A NZ  1 
ATOM   1131 N NZ  B LYS A 1 120 ? 3.868   13.417  3.962   0.46 43.60  ? 118  LYS A NZ  1 
ATOM   1132 H H   A LYS A 1 120 ? 4.311   6.227   3.914   0.54 27.88  ? 118  LYS A H   1 
ATOM   1133 H H   B LYS A 1 120 ? 4.313   6.219   3.910   0.46 27.88  ? 118  LYS A H   1 
ATOM   1134 N N   . MET A 1 121 ? 7.329   6.671   6.237   1.00 24.14  ? 119  MET A N   1 
ATOM   1135 C CA  . MET A 1 121 ? 7.756   6.073   7.507   1.00 28.61  ? 119  MET A CA  1 
ATOM   1136 C C   . MET A 1 121 ? 8.856   6.958   8.071   1.00 36.91  ? 119  MET A C   1 
ATOM   1137 O O   . MET A 1 121 ? 9.888   7.128   7.430   1.00 33.30  ? 119  MET A O   1 
ATOM   1138 C CB  . MET A 1 121 ? 8.320   4.670   7.272   1.00 24.81  ? 119  MET A CB  1 
ATOM   1139 C CG  . MET A 1 121 ? 9.113   4.068   8.449   1.00 37.66  ? 119  MET A CG  1 
ATOM   1140 S SD  . MET A 1 121 ? 7.942   3.450   9.612   1.00 35.04  ? 119  MET A SD  1 
ATOM   1141 C CE  . MET A 1 121 ? 8.956   2.713   10.940  1.00 33.20  ? 119  MET A CE  1 
ATOM   1142 H H   . MET A 1 121 ? 7.967   7.052   5.804   1.00 28.97  ? 119  MET A H   1 
ATOM   1143 N N   . LYS A 1 122 ? 8.634   7.527   9.253   1.00 36.05  ? 120  LYS A N   1 
ATOM   1144 C CA  . LYS A 1 122 ? 9.667   8.312   9.921   1.00 41.90  ? 120  LYS A CA  1 
ATOM   1145 C C   . LYS A 1 122 ? 10.267  9.354   8.980   1.00 43.95  ? 120  LYS A C   1 
ATOM   1146 O O   . LYS A 1 122 ? 11.491  9.449   8.867   1.00 40.47  ? 120  LYS A O   1 
ATOM   1147 C CB  . LYS A 1 122 ? 10.800  7.402   10.396  1.00 42.07  ? 120  LYS A CB  1 
ATOM   1148 C CG  . LYS A 1 122 ? 10.409  6.458   11.539  1.00 56.55  ? 120  LYS A CG  1 
ATOM   1149 C CD  . LYS A 1 122 ? 11.605  5.648   12.051  1.00 57.60  ? 120  LYS A CD  1 
ATOM   1150 C CE  . LYS A 1 122 ? 12.329  4.926   10.916  1.00 54.81  ? 120  LYS A CE  1 
ATOM   1151 N NZ  . LYS A 1 122 ? 12.868  3.601   11.314  1.00 57.55  ? 120  LYS A NZ  1 
ATOM   1152 H H   . LYS A 1 122 ? 7.894   7.473   9.688   1.00 43.26  ? 120  LYS A H   1 
ATOM   1153 N N   . GLY A 1 123 ? 9.429   10.097  8.269   1.00 36.85  ? 121  GLY A N   1 
ATOM   1154 C CA  . GLY A 1 123 ? 9.954   11.153  7.414   1.00 42.22  ? 121  GLY A CA  1 
ATOM   1155 C C   . GLY A 1 123 ? 10.550  10.694  6.089   1.00 40.11  ? 121  GLY A C   1 
ATOM   1156 O O   . GLY A 1 123 ? 10.801  11.513  5.217   1.00 36.82  ? 121  GLY A O   1 
ATOM   1157 H H   . GLY A 1 123 ? 8.573   10.014  8.261   1.00 44.22  ? 121  GLY A H   1 
ATOM   1158 N N   . VAL A 1 124 ? 10.797  9.400   5.927   1.00 31.95  ? 122  VAL A N   1 
ATOM   1159 C CA  . VAL A 1 124 ? 11.168  8.860   4.634   1.00 29.20  ? 122  VAL A CA  1 
ATOM   1160 C C   . VAL A 1 124 ? 9.898   8.760   3.764   1.00 31.19  ? 122  VAL A C   1 
ATOM   1161 O O   . VAL A 1 124 ? 8.864   8.258   4.222   1.00 32.84  ? 122  VAL A O   1 
ATOM   1162 C CB  . VAL A 1 124 ? 11.780  7.453   4.771   1.00 34.32  ? 122  VAL A CB  1 
ATOM   1163 C CG1 . VAL A 1 124 ? 12.006  6.852   3.389   1.00 31.77  ? 122  VAL A CG1 1 
ATOM   1164 C CG2 . VAL A 1 124 ? 13.082  7.514   5.553   1.00 34.23  ? 122  VAL A CG2 1 
ATOM   1165 H H   . VAL A 1 124 ? 10.755  8.814   6.555   1.00 38.34  ? 122  VAL A H   1 
ATOM   1166 N N   . VAL A 1 125 ? 9.981   9.182   2.512   1.00 26.70  ? 123  VAL A N   1 
ATOM   1167 C CA  . VAL A 1 125 ? 8.801   9.200   1.631   1.00 30.58  ? 123  VAL A CA  1 
ATOM   1168 C C   . VAL A 1 125 ? 9.083   8.570   0.291   1.00 31.19  ? 123  VAL A C   1 
ATOM   1169 O O   . VAL A 1 125 ? 9.996   8.994   -0.429  1.00 29.10  ? 123  VAL A O   1 
ATOM   1170 C CB  . VAL A 1 125 ? 8.318   10.640  1.333   1.00 36.55  ? 123  VAL A CB  1 
ATOM   1171 C CG1 . VAL A 1 125 ? 7.077   10.594  0.443   1.00 30.51  ? 123  VAL A CG1 1 
ATOM   1172 C CG2 . VAL A 1 125 ? 8.037   11.396  2.621   1.00 32.98  ? 123  VAL A CG2 1 
ATOM   1173 H H   . VAL A 1 125 ? 10.703  9.465   2.140   1.00 32.04  ? 123  VAL A H   1 
ATOM   1174 N N   . CYS A 1 126 ? 8.281   7.568   -0.060  1.00 24.83  ? 124  CYS A N   1 
ATOM   1175 C CA  A CYS A 1 126 ? 8.467   6.834   -1.305  0.31 24.07  ? 124  CYS A CA  1 
ATOM   1176 C CA  B CYS A 1 126 ? 8.476   6.827   -1.290  0.69 24.09  ? 124  CYS A CA  1 
ATOM   1177 C C   . CYS A 1 126 ? 7.282   7.116   -2.205  1.00 24.46  ? 124  CYS A C   1 
ATOM   1178 O O   . CYS A 1 126 ? 6.167   7.286   -1.726  1.00 25.99  ? 124  CYS A O   1 
ATOM   1179 C CB  A CYS A 1 126 ? 8.532   5.326   -1.047  0.31 26.48  ? 124  CYS A CB  1 
ATOM   1180 C CB  B CYS A 1 126 ? 8.599   5.324   -0.952  0.69 26.48  ? 124  CYS A CB  1 
ATOM   1181 S SG  A CYS A 1 126 ? 7.044   4.471   -1.632  0.31 23.02  ? 124  CYS A SG  1 
ATOM   1182 S SG  B CYS A 1 126 ? 8.440   4.220   -2.339  0.69 24.78  ? 124  CYS A SG  1 
ATOM   1183 H H   A CYS A 1 126 ? 7.617   7.293   0.411   0.31 29.80  ? 124  CYS A H   1 
ATOM   1184 H H   B CYS A 1 126 ? 7.612   7.299   0.408   0.69 29.80  ? 124  CYS A H   1 
ATOM   1185 N N   . THR A 1 127 ? 7.516   7.183   -3.518  1.00 21.64  ? 125  THR A N   1 
ATOM   1186 C CA  . THR A 1 127 ? 6.413   7.378   -4.456  1.00 22.57  ? 125  THR A CA  1 
ATOM   1187 C C   . THR A 1 127 ? 6.391   6.280   -5.518  1.00 21.46  ? 125  THR A C   1 
ATOM   1188 O O   . THR A 1 127 ? 7.389   6.049   -6.192  1.00 23.03  ? 125  THR A O   1 
ATOM   1189 C CB  . THR A 1 127 ? 6.513   8.799   -5.151  1.00 22.37  ? 125  THR A CB  1 
ATOM   1190 O OG1 . THR A 1 127 ? 6.481   9.798   -4.125  1.00 22.26  ? 125  THR A OG1 1 
ATOM   1191 C CG2 . THR A 1 127 ? 5.339   8.989   -6.059  1.00 23.69  ? 125  THR A CG2 1 
ATOM   1192 H H   . THR A 1 127 ? 8.292   7.119   -3.884  1.00 25.97  ? 125  THR A H   1 
ATOM   1193 N N   . ARG A 1 128 ? 5.257   5.596   -5.655  1.00 21.56  ? 126  ARG A N   1 
ATOM   1194 C CA  . ARG A 1 128 ? 5.138   4.502   -6.617  1.00 19.72  ? 126  ARG A CA  1 
ATOM   1195 C C   . ARG A 1 128 ? 3.932   4.785   -7.507  1.00 22.46  ? 126  ARG A C   1 
ATOM   1196 O O   . ARG A 1 128 ? 2.834   5.055   -7.012  1.00 23.24  ? 126  ARG A O   1 
ATOM   1197 C CB  . ARG A 1 128 ? 5.012   3.144   -5.877  1.00 20.39  ? 126  ARG A CB  1 
ATOM   1198 C CG  . ARG A 1 128 ? 6.343   2.802   -5.259  1.00 21.71  ? 126  ARG A CG  1 
ATOM   1199 C CD  . ARG A 1 128 ? 6.266   1.799   -4.069  1.00 22.61  ? 126  ARG A CD  1 
ATOM   1200 N NE  . ARG A 1 128 ? 5.872   0.447   -4.415  1.00 23.73  ? 126  ARG A NE  1 
ATOM   1201 C CZ  . ARG A 1 128 ? 6.689   -0.470  -4.929  1.00 31.29  ? 126  ARG A CZ  1 
ATOM   1202 N NH1 . ARG A 1 128 ? 7.918   -0.124  -5.290  1.00 24.01  ? 126  ARG A NH1 1 
ATOM   1203 N NH2 . ARG A 1 128 ? 6.262   -1.733  -5.131  1.00 23.68  ? 126  ARG A NH2 1 
ATOM   1204 H H   . ARG A 1 128 ? 4.541   5.745   -5.203  1.00 25.87  ? 126  ARG A H   1 
ATOM   1205 N N   . ILE A 1 129 ? 4.159   4.739   -8.815  1.00 21.50  ? 127  ILE A N   1 
ATOM   1206 C CA  . ILE A 1 129 ? 3.108   5.088   -9.781  1.00 22.32  ? 127  ILE A CA  1 
ATOM   1207 C C   . ILE A 1 129 ? 2.661   3.831   -10.521 1.00 20.14  ? 127  ILE A C   1 
ATOM   1208 O O   . ILE A 1 129 ? 3.488   3.032   -10.953 1.00 21.46  ? 127  ILE A O   1 
ATOM   1209 C CB  . ILE A 1 129 ? 3.595   6.124   -10.800 1.00 22.11  ? 127  ILE A CB  1 
ATOM   1210 C CG1 . ILE A 1 129 ? 4.087   7.366   -10.057 1.00 26.40  ? 127  ILE A CG1 1 
ATOM   1211 C CG2 . ILE A 1 129 ? 2.440   6.478   -11.783 1.00 20.95  ? 127  ILE A CG2 1 
ATOM   1212 C CD1 . ILE A 1 129 ? 4.900   8.359   -10.929 1.00 24.60  ? 127  ILE A CD1 1 
ATOM   1213 H H   . ILE A 1 129 ? 4.907   4.510   -9.173  1.00 25.80  ? 127  ILE A H   1 
ATOM   1214 N N   . TYR A 1 130 ? 1.347   3.670   -10.654 1.00 20.18  ? 128  TYR A N   1 
ATOM   1215 C CA  . TYR A 1 130 ? 0.776   2.488   -11.285 1.00 22.26  ? 128  TYR A CA  1 
ATOM   1216 C C   . TYR A 1 130 ? -0.075  2.913   -12.465 1.00 26.91  ? 128  TYR A C   1 
ATOM   1217 O O   . TYR A 1 130 ? -0.717  3.945   -12.410 1.00 25.54  ? 128  TYR A O   1 
ATOM   1218 C CB  . TYR A 1 130 ? -0.149  1.751   -10.327 1.00 22.05  ? 128  TYR A CB  1 
ATOM   1219 C CG  . TYR A 1 130 ? 0.584   1.130   -9.156  1.00 22.94  ? 128  TYR A CG  1 
ATOM   1220 C CD1 . TYR A 1 130 ? 0.999   1.902   -8.089  1.00 22.48  ? 128  TYR A CD1 1 
ATOM   1221 C CD2 . TYR A 1 130 ? 0.864   -0.239  -9.140  1.00 25.28  ? 128  TYR A CD2 1 
ATOM   1222 C CE1 . TYR A 1 130 ? 1.682   1.330   -7.000  1.00 24.09  ? 128  TYR A CE1 1 
ATOM   1223 C CE2 . TYR A 1 130 ? 1.542   -0.826  -8.065  1.00 24.93  ? 128  TYR A CE2 1 
ATOM   1224 C CZ  . TYR A 1 130 ? 1.950   -0.047  -7.016  1.00 25.26  ? 128  TYR A CZ  1 
ATOM   1225 O OH  . TYR A 1 130 ? 2.611   -0.638  -5.977  1.00 28.07  ? 128  TYR A OH  1 
ATOM   1226 H H   . TYR A 1 130 ? 0.760   4.238   -10.385 1.00 24.22  ? 128  TYR A H   1 
ATOM   1227 N N   . GLU A 1 131 ? -0.092  2.067   -13.487 1.00 23.85  ? 129  GLU A N   1 
ATOM   1228 C CA  . GLU A 1 131 ? -0.853  2.298   -14.706 1.00 28.84  ? 129  GLU A CA  1 
ATOM   1229 C C   . GLU A 1 131 ? -1.968  1.256   -14.722 1.00 31.23  ? 129  GLU A C   1 
ATOM   1230 O O   . GLU A 1 131 ? -1.732  0.081   -14.391 1.00 28.57  ? 129  GLU A O   1 
ATOM   1231 C CB  . GLU A 1 131 ? 0.105   2.114   -15.878 1.00 30.34  ? 129  GLU A CB  1 
ATOM   1232 C CG  . GLU A 1 131 ? -0.385  2.465   -17.233 1.00 47.00  ? 129  GLU A CG  1 
ATOM   1233 C CD  . GLU A 1 131 ? 0.794   2.564   -18.192 1.00 48.92  ? 129  GLU A CD  1 
ATOM   1234 O OE1 . GLU A 1 131 ? 1.434   3.653   -18.244 1.00 56.96  ? 129  GLU A OE1 1 
ATOM   1235 O OE2 . GLU A 1 131 ? 1.104   1.542   -18.839 1.00 56.67  ? 129  GLU A OE2 1 
ATOM   1236 H H   . GLU A 1 131 ? 0.345   1.325   -13.496 1.00 28.62  ? 129  GLU A H   1 
ATOM   1237 N N   . LYS A 1 132 ? -3.185  1.669   -15.065 1.00 32.03  ? 130  LYS A N   1 
ATOM   1238 C CA  . LYS A 1 132 ? -4.293  0.723   -15.074 1.00 30.49  ? 130  LYS A CA  1 
ATOM   1239 C C   . LYS A 1 132 ? -4.091  -0.229  -16.245 1.00 37.82  ? 130  LYS A C   1 
ATOM   1240 O O   . LYS A 1 132 ? -3.700  0.201   -17.327 1.00 36.17  ? 130  LYS A O   1 
ATOM   1241 C CB  . LYS A 1 132 ? -5.639  1.453   -15.188 1.00 34.63  ? 130  LYS A CB  1 
ATOM   1242 C CG  . LYS A 1 132 ? -6.803  0.689   -14.588 1.00 34.72  ? 130  LYS A CG  1 
ATOM   1243 C CD  . LYS A 1 132 ? -8.025  1.579   -14.424 1.00 49.04  ? 130  LYS A CD  1 
ATOM   1244 C CE  . LYS A 1 132 ? -9.109  0.901   -13.581 1.00 42.01  ? 130  LYS A CE  1 
ATOM   1245 N NZ  . LYS A 1 132 ? -9.742  -0.208  -14.328 1.00 46.92  ? 130  LYS A NZ  1 
ATOM   1246 H H   . LYS A 1 132 ? -3.391  2.472   -15.291 1.00 38.44  ? 130  LYS A H   1 
ATOM   1247 N N   . VAL A 1 133 ? -4.339  -1.517  -16.033 1.00 35.00  ? 131  VAL A N   1 
ATOM   1248 C CA  . VAL A 1 133 ? -4.172  -2.500  -17.102 1.00 44.22  ? 131  VAL A CA  1 
ATOM   1249 C C   . VAL A 1 133 ? -5.542  -2.864  -17.630 1.00 53.67  ? 131  VAL A C   1 
ATOM   1250 O O   . VAL A 1 133 ? -6.545  -2.745  -16.927 1.00 51.62  ? 131  VAL A O   1 
ATOM   1251 C CB  . VAL A 1 133 ? -3.470  -3.813  -16.648 1.00 48.78  ? 131  VAL A CB  1 
ATOM   1252 C CG1 . VAL A 1 133 ? -2.414  -3.551  -15.606 1.00 42.45  ? 131  VAL A CG1 1 
ATOM   1253 C CG2 . VAL A 1 133 ? -4.484  -4.790  -16.118 1.00 56.47  ? 131  VAL A CG2 1 
ATOM   1254 O OXT . VAL A 1 133 ? -5.668  -3.292  -18.771 1.00 59.46  ? 131  VAL A OXT 1 
ATOM   1255 H H   . VAL A 1 133 ? -4.603  -1.848  -15.285 1.00 42.00  ? 131  VAL A H   1 
HETATM 1256 C C1  . PLM B 2 .   ? 2.474   -0.031  -2.731  1.00 32.97  ? 1132 PLM A C1  1 
HETATM 1257 O O1  . PLM B 2 .   ? 3.011   0.437   -3.767  1.00 28.17  ? 1132 PLM A O1  1 
HETATM 1258 O O2  . PLM B 2 .   ? 1.357   -0.602  -2.841  1.00 26.82  ? 1132 PLM A O2  1 
HETATM 1259 C C2  . PLM B 2 .   ? 3.144   0.091   -1.375  1.00 36.08  ? 1132 PLM A C2  1 
HETATM 1260 C C3  . PLM B 2 .   ? 3.856   -1.210  -1.035  1.00 33.20  ? 1132 PLM A C3  1 
HETATM 1261 C C4  . PLM B 2 .   ? 4.694   -1.106  0.233   1.00 41.99  ? 1132 PLM A C4  1 
HETATM 1262 C C5  . PLM B 2 .   ? 5.218   -2.483  0.640   1.00 33.99  ? 1132 PLM A C5  1 
HETATM 1263 C C6  . PLM B 2 .   ? 6.031   -2.391  1.935   1.00 38.41  ? 1132 PLM A C6  1 
HETATM 1264 C C7  . PLM B 2 .   ? 6.762   -3.669  2.332   1.00 36.74  ? 1132 PLM A C7  1 
HETATM 1265 C C8  . PLM B 2 .   ? 7.741   -4.107  1.255   1.00 38.93  ? 1132 PLM A C8  1 
HETATM 1266 C C9  . PLM B 2 .   ? 8.935   -4.845  1.840   1.00 32.51  ? 1132 PLM A C9  1 
HETATM 1267 C CA  . PLM B 2 .   ? 8.944   -6.307  1.413   1.00 31.20  ? 1132 PLM A CA  1 
HETATM 1268 C CB  . PLM B 2 .   ? 9.590   -6.446  0.048   1.00 44.49  ? 1132 PLM A CB  1 
HETATM 1269 C CC  . PLM B 2 .   ? 8.681   -7.268  -0.845  1.00 43.52  ? 1132 PLM A CC  1 
HETATM 1270 C CD  . PLM B 2 .   ? 8.308   -6.478  -2.082  1.00 37.25  ? 1132 PLM A CD  1 
HETATM 1271 C CE  . PLM B 2 .   ? 7.057   -7.020  -2.743  1.00 44.98  ? 1132 PLM A CE  1 
HETATM 1272 C CF  . PLM B 2 .   ? 6.257   -5.842  -3.279  1.00 37.29  ? 1132 PLM A CF  1 
HETATM 1273 C CG  . PLM B 2 .   ? 4.947   -5.699  -2.524  1.00 43.95  ? 1132 PLM A CG  1 
HETATM 1274 H H21 . PLM B 2 .   ? 2.395   0.311   -0.613  1.00 43.30  ? 1132 PLM A H21 1 
HETATM 1275 H H22 . PLM B 2 .   ? 3.862   0.911   -1.391  1.00 43.30  ? 1132 PLM A H22 1 
HETATM 1276 H H31 . PLM B 2 .   ? 3.115   -2.000  -0.909  1.00 39.84  ? 1132 PLM A H31 1 
HETATM 1277 H H32 . PLM B 2 .   ? 4.501   -1.492  -1.867  1.00 39.84  ? 1132 PLM A H32 1 
HETATM 1278 H H41 . PLM B 2 .   ? 5.533   -0.431  0.063   1.00 50.39  ? 1132 PLM A H41 1 
HETATM 1279 H H42 . PLM B 2 .   ? 4.088   -0.692  1.040   1.00 50.39  ? 1132 PLM A H42 1 
HETATM 1280 H H51 . PLM B 2 .   ? 4.379   -3.164  0.784   1.00 40.79  ? 1132 PLM A H51 1 
HETATM 1281 H H52 . PLM B 2 .   ? 5.844   -2.884  -0.156  1.00 40.79  ? 1132 PLM A H52 1 
HETATM 1282 H H61 . PLM B 2 .   ? 6.765   -1.590  1.828   1.00 46.09  ? 1132 PLM A H61 1 
HETATM 1283 H H62 . PLM B 2 .   ? 5.362   -2.106  2.746   1.00 46.09  ? 1132 PLM A H62 1 
HETATM 1284 H H71 . PLM B 2 .   ? 6.034   -4.463  2.504   1.00 44.09  ? 1132 PLM A H71 1 
HETATM 1285 H H72 . PLM B 2 .   ? 7.300   -3.503  3.264   1.00 44.09  ? 1132 PLM A H72 1 
HETATM 1286 H H81 . PLM B 2 .   ? 7.228   -4.757  0.546   1.00 46.72  ? 1132 PLM A H81 1 
HETATM 1287 H H82 . PLM B 2 .   ? 8.091   -3.231  0.709   1.00 46.72  ? 1132 PLM A H82 1 
HETATM 1288 H H91 . PLM B 2 .   ? 8.900   -4.785  2.928   1.00 39.01  ? 1132 PLM A H91 1 
HETATM 1289 H H92 . PLM B 2 .   ? 9.856   -4.365  1.508   1.00 39.01  ? 1132 PLM A H92 1 
HETATM 1290 C C1  . GOL C 3 .   ? -2.426  -14.821 -1.371  1.00 57.41  ? 1133 GOL A C1  1 
HETATM 1291 O O1  . GOL C 3 .   ? -2.066  -14.138 -0.188  1.00 57.17  ? 1133 GOL A O1  1 
HETATM 1292 C C2  . GOL C 3 .   ? -1.622  -16.094 -1.632  1.00 55.70  ? 1133 GOL A C2  1 
HETATM 1293 O O2  . GOL C 3 .   ? -1.559  -16.262 -3.029  1.00 50.38  ? 1133 GOL A O2  1 
HETATM 1294 C C3  . GOL C 3 .   ? -0.198  -16.024 -1.101  1.00 65.25  ? 1133 GOL A C3  1 
HETATM 1295 O O3  . GOL C 3 .   ? 0.672   -16.668 -2.011  1.00 55.67  ? 1133 GOL A O3  1 
HETATM 1296 H H11 . GOL C 3 .   ? -3.483  -15.079 -1.319  1.00 68.89  ? 1133 GOL A H11 1 
HETATM 1297 H H12 . GOL C 3 .   ? -2.298  -14.146 -2.217  1.00 68.89  ? 1133 GOL A H12 1 
HETATM 1298 H HO1 . GOL C 3 .   ? -2.816  -13.581 0.109   1.00 68.60  ? 1133 GOL A HO1 1 
HETATM 1299 H H2  . GOL C 3 .   ? -2.134  -16.939 -1.174  1.00 66.84  ? 1133 GOL A H2  1 
HETATM 1300 H HO2 . GOL C 3 .   ? -2.467  -16.334 -3.391  1.00 60.46  ? 1133 GOL A HO2 1 
HETATM 1301 H H31 . GOL C 3 .   ? -0.143  -16.512 -0.128  1.00 78.30  ? 1133 GOL A H31 1 
HETATM 1302 H H32 . GOL C 3 .   ? 0.101   -14.984 -0.978  1.00 78.30  ? 1133 GOL A H32 1 
HETATM 1303 H HO3 . GOL C 3 .   ? 1.598   -16.569 -1.706  1.00 66.80  ? 1133 GOL A HO3 1 
HETATM 1304 C C1  . GOL D 3 .   ? -15.357 9.252   -9.214  1.00 56.52  ? 1134 GOL A C1  1 
HETATM 1305 O O1  . GOL D 3 .   ? -15.101 10.603  -8.887  1.00 62.18  ? 1134 GOL A O1  1 
HETATM 1306 C C2  . GOL D 3 .   ? -16.729 8.783   -8.731  1.00 65.18  ? 1134 GOL A C2  1 
HETATM 1307 O O2  . GOL D 3 .   ? -16.799 8.892   -7.323  1.00 64.20  ? 1134 GOL A O2  1 
HETATM 1308 C C3  . GOL D 3 .   ? -16.984 7.341   -9.198  1.00 55.89  ? 1134 GOL A C3  1 
HETATM 1309 O O3  . GOL D 3 .   ? -17.495 6.518   -8.154  1.00 43.57  ? 1134 GOL A O3  1 
HETATM 1310 H H11 . GOL D 3 .   ? -14.587 8.624   -8.766  1.00 67.82  ? 1134 GOL A H11 1 
HETATM 1311 H H12 . GOL D 3 .   ? -15.297 9.128   -10.294 1.00 67.82  ? 1134 GOL A H12 1 
HETATM 1312 H HO1 . GOL D 3 .   ? -14.287 10.900  -9.345  1.00 74.62  ? 1134 GOL A HO1 1 
HETATM 1313 H H2  . GOL D 3 .   ? -17.486 9.426   -9.181  1.00 78.22  ? 1134 GOL A H2  1 
HETATM 1314 H HO2 . GOL D 3 .   ? -16.095 8.343   -6.918  1.00 77.04  ? 1134 GOL A HO2 1 
HETATM 1315 H H31 . GOL D 3 .   ? -16.051 6.913   -9.567  1.00 67.07  ? 1134 GOL A H31 1 
HETATM 1316 H H32 . GOL D 3 .   ? -17.693 7.352   -10.026 1.00 67.07  ? 1134 GOL A H32 1 
HETATM 1317 H HO3 . GOL D 3 .   ? -17.704 5.630   -8.511  1.00 52.28  ? 1134 GOL A HO3 1 
HETATM 1318 C C1  . GOL E 3 .   ? 15.071  4.345   -7.427  1.00 45.02  ? 1135 GOL A C1  1 
HETATM 1319 O O1  . GOL E 3 .   ? 15.190  5.644   -7.959  1.00 57.08  ? 1135 GOL A O1  1 
HETATM 1320 C C2  . GOL E 3 .   ? 14.847  4.582   -5.958  1.00 53.00  ? 1135 GOL A C2  1 
HETATM 1321 O O2  . GOL E 3 .   ? 15.091  5.956   -5.849  1.00 40.59  ? 1135 GOL A O2  1 
HETATM 1322 C C3  . GOL E 3 .   ? 15.784  3.741   -5.075  1.00 41.93  ? 1135 GOL A C3  1 
HETATM 1323 O O3  . GOL E 3 .   ? 15.149  3.268   -3.906  1.00 29.51  ? 1135 GOL A O3  1 
HETATM 1324 H H11 . GOL E 3 .   ? 15.983  3.771   -7.595  1.00 54.02  ? 1135 GOL A H11 1 
HETATM 1325 H H12 . GOL E 3 .   ? 14.225  3.819   -7.870  1.00 54.02  ? 1135 GOL A H12 1 
HETATM 1326 H HO1 . GOL E 3 .   ? 14.399  6.169   -7.719  1.00 68.50  ? 1135 GOL A HO1 1 
HETATM 1327 H H2  . GOL E 3 .   ? 13.810  4.355   -5.709  1.00 63.60  ? 1135 GOL A H2  1 
HETATM 1328 H HO2 . GOL E 3 .   ? 16.005  6.151   -6.147  1.00 48.71  ? 1135 GOL A HO2 1 
HETATM 1329 H H31 . GOL E 3 .   ? 16.646  4.345   -4.794  1.00 50.32  ? 1135 GOL A H31 1 
HETATM 1330 H H32 . GOL E 3 .   ? 16.151  2.891   -5.651  1.00 50.32  ? 1135 GOL A H32 1 
HETATM 1331 H HO3 . GOL E 3 .   ? 15.765  2.686   -3.412  1.00 35.41  ? 1135 GOL A HO3 1 
HETATM 1332 S S   . SO4 F 4 .   ? 7.669   -9.398  -10.592 1.00 45.77  ? 1136 SO4 A S   1 
HETATM 1333 O O1  . SO4 F 4 .   ? 7.425   -8.758  -9.325  1.00 26.99  ? 1136 SO4 A O1  1 
HETATM 1334 O O2  . SO4 F 4 .   ? 9.045   -9.915  -10.681 1.00 55.74  ? 1136 SO4 A O2  1 
HETATM 1335 O O3  . SO4 F 4 .   ? 6.685   -10.478 -10.716 1.00 59.34  ? 1136 SO4 A O3  1 
HETATM 1336 O O4  . SO4 F 4 .   ? 7.504   -8.403  -11.671 1.00 55.39  ? 1136 SO4 A O4  1 
HETATM 1337 S S   . SO4 G 4 .   ? 21.390  -3.377  5.767   1.00 87.80  ? 1137 SO4 A S   1 
HETATM 1338 O O1  . SO4 G 4 .   ? 21.644  -2.061  6.355   1.00 70.95  ? 1137 SO4 A O1  1 
HETATM 1339 O O2  . SO4 G 4 .   ? 22.284  -4.383  6.348   1.00 82.24  ? 1137 SO4 A O2  1 
HETATM 1340 O O3  . SO4 G 4 .   ? 20.007  -3.784  6.053   1.00 61.45  ? 1137 SO4 A O3  1 
HETATM 1341 O O4  . SO4 G 4 .   ? 21.643  -3.268  4.328   1.00 60.27  ? 1137 SO4 A O4  1 
HETATM 1342 S S   . SO4 H 4 .   ? -21.230 -4.975  -5.019  1.00 103.88 ? 1138 SO4 A S   1 
HETATM 1343 O O1  . SO4 H 4 .   ? -20.413 -3.913  -4.415  1.00 78.73  ? 1138 SO4 A O1  1 
HETATM 1344 O O2  . SO4 H 4 .   ? -21.180 -6.214  -4.237  1.00 70.35  ? 1138 SO4 A O2  1 
HETATM 1345 O O3  . SO4 H 4 .   ? -22.622 -4.536  -5.074  1.00 96.78  ? 1138 SO4 A O3  1 
HETATM 1346 O O4  . SO4 H 4 .   ? -20.729 -5.242  -6.367  1.00 88.05  ? 1138 SO4 A O4  1 
HETATM 1347 S S   . SO4 I 4 .   ? -20.725 -2.320  9.266   1.00 76.25  ? 1139 SO4 A S   1 
HETATM 1348 O O1  . SO4 I 4 .   ? -19.556 -2.819  9.992   1.00 67.56  ? 1139 SO4 A O1  1 
HETATM 1349 O O2  . SO4 I 4 .   ? -20.904 -3.098  8.038   1.00 76.02  ? 1139 SO4 A O2  1 
HETATM 1350 O O3  . SO4 I 4 .   ? -21.905 -2.450  10.131  1.00 71.17  ? 1139 SO4 A O3  1 
HETATM 1351 O O4  . SO4 I 4 .   ? -20.547 -0.916  8.886   1.00 62.70  ? 1139 SO4 A O4  1 
HETATM 1352 O O   . HOH J 5 .   ? -17.287 10.023  -0.924  1.00 47.15  ? 2001 HOH A O   1 
HETATM 1353 O O   . HOH J 5 .   ? -13.637 10.014  -3.677  1.00 49.15  ? 2002 HOH A O   1 
HETATM 1354 O O   . HOH J 5 .   ? -16.497 2.844   -0.512  1.00 41.86  ? 2003 HOH A O   1 
HETATM 1355 O O   . HOH J 5 .   ? -18.506 5.421   -4.859  1.00 56.53  ? 2004 HOH A O   1 
HETATM 1356 O O   . HOH J 5 .   ? -16.130 1.903   -5.264  1.00 35.33  ? 2005 HOH A O   1 
HETATM 1357 O O   . HOH J 5 .   ? -14.666 11.196  -1.920  1.00 43.75  ? 2006 HOH A O   1 
HETATM 1358 O O   . HOH J 5 .   ? -9.168  7.845   -13.183 1.00 38.20  ? 2007 HOH A O   1 
HETATM 1359 O O   . HOH J 5 .   ? -12.434 8.225   -3.940  1.00 29.90  ? 2008 HOH A O   1 
HETATM 1360 O O   . HOH J 5 .   ? -15.006 -2.699  -11.715 1.00 56.91  ? 2009 HOH A O   1 
HETATM 1361 O O   . HOH J 5 .   ? -11.219 10.162  -9.211  1.00 54.90  ? 2010 HOH A O   1 
HETATM 1362 O O   . HOH J 5 .   ? -12.834 1.373   -12.386 1.00 34.24  ? 2011 HOH A O   1 
HETATM 1363 O O   . HOH J 5 .   ? 3.928   -1.820  -17.611 1.00 50.64  ? 2012 HOH A O   1 
HETATM 1364 O O   . HOH J 5 .   ? -9.474  4.736   -13.170 1.00 43.80  ? 2013 HOH A O   1 
HETATM 1365 O O   . HOH J 5 .   ? 18.355  4.837   -2.638  1.00 58.15  ? 2014 HOH A O   1 
HETATM 1366 O O   . HOH J 5 .   ? 14.572  11.320  1.519   1.00 46.09  ? 2015 HOH A O   1 
HETATM 1367 O O   . HOH J 5 .   ? -11.803 -1.919  -14.271 1.00 46.60  ? 2016 HOH A O   1 
HETATM 1368 O O   . HOH J 5 .   ? -12.051 -4.758  -9.430  1.00 45.61  ? 2017 HOH A O   1 
HETATM 1369 O O   . HOH J 5 .   ? -12.861 -3.860  -11.635 1.00 51.30  ? 2018 HOH A O   1 
HETATM 1370 O O   . HOH J 5 .   ? -9.072  -6.097  -12.332 1.00 46.28  ? 2019 HOH A O   1 
HETATM 1371 O O   . HOH J 5 .   ? -6.327  -8.856  -12.460 1.00 43.40  ? 2020 HOH A O   1 
HETATM 1372 O O   . HOH J 5 .   ? 9.707   -6.008  11.103  1.00 49.17  ? 2021 HOH A O   1 
HETATM 1373 O O   . HOH J 5 .   ? 11.558  -7.519  8.567   1.00 41.03  ? 2022 HOH A O   1 
HETATM 1374 O O   . HOH J 5 .   ? 19.766  -9.364  6.291   1.00 52.50  ? 2023 HOH A O   1 
HETATM 1375 O O   . HOH J 5 .   ? 2.554   -8.008  -14.955 1.00 54.09  ? 2024 HOH A O   1 
HETATM 1376 O O   . HOH J 5 .   ? 3.820   -8.780  -11.177 1.00 47.97  ? 2025 HOH A O   1 
HETATM 1377 O O   . HOH J 5 .   ? 6.943   -6.455  -15.380 1.00 53.66  ? 2026 HOH A O   1 
HETATM 1378 O O   . HOH J 5 .   ? 5.874   -1.916  -15.633 1.00 46.76  ? 2027 HOH A O   1 
HETATM 1379 O O   . HOH J 5 .   ? 8.433   -0.666  -12.791 1.00 53.36  ? 2028 HOH A O   1 
HETATM 1380 O O   . HOH J 5 .   ? 8.585   4.409   -16.863 1.00 54.08  ? 2029 HOH A O   1 
HETATM 1381 O O   . HOH J 5 .   ? 7.566   7.055   -8.742  1.00 24.44  ? 2030 HOH A O   1 
HETATM 1382 O O   . HOH J 5 .   ? 9.273   8.299   -12.584 1.00 30.59  ? 2031 HOH A O   1 
HETATM 1383 O O   . HOH J 5 .   ? 11.063  3.005   -11.351 1.00 47.85  ? 2032 HOH A O   1 
HETATM 1384 O O   . HOH J 5 .   ? 9.510   0.336   -10.776 1.00 46.54  ? 2033 HOH A O   1 
HETATM 1385 O O   . HOH J 5 .   ? 13.070  2.124   -9.654  1.00 47.82  ? 2034 HOH A O   1 
HETATM 1386 O O   . HOH J 5 .   ? 12.378  2.936   -5.676  1.00 26.96  ? 2035 HOH A O   1 
HETATM 1387 O O   . HOH J 5 .   ? 12.805  7.527   -9.013  1.00 58.02  ? 2036 HOH A O   1 
HETATM 1388 O O   . HOH J 5 .   ? 11.025  -0.636  -6.635  1.00 41.63  ? 2037 HOH A O   1 
HETATM 1389 O O   . HOH J 5 .   ? 8.871   10.186  -2.639  1.00 27.88  ? 2038 HOH A O   1 
HETATM 1390 O O   . HOH J 5 .   ? 8.957   11.245  -6.848  1.00 28.89  ? 2039 HOH A O   1 
HETATM 1391 O O   . HOH J 5 .   ? -8.443  -9.686  -5.998  1.00 35.75  ? 2040 HOH A O   1 
HETATM 1392 O O   . HOH J 5 .   ? -17.189 -3.961  -8.514  1.00 48.78  ? 2041 HOH A O   1 
HETATM 1393 O O   . HOH J 5 .   ? 15.897  4.889   -1.480  1.00 26.98  ? 2042 HOH A O   1 
HETATM 1394 O O   . HOH J 5 .   ? 15.174  8.849   1.968   1.00 37.22  ? 2043 HOH A O   1 
HETATM 1395 O O   . HOH J 5 .   ? 11.992  11.044  1.751   1.00 33.49  ? 2044 HOH A O   1 
HETATM 1396 O O   . HOH J 5 .   ? -14.887 -9.441  0.098   1.00 37.32  ? 2045 HOH A O   1 
HETATM 1397 O O   . HOH J 5 .   ? -17.322 -10.232 1.143   1.00 47.07  ? 2046 HOH A O   1 
HETATM 1398 O O   . HOH J 5 .   ? 20.110  -0.849  0.119   1.00 36.71  ? 2047 HOH A O   1 
HETATM 1399 O O   . HOH J 5 .   ? 19.042  3.443   -0.122  1.00 45.76  ? 2048 HOH A O   1 
HETATM 1400 O O   . HOH J 5 .   ? -1.423  -4.289  1.200   1.00 25.95  ? 2049 HOH A O   1 
HETATM 1401 O O   . HOH J 5 .   ? -7.658  -11.020 -8.159  1.00 50.34  ? 2050 HOH A O   1 
HETATM 1402 O O   . HOH J 5 .   ? 15.658  4.905   5.753   1.00 33.31  ? 2051 HOH A O   1 
HETATM 1403 O O   . HOH J 5 .   ? 19.834  5.113   3.039   1.00 53.24  ? 2052 HOH A O   1 
HETATM 1404 O O   . HOH J 5 .   ? 19.375  8.426   1.839   1.00 60.34  ? 2053 HOH A O   1 
HETATM 1405 O O   . HOH J 5 .   ? 4.155   -15.598 -8.877  1.00 45.09  ? 2054 HOH A O   1 
HETATM 1406 O O   . HOH J 5 .   ? 4.033   -0.797  4.730   1.00 23.81  ? 2055 HOH A O   1 
HETATM 1407 O O   . HOH J 5 .   ? 0.232   -12.057 3.640   1.00 45.88  ? 2056 HOH A O   1 
HETATM 1408 O O   . HOH J 5 .   ? -13.975 -6.747  6.897   1.00 51.83  ? 2057 HOH A O   1 
HETATM 1409 O O   . HOH J 5 .   ? -14.070 -4.843  9.887   1.00 50.30  ? 2058 HOH A O   1 
HETATM 1410 O O   . HOH J 5 .   ? -13.357 -9.106  5.448   1.00 51.11  ? 2059 HOH A O   1 
HETATM 1411 O O   . HOH J 5 .   ? 16.648  -2.206  7.793   1.00 39.51  ? 2060 HOH A O   1 
HETATM 1412 O O   . HOH J 5 .   ? 22.273  0.598   1.565   1.00 55.66  ? 2061 HOH A O   1 
HETATM 1413 O O   . HOH J 5 .   ? 11.422  0.021   11.826  1.00 40.70  ? 2062 HOH A O   1 
HETATM 1414 O O   . HOH J 5 .   ? 10.162  -5.119  8.482   1.00 26.16  ? 2063 HOH A O   1 
HETATM 1415 O O   . HOH J 5 .   ? 9.807   -2.734  11.908  1.00 40.04  ? 2064 HOH A O   1 
HETATM 1416 O O   . HOH J 5 .   ? -1.202  -13.749 5.822   1.00 46.17  ? 2065 HOH A O   1 
HETATM 1417 O O   . HOH J 5 .   ? 14.002  -8.661  6.056   1.00 36.91  ? 2066 HOH A O   1 
HETATM 1418 O O   . HOH J 5 .   ? 1.485   -15.159 6.015   1.00 44.14  ? 2067 HOH A O   1 
HETATM 1419 O O   . HOH J 5 .   ? 20.000  -9.702  4.179   1.00 33.50  ? 2068 HOH A O   1 
HETATM 1420 O O   . HOH J 5 .   ? 20.462  -6.424  6.314   1.00 52.84  ? 2069 HOH A O   1 
HETATM 1421 O O   . HOH J 5 .   ? 12.757  -12.210 3.439   1.00 25.27  ? 2070 HOH A O   1 
HETATM 1422 O O   . HOH J 5 .   ? -6.837  6.415   10.607  1.00 35.32  ? 2071 HOH A O   1 
HETATM 1423 O O   . HOH J 5 .   ? -10.777 10.163  -7.037  1.00 56.67  ? 2072 HOH A O   1 
HETATM 1424 O O   . HOH J 5 .   ? 17.989  -5.088  -6.289  1.00 34.88  ? 2073 HOH A O   1 
HETATM 1425 O O   . HOH J 5 .   ? 22.348  -9.932  0.331   1.00 47.05  ? 2074 HOH A O   1 
HETATM 1426 O O   . HOH J 5 .   ? 11.582  -9.457  -6.873  1.00 29.54  ? 2075 HOH A O   1 
HETATM 1427 O O   . HOH J 5 .   ? 8.641   -2.976  -5.974  1.00 28.48  ? 2076 HOH A O   1 
HETATM 1428 O O   . HOH J 5 .   ? 10.439  -2.074  -9.136  1.00 40.34  ? 2077 HOH A O   1 
HETATM 1429 O O   . HOH J 5 .   ? 13.110  0.386   -5.772  1.00 31.39  ? 2078 HOH A O   1 
HETATM 1430 O O   . HOH J 5 .   ? 18.724  -3.076  -4.340  1.00 35.80  ? 2079 HOH A O   1 
HETATM 1431 O O   . HOH J 5 .   ? 11.622  -8.656  -11.269 1.00 41.25  ? 2080 HOH A O   1 
HETATM 1432 O O   . HOH J 5 .   ? 9.442   4.540   14.379  1.00 51.59  ? 2081 HOH A O   1 
HETATM 1433 O O   . HOH J 5 .   ? 7.575   -4.114  -16.678 1.00 57.56  ? 2082 HOH A O   1 
HETATM 1434 O O   . HOH J 5 .   ? -0.286  -6.931  -14.874 1.00 53.18  ? 2083 HOH A O   1 
HETATM 1435 O O   . HOH J 5 .   ? -7.984  13.665  -14.620 1.00 54.25  ? 2084 HOH A O   1 
HETATM 1436 O O   . HOH J 5 .   ? 0.621   9.467   -17.598 1.00 51.29  ? 2085 HOH A O   1 
HETATM 1437 O O   . HOH J 5 .   ? -7.326  3.769   -17.669 1.00 46.35  ? 2086 HOH A O   1 
HETATM 1438 O O   . HOH J 5 .   ? -8.831  -7.318  -5.168  1.00 28.89  ? 2087 HOH A O   1 
HETATM 1439 O O   . HOH J 5 .   ? -13.489 -8.167  -3.646  1.00 34.36  ? 2088 HOH A O   1 
HETATM 1440 O O   . HOH J 5 .   ? -10.758 -9.532  -7.837  1.00 58.19  ? 2089 HOH A O   1 
HETATM 1441 O O   . HOH J 5 .   ? -14.964 -4.993  -7.809  1.00 34.52  ? 2090 HOH A O   1 
HETATM 1442 O O   . HOH J 5 .   ? -13.980 -7.221  -1.205  1.00 28.89  ? 2091 HOH A O   1 
HETATM 1443 O O   . HOH J 5 .   ? -19.592 -7.617  1.521   1.00 47.58  ? 2092 HOH A O   1 
HETATM 1444 O O   . HOH J 5 .   ? -10.399 -5.494  -14.212 1.00 62.98  ? 2093 HOH A O   1 
HETATM 1445 O O   . HOH J 5 .   ? -16.290 0.508   3.548   1.00 31.63  ? 2094 HOH A O   1 
HETATM 1446 O O   . HOH J 5 .   ? -20.510 -6.071  3.899   1.00 64.58  ? 2095 HOH A O   1 
HETATM 1447 O O   . HOH J 5 .   ? -18.570 0.797   5.832   0.50 31.96  ? 2096 HOH A O   1 
HETATM 1448 O O   . HOH J 5 .   ? -2.157  -5.829  -0.771  1.00 25.39  ? 2097 HOH A O   1 
HETATM 1449 O O   . HOH J 5 .   ? -1.912  -15.043 -7.232  1.00 53.65  ? 2098 HOH A O   1 
HETATM 1450 O O   . HOH J 5 .   ? 1.466   -3.475  -2.374  1.00 28.88  ? 2099 HOH A O   1 
HETATM 1451 O O   . HOH J 5 .   ? -5.673  -12.201 -8.997  1.00 57.21  ? 2100 HOH A O   1 
HETATM 1452 O O   . HOH J 5 .   ? 2.950   -11.949 -9.929  1.00 40.96  ? 2101 HOH A O   1 
HETATM 1453 O O   . HOH J 5 .   ? 4.389   -14.810 -5.083  1.00 32.92  ? 2102 HOH A O   1 
HETATM 1454 O O   . HOH J 5 .   ? 2.045   -13.765 -7.889  1.00 37.64  ? 2103 HOH A O   1 
HETATM 1455 O O   . HOH J 5 .   ? 8.902   -9.984  -7.144  1.00 27.74  ? 2104 HOH A O   1 
HETATM 1456 O O   . HOH J 5 .   ? 6.193   -16.711 -7.367  1.00 37.29  ? 2105 HOH A O   1 
HETATM 1457 O O   . HOH J 5 .   ? 6.330   -13.756 4.694   1.00 28.54  ? 2106 HOH A O   1 
HETATM 1458 O O   . HOH J 5 .   ? 7.972   -11.692 3.912   1.00 33.95  ? 2107 HOH A O   1 
HETATM 1459 O O   . HOH J 5 .   ? 3.471   -15.105 -1.864  1.00 42.40  ? 2108 HOH A O   1 
HETATM 1460 O O   . HOH J 5 .   ? 3.734   -12.268 1.723   1.00 44.45  ? 2109 HOH A O   1 
HETATM 1461 O O   . HOH J 5 .   ? -0.695  -17.456 -5.852  1.00 59.49  ? 2110 HOH A O   1 
HETATM 1462 O O   . HOH J 5 .   ? 2.089   -5.445  -0.285  1.00 25.84  ? 2111 HOH A O   1 
HETATM 1463 O O   . HOH J 5 .   ? -1.657  -10.496 3.120   1.00 37.83  ? 2112 HOH A O   1 
HETATM 1464 O O   . HOH J 5 .   ? -7.036  -10.955 3.975   1.00 42.40  ? 2113 HOH A O   1 
HETATM 1465 O O   . HOH J 5 .   ? -4.020  -12.191 3.350   1.00 41.50  ? 2114 HOH A O   1 
HETATM 1466 O O   . HOH J 5 .   ? -3.328  -9.407  5.711   1.00 31.18  ? 2115 HOH A O   1 
HETATM 1467 O O   . HOH J 5 .   ? -8.843  -10.825 1.801   1.00 34.46  ? 2116 HOH A O   1 
HETATM 1468 O O   . HOH J 5 .   ? -7.764  -8.857  5.417   1.00 33.10  ? 2117 HOH A O   1 
HETATM 1469 O O   . HOH J 5 .   ? -11.503 -5.984  7.794   1.00 42.27  ? 2118 HOH A O   1 
HETATM 1470 O O   . HOH J 5 .   ? -13.571 -10.320 2.247   1.00 54.88  ? 2119 HOH A O   1 
HETATM 1471 O O   . HOH J 5 .   ? -12.078 -3.380  8.351   1.00 24.82  ? 2120 HOH A O   1 
HETATM 1472 O O   . HOH J 5 .   ? -10.071 0.147   7.623   1.00 23.70  ? 2121 HOH A O   1 
HETATM 1473 O O   . HOH J 5 .   ? -19.613 -7.751  6.741   1.00 57.24  ? 2122 HOH A O   1 
HETATM 1474 O O   . HOH J 5 .   ? -17.709 -4.714  10.298  1.00 46.48  ? 2123 HOH A O   1 
HETATM 1475 O O   . HOH J 5 .   ? -17.251 1.433   7.673   1.00 28.19  ? 2124 HOH A O   1 
HETATM 1476 O O   . HOH J 5 .   ? -14.840 -3.770  12.609  1.00 39.76  ? 2125 HOH A O   1 
HETATM 1477 O O   . HOH J 5 .   ? -11.707 -5.814  12.047  1.00 44.95  ? 2126 HOH A O   1 
HETATM 1478 O O   . HOH J 5 .   ? -4.268  1.137   13.370  1.00 36.56  ? 2127 HOH A O   1 
HETATM 1479 O O   . HOH J 5 .   ? -8.371  -4.321  16.008  1.00 41.27  ? 2128 HOH A O   1 
HETATM 1480 O O   . HOH J 5 .   ? -9.108  -8.153  11.564  1.00 32.56  ? 2129 HOH A O   1 
HETATM 1481 O O   . HOH J 5 .   ? -5.624  -8.269  6.507   1.00 36.31  ? 2130 HOH A O   1 
HETATM 1482 O O   . HOH J 5 .   ? -1.912  -6.903  16.074  1.00 50.24  ? 2131 HOH A O   1 
HETATM 1483 O O   . HOH J 5 .   ? -1.801  -8.282  12.457  1.00 29.56  ? 2132 HOH A O   1 
HETATM 1484 O O   . HOH J 5 .   ? -2.268  -10.286 10.727  1.00 36.23  ? 2133 HOH A O   1 
HETATM 1485 O O   . HOH J 5 .   ? -0.328  -6.022  3.318   1.00 22.52  ? 2134 HOH A O   1 
HETATM 1486 O O   . HOH J 5 .   ? -3.504  -11.899 6.809   1.00 51.30  ? 2135 HOH A O   1 
HETATM 1487 O O   . HOH J 5 .   ? -3.790  -11.255 9.097   1.00 47.78  ? 2136 HOH A O   1 
HETATM 1488 O O   . HOH J 5 .   ? 3.183   -11.704 3.691   1.00 36.53  ? 2137 HOH A O   1 
HETATM 1489 O O   . HOH J 5 .   ? 2.292   -5.159  2.384   1.00 23.77  ? 2138 HOH A O   1 
HETATM 1490 O O   . HOH J 5 .   ? 11.401  -8.967  5.694   1.00 30.05  ? 2139 HOH A O   1 
HETATM 1491 O O   . HOH J 5 .   ? 9.355   -8.704  9.590   1.00 41.40  ? 2140 HOH A O   1 
HETATM 1492 O O   . HOH J 5 .   ? 5.850   -11.480 12.061  1.00 39.96  ? 2141 HOH A O   1 
HETATM 1493 O O   . HOH J 5 .   ? 4.190   -13.376 5.650   1.00 38.23  ? 2142 HOH A O   1 
HETATM 1494 O O   . HOH J 5 .   ? 5.336   -7.649  13.473  1.00 35.28  ? 2143 HOH A O   1 
HETATM 1495 O O   . HOH J 5 .   ? 0.106   -5.377  15.779  1.00 45.35  ? 2144 HOH A O   1 
HETATM 1496 O O   . HOH J 5 .   ? 3.312   -6.827  15.756  1.00 37.30  ? 2145 HOH A O   1 
HETATM 1497 O O   . HOH J 5 .   ? -6.304  5.817   7.898   1.00 26.72  ? 2146 HOH A O   1 
HETATM 1498 O O   . HOH J 5 .   ? -14.712 11.642  2.371   1.00 41.76  ? 2147 HOH A O   1 
HETATM 1499 O O   . HOH J 5 .   ? -4.770  14.786  7.256   1.00 50.49  ? 2148 HOH A O   1 
HETATM 1500 O O   . HOH J 5 .   ? -4.720  12.591  2.067   1.00 38.18  ? 2149 HOH A O   1 
HETATM 1501 O O   . HOH J 5 .   ? -12.574 14.304  1.868   1.00 38.79  ? 2150 HOH A O   1 
HETATM 1502 O O   . HOH J 5 .   ? -13.389 11.894  0.125   1.00 39.94  ? 2151 HOH A O   1 
HETATM 1503 O O   . HOH J 5 .   ? -7.451  12.297  -3.766  1.00 42.13  ? 2152 HOH A O   1 
HETATM 1504 O O   . HOH J 5 .   ? -8.190  9.871   -5.975  1.00 30.53  ? 2153 HOH A O   1 
HETATM 1505 O O   . HOH J 5 .   ? -3.912  3.337   0.670   1.00 22.35  ? 2154 HOH A O   1 
HETATM 1506 O O   . HOH J 5 .   ? -0.399  -1.800  1.341   1.00 32.89  ? 2155 HOH A O   1 
HETATM 1507 O O   . HOH J 5 .   ? 2.202   -2.619  3.201   1.00 28.98  ? 2156 HOH A O   1 
HETATM 1508 O O   . HOH J 5 .   ? -6.019  6.084   12.897  1.00 38.86  ? 2157 HOH A O   1 
HETATM 1509 O O   . HOH J 5 .   ? 1.438   -0.510  17.953  1.00 35.94  ? 2158 HOH A O   1 
HETATM 1510 O O   . HOH J 5 .   ? 2.268   -4.711  17.679  1.00 38.03  ? 2159 HOH A O   1 
HETATM 1511 O O   . HOH J 5 .   ? 8.678   1.614   18.572  1.00 46.16  ? 2160 HOH A O   1 
HETATM 1512 O O   . HOH J 5 .   ? 9.383   -4.003  15.159  1.00 50.84  ? 2161 HOH A O   1 
HETATM 1513 O O   . HOH J 5 .   ? 5.644   6.204   15.820  1.00 56.75  ? 2162 HOH A O   1 
HETATM 1514 O O   . HOH J 5 .   ? 1.870   2.525   16.781  1.00 35.55  ? 2163 HOH A O   1 
HETATM 1515 O O   . HOH J 5 .   ? 6.980   5.001   13.408  1.00 33.96  ? 2164 HOH A O   1 
HETATM 1516 O O   . HOH J 5 .   ? 6.525   6.885   10.978  1.00 41.15  ? 2165 HOH A O   1 
HETATM 1517 O O   . HOH J 5 .   ? 1.768   8.317   3.229   1.00 32.75  ? 2166 HOH A O   1 
HETATM 1518 O O   . HOH J 5 .   ? -0.562  9.691   -3.026  1.00 35.18  ? 2167 HOH A O   1 
HETATM 1519 O O   . HOH J 5 .   ? -3.463  16.365  -0.377  1.00 62.16  ? 2168 HOH A O   1 
HETATM 1520 O O   . HOH J 5 .   ? -2.660  14.272  -1.719  1.00 49.85  ? 2169 HOH A O   1 
HETATM 1521 O O   . HOH J 5 .   ? -0.551  0.293   -4.498  1.00 27.86  ? 2170 HOH A O   1 
HETATM 1522 O O   . HOH J 5 .   ? -6.436  12.803  -6.494  1.00 43.67  ? 2171 HOH A O   1 
HETATM 1523 O O   . HOH J 5 .   ? -7.548  12.655  -10.373 1.00 42.86  ? 2172 HOH A O   1 
HETATM 1524 O O   . HOH J 5 .   ? -7.616  10.612  -12.358 1.00 36.11  ? 2173 HOH A O   1 
HETATM 1525 O O   . HOH J 5 .   ? -6.093  14.145  -12.192 1.00 30.85  ? 2174 HOH A O   1 
HETATM 1526 O O   . HOH J 5 .   ? -1.926  9.919   -17.359 1.00 45.57  ? 2175 HOH A O   1 
HETATM 1527 O O   . HOH J 5 .   ? -5.771  13.488  -17.738 1.00 46.44  ? 2176 HOH A O   1 
HETATM 1528 O O   . HOH J 5 .   ? -8.040  11.433  -15.488 1.00 55.94  ? 2177 HOH A O   1 
HETATM 1529 O O   . HOH J 5 .   ? -7.426  5.077   -14.874 1.00 34.08  ? 2178 HOH A O   1 
HETATM 1530 O O   . HOH J 5 .   ? -3.455  4.382   -15.953 1.00 31.17  ? 2179 HOH A O   1 
HETATM 1531 O O   . HOH J 5 .   ? 2.782   8.705   -15.535 1.00 37.05  ? 2180 HOH A O   1 
HETATM 1532 O O   . HOH J 5 .   ? 5.483   14.142  1.640   1.00 50.36  ? 2181 HOH A O   1 
HETATM 1533 O O   . HOH J 5 .   ? 11.614  2.547   13.953  1.00 58.91  ? 2182 HOH A O   1 
HETATM 1534 O O   . HOH J 5 .   ? 3.405   -2.860  -4.455  1.00 26.55  ? 2183 HOH A O   1 
HETATM 1535 O O   . HOH J 5 .   ? 1.135   6.820   -19.128 1.00 51.15  ? 2184 HOH A O   1 
HETATM 1536 O O   . HOH J 5 .   ? -2.538  -0.008  -19.687 1.00 49.89  ? 2185 HOH A O   1 
HETATM 1537 O O   . HOH J 5 .   ? -4.224  2.997   -18.400 1.00 48.18  ? 2186 HOH A O   1 
HETATM 1538 O O   . HOH J 5 .   ? -9.683  0.005   -16.855 1.00 56.52  ? 2187 HOH A O   1 
HETATM 1539 O O   . HOH J 5 .   ? -8.194  -2.901  -14.606 1.00 37.37  ? 2188 HOH A O   1 
HETATM 1540 O O   . HOH J 5 .   ? -7.547  -5.696  -16.304 1.00 54.98  ? 2189 HOH A O   1 
HETATM 1541 O O   . HOH J 5 .   ? -12.359 11.576  -5.974  1.00 61.76  ? 2190 HOH A O   1 
HETATM 1542 O O   . HOH J 5 .   ? 10.930  -11.441 -9.802  1.00 46.36  ? 2191 HOH A O   1 
HETATM 1543 O O   . HOH J 5 .   ? -20.554 1.486   9.432   1.00 57.26  ? 2192 HOH A O   1 
# 
